data_2P10
#
_entry.id   2P10
#
_cell.length_a   180.269
_cell.length_b   180.269
_cell.length_c   185.514
_cell.angle_alpha   90.000
_cell.angle_beta   90.000
_cell.angle_gamma   120.000
#
_symmetry.space_group_name_H-M   'H 3'
#
loop_
_entity.id
_entity.type
_entity.pdbx_description
1 polymer 'Mll9387 protein'
2 non-polymer 'ACETATE ION'
3 non-polymer 'CHLORIDE ION'
4 non-polymer GLYCEROL
5 water water
#
_entity_poly.entity_id   1
_entity_poly.type   'polypeptide(L)'
_entity_poly.pdbx_seq_one_letter_code
;G(MSE)STDTCIKRPTRSELVDRFQKKIRAGEPIIGGGAGTGLSAKSEEAGDIDLIVIYNSGRYR(MSE)AGRGSLAGLL
AYGNANQIVVD(MSE)AREVLPVVRHTPVLAGVNGTDPF(MSE)V(MSE)STFLRELKEIGFAGVQNFPTVGLIDGLFRQ
NLEETG(MSE)SYAQEVE(MSE)IAEAHKLDLLTTPYVFSPEDAVA(MSE)AKAGADILVCH(MSE)GLTTGGAIGARSG
KS(MSE)DDCVSLINECIEAARTIRDDIIILSHGGPIANPEDARFILDSCQGCHGFYGASS(MSE)ERLPAEEAIRSQTL
AFKAIRRQPA
;
_entity_poly.pdbx_strand_id   A,B,C,D,E,F
#
# COMPACT_ATOMS: atom_id res chain seq x y z
N LYS A 9 15.27 30.20 2.03
CA LYS A 9 16.42 29.26 1.87
C LYS A 9 16.63 28.44 3.15
N ARG A 10 16.62 27.11 3.01
CA ARG A 10 17.03 26.23 4.13
C ARG A 10 18.57 26.20 4.24
N PRO A 11 19.10 26.05 5.46
CA PRO A 11 20.53 26.18 5.64
C PRO A 11 21.30 25.09 4.93
N THR A 12 22.54 25.39 4.57
CA THR A 12 23.38 24.43 3.92
C THR A 12 24.10 23.65 5.00
N ARG A 13 24.77 22.58 4.58
CA ARG A 13 25.52 21.75 5.50
C ARG A 13 26.58 22.58 6.20
N SER A 14 27.33 23.36 5.43
CA SER A 14 28.36 24.24 5.97
C SER A 14 27.81 25.20 7.00
N GLU A 15 26.63 25.74 6.71
CA GLU A 15 26.00 26.69 7.60
C GLU A 15 25.62 26.04 8.93
N LEU A 16 25.15 24.80 8.90
CA LEU A 16 24.85 24.08 10.16
C LEU A 16 26.11 23.82 10.97
N VAL A 17 27.18 23.41 10.30
CA VAL A 17 28.43 23.12 10.98
C VAL A 17 28.93 24.41 11.61
N ASP A 18 28.87 25.50 10.85
CA ASP A 18 29.25 26.81 11.40
C ASP A 18 28.40 27.16 12.60
N ARG A 19 27.12 26.84 12.54
CA ARG A 19 26.22 27.10 13.65
C ARG A 19 26.63 26.36 14.89
N PHE A 20 26.93 25.07 14.73
CA PHE A 20 27.41 24.25 15.84
C PHE A 20 28.77 24.68 16.40
N GLN A 21 29.74 24.97 15.53
CA GLN A 21 31.08 25.38 15.96
CA GLN A 21 31.07 25.35 16.01
C GLN A 21 31.03 26.66 16.78
N LYS A 22 30.16 27.57 16.35
CA LYS A 22 29.94 28.83 17.05
C LYS A 22 29.47 28.59 18.49
N LYS A 23 28.54 27.65 18.68
CA LYS A 23 28.09 27.29 20.02
C LYS A 23 29.18 26.61 20.83
N ILE A 24 29.94 25.73 20.19
CA ILE A 24 31.04 25.06 20.88
C ILE A 24 32.04 26.11 21.36
N ARG A 25 32.41 27.03 20.48
CA ARG A 25 33.31 28.12 20.90
C ARG A 25 32.76 28.93 22.07
N ALA A 26 31.44 29.09 22.17
CA ALA A 26 30.85 29.80 23.30
C ALA A 26 30.79 28.94 24.57
N GLY A 27 31.22 27.67 24.51
CA GLY A 27 31.12 26.78 25.66
C GLY A 27 29.75 26.15 25.87
N GLU A 28 28.90 26.21 24.85
CA GLU A 28 27.61 25.55 24.87
C GLU A 28 27.76 24.12 24.33
N PRO A 29 27.18 23.12 25.03
CA PRO A 29 27.22 21.76 24.48
C PRO A 29 26.23 21.58 23.30
N ILE A 30 26.57 20.69 22.38
CA ILE A 30 25.69 20.35 21.29
C ILE A 30 24.85 19.19 21.76
N ILE A 31 23.53 19.35 21.75
CA ILE A 31 22.62 18.30 22.16
C ILE A 31 21.80 17.86 20.98
N GLY A 32 21.91 16.57 20.70
CA GLY A 32 21.17 15.92 19.65
C GLY A 32 20.09 15.07 20.27
N GLY A 33 18.95 14.99 19.57
CA GLY A 33 17.80 14.24 20.06
C GLY A 33 17.22 13.26 19.06
N GLY A 34 16.79 12.11 19.57
CA GLY A 34 15.95 11.21 18.80
C GLY A 34 14.48 11.60 18.90
N ALA A 35 13.76 11.60 17.79
CA ALA A 35 12.31 11.86 17.81
C ALA A 35 11.57 10.71 17.12
N GLY A 36 10.60 10.15 17.83
CA GLY A 36 9.83 9.01 17.35
C GLY A 36 8.43 9.39 16.93
N THR A 37 8.02 10.60 17.31
CA THR A 37 6.74 11.18 16.93
C THR A 37 6.94 12.65 16.65
N GLY A 38 5.93 13.27 16.06
CA GLY A 38 5.95 14.69 15.77
C GLY A 38 5.94 15.56 17.01
N LEU A 39 5.17 15.16 18.02
CA LEU A 39 5.18 15.88 19.31
C LEU A 39 6.58 15.84 19.99
N SER A 40 7.25 14.71 19.95
CA SER A 40 8.65 14.64 20.39
C SER A 40 9.50 15.70 19.70
N ALA A 41 9.51 15.70 18.37
CA ALA A 41 10.33 16.64 17.59
C ALA A 41 10.02 18.09 17.92
N LYS A 42 8.74 18.42 17.91
CA LYS A 42 8.28 19.75 18.26
C LYS A 42 8.71 20.17 19.67
N SER A 43 8.64 19.23 20.61
CA SER A 43 8.97 19.50 22.02
C SER A 43 10.48 19.67 22.18
N GLU A 44 11.24 18.84 21.48
CA GLU A 44 12.67 19.01 21.42
C GLU A 44 13.06 20.37 20.83
N GLU A 45 12.45 20.77 19.72
CA GLU A 45 12.74 22.10 19.18
C GLU A 45 12.40 23.19 20.20
N ALA A 46 11.30 23.01 20.95
CA ALA A 46 10.88 23.97 21.98
C ALA A 46 11.93 24.07 23.10
N GLY A 47 12.65 22.98 23.36
CA GLY A 47 13.74 22.99 24.32
C GLY A 47 15.09 23.38 23.75
N ASP A 48 15.09 23.91 22.52
CA ASP A 48 16.32 24.39 21.83
C ASP A 48 17.37 23.31 21.53
N ILE A 49 16.91 22.10 21.25
CA ILE A 49 17.80 21.04 20.80
C ILE A 49 18.53 21.49 19.52
N ASP A 50 19.75 20.99 19.30
CA ASP A 50 20.55 21.42 18.16
C ASP A 50 20.28 20.63 16.88
N LEU A 51 19.93 19.36 17.04
CA LEU A 51 19.51 18.55 15.90
C LEU A 51 18.58 17.43 16.36
N ILE A 52 17.79 16.91 15.41
CA ILE A 52 16.78 15.85 15.64
C ILE A 52 17.02 14.78 14.60
N VAL A 53 17.04 13.52 15.05
CA VAL A 53 17.16 12.36 14.16
C VAL A 53 15.96 11.44 14.35
N ILE A 54 15.39 10.98 13.24
CA ILE A 54 14.17 10.17 13.31
C ILE A 54 14.40 8.84 12.63
N TYR A 55 13.89 7.76 13.22
CA TYR A 55 14.02 6.43 12.63
C TYR A 55 13.13 5.44 13.33
N ASN A 56 13.09 4.22 12.82
CA ASN A 56 12.13 3.22 13.30
C ASN A 56 12.16 2.98 14.81
N SER A 57 13.35 2.87 15.39
CA SER A 57 13.44 2.62 16.84
C SER A 57 12.80 3.72 17.65
N GLY A 58 12.80 4.94 17.12
CA GLY A 58 12.10 6.06 17.78
C GLY A 58 10.61 5.81 17.80
N ARG A 59 10.05 5.46 16.64
CA ARG A 59 8.65 5.11 16.52
C ARG A 59 8.30 3.97 17.45
N TYR A 60 9.13 2.94 17.45
CA TYR A 60 8.88 1.74 18.23
C TYR A 60 9.01 1.99 19.73
N ARG A 61 9.98 2.81 20.15
CA ARG A 61 10.05 3.14 21.56
CA ARG A 61 10.07 3.22 21.56
C ARG A 61 8.79 3.92 21.98
N ALA A 63 5.95 3.49 20.65
CA ALA A 63 4.90 2.47 20.69
C ALA A 63 5.05 1.55 21.91
N GLY A 64 6.00 1.83 22.78
CA GLY A 64 6.18 1.06 24.00
C GLY A 64 6.99 -0.22 23.87
N ARG A 65 7.71 -0.37 22.75
CA ARG A 65 8.52 -1.54 22.52
C ARG A 65 10.02 -1.24 22.80
N GLY A 66 10.84 -2.27 22.82
CA GLY A 66 12.29 -2.10 23.07
C GLY A 66 13.00 -1.46 21.90
N SER A 67 14.02 -0.68 22.19
CA SER A 67 14.81 -0.02 21.15
C SER A 67 15.25 -1.00 20.08
N LEU A 68 15.65 -2.20 20.47
CA LEU A 68 16.31 -3.11 19.53
C LEU A 68 15.34 -3.76 18.53
N ALA A 69 14.03 -3.60 18.74
CA ALA A 69 13.03 -4.00 17.75
C ALA A 69 13.28 -3.36 16.36
N GLY A 70 13.87 -2.16 16.36
CA GLY A 70 14.31 -1.50 15.14
C GLY A 70 15.40 -2.20 14.35
N LEU A 71 16.01 -3.25 14.89
CA LEU A 71 17.10 -3.94 14.18
C LEU A 71 16.68 -5.24 13.54
N LEU A 72 15.47 -5.70 13.86
CA LEU A 72 15.02 -7.02 13.44
C LEU A 72 13.96 -6.96 12.34
N ALA A 73 13.51 -8.12 11.90
CA ALA A 73 12.70 -8.28 10.70
C ALA A 73 11.21 -8.00 10.98
N TYR A 74 10.93 -6.89 11.67
CA TYR A 74 9.56 -6.46 11.95
C TYR A 74 9.07 -5.33 11.01
N GLY A 75 9.94 -4.80 10.18
CA GLY A 75 9.55 -3.83 9.18
C GLY A 75 10.77 -3.44 8.38
N ASN A 76 10.55 -2.62 7.36
CA ASN A 76 11.60 -2.06 6.56
C ASN A 76 11.92 -0.69 7.12
N ALA A 77 13.12 -0.59 7.71
CA ALA A 77 13.57 0.65 8.37
C ALA A 77 13.57 1.85 7.42
N ASN A 78 14.04 1.64 6.19
CA ASN A 78 14.21 2.72 5.22
C ASN A 78 12.88 3.25 4.67
N GLN A 79 11.89 2.37 4.58
CA GLN A 79 10.56 2.82 4.26
C GLN A 79 9.93 3.58 5.43
N ILE A 80 10.11 3.09 6.64
CA ILE A 80 9.54 3.74 7.83
C ILE A 80 10.07 5.15 8.02
N VAL A 81 11.37 5.35 7.82
CA VAL A 81 11.93 6.69 8.00
C VAL A 81 11.26 7.66 7.01
N VAL A 82 10.99 7.21 5.78
CA VAL A 82 10.30 8.04 4.79
C VAL A 82 8.87 8.32 5.23
N ASP A 83 8.19 7.28 5.73
CA ASP A 83 6.82 7.44 6.26
C ASP A 83 6.77 8.42 7.42
N ALA A 85 8.61 11.11 7.86
CA ALA A 85 8.95 12.48 7.50
C ALA A 85 7.72 13.42 7.51
N ARG A 86 6.57 12.94 7.05
CA ARG A 86 5.35 13.76 7.08
C ARG A 86 4.86 14.06 8.49
N GLU A 87 5.19 13.22 9.46
CA GLU A 87 4.84 13.49 10.85
C GLU A 87 5.76 14.53 11.50
N VAL A 88 6.99 14.64 11.01
CA VAL A 88 7.97 15.42 11.74
C VAL A 88 8.38 16.67 11.01
N LEU A 89 8.70 16.56 9.72
CA LEU A 89 9.29 17.71 9.01
C LEU A 89 8.41 18.95 9.10
N PRO A 90 7.06 18.80 8.96
CA PRO A 90 6.19 19.96 9.00
C PRO A 90 6.11 20.69 10.36
N VAL A 91 6.34 19.99 11.47
CA VAL A 91 6.22 20.62 12.78
C VAL A 91 7.57 21.12 13.32
N VAL A 92 8.66 20.94 12.56
CA VAL A 92 9.97 21.42 12.99
C VAL A 92 10.35 22.60 12.09
N ARG A 93 10.48 23.78 12.68
CA ARG A 93 10.54 25.03 11.92
C ARG A 93 11.97 25.57 11.73
N HIS A 94 12.87 25.28 12.65
CA HIS A 94 14.20 25.89 12.57
C HIS A 94 15.29 25.03 13.18
N THR A 95 15.15 23.73 13.00
CA THR A 95 16.09 22.75 13.55
C THR A 95 16.32 21.68 12.48
N PRO A 96 17.59 21.32 12.23
CA PRO A 96 17.81 20.25 11.27
C PRO A 96 17.24 18.91 11.74
N VAL A 97 16.58 18.21 10.81
CA VAL A 97 16.08 16.87 11.06
C VAL A 97 16.80 15.94 10.11
N LEU A 98 17.34 14.86 10.67
CA LEU A 98 18.13 13.94 9.91
C LEU A 98 17.34 12.64 9.88
N ALA A 99 17.60 11.83 8.87
CA ALA A 99 17.00 10.50 8.73
C ALA A 99 18.02 9.44 9.07
N GLY A 100 17.61 8.50 9.91
CA GLY A 100 18.34 7.25 10.06
C GLY A 100 18.17 6.42 8.81
N VAL A 101 19.29 6.06 8.18
CA VAL A 101 19.30 5.21 6.99
C VAL A 101 19.93 3.89 7.39
N ASN A 102 19.36 2.82 6.87
CA ASN A 102 19.85 1.47 7.06
C ASN A 102 20.80 1.14 5.91
N GLY A 103 22.09 1.37 6.14
CA GLY A 103 23.10 1.30 5.12
C GLY A 103 23.33 -0.08 4.50
N THR A 104 22.93 -1.13 5.22
CA THR A 104 23.12 -2.51 4.73
C THR A 104 21.87 -3.04 4.04
N ASP A 105 20.85 -2.19 3.91
CA ASP A 105 19.63 -2.61 3.20
C ASP A 105 19.98 -3.12 1.81
N PRO A 106 19.76 -4.41 1.54
CA PRO A 106 20.14 -4.98 0.23
C PRO A 106 19.27 -4.52 -0.92
N PHE A 107 18.09 -3.99 -0.63
CA PHE A 107 17.16 -3.58 -1.67
C PHE A 107 17.03 -2.06 -1.81
N VAL A 109 18.92 1.23 -3.44
CA VAL A 109 19.99 1.87 -4.20
C VAL A 109 20.36 3.13 -3.45
N SER A 111 22.46 5.77 -3.72
CA SER A 111 22.61 7.11 -4.25
C SER A 111 21.24 7.73 -4.52
N THR A 112 20.32 6.93 -5.04
CA THR A 112 18.99 7.45 -5.33
C THR A 112 18.14 7.66 -4.06
N PHE A 113 18.31 6.80 -3.06
CA PHE A 113 17.57 6.95 -1.80
C PHE A 113 18.03 8.16 -1.02
N LEU A 114 19.34 8.37 -0.96
CA LEU A 114 19.89 9.56 -0.30
C LEU A 114 19.37 10.83 -1.00
N ARG A 115 19.42 10.84 -2.32
CA ARG A 115 18.88 11.94 -3.11
C ARG A 115 17.40 12.19 -2.80
N GLU A 116 16.64 11.12 -2.71
CA GLU A 116 15.26 11.19 -2.27
C GLU A 116 15.11 11.89 -0.91
N LEU A 117 15.91 11.45 0.07
CA LEU A 117 15.82 12.00 1.44
C LEU A 117 16.12 13.50 1.48
N LYS A 118 17.10 13.91 0.69
CA LYS A 118 17.41 15.30 0.53
C LYS A 118 16.21 16.06 -0.07
N GLU A 119 15.63 15.53 -1.13
CA GLU A 119 14.48 16.18 -1.77
C GLU A 119 13.29 16.27 -0.82
N ILE A 120 13.04 15.22 -0.04
CA ILE A 120 12.00 15.23 0.98
C ILE A 120 12.13 16.38 2.00
N GLY A 121 13.36 16.82 2.28
CA GLY A 121 13.61 17.90 3.24
C GLY A 121 14.48 17.54 4.46
N PHE A 122 15.06 16.35 4.46
CA PHE A 122 16.00 15.99 5.52
C PHE A 122 17.30 16.75 5.38
N ALA A 123 17.87 17.17 6.51
CA ALA A 123 19.09 17.97 6.53
C ALA A 123 20.30 17.07 6.44
N GLY A 124 20.10 15.80 6.81
CA GLY A 124 21.21 14.89 6.91
C GLY A 124 20.78 13.50 7.17
N VAL A 125 21.75 12.61 7.33
CA VAL A 125 21.48 11.24 7.69
C VAL A 125 22.39 10.73 8.81
N GLN A 126 21.94 9.66 9.47
CA GLN A 126 22.73 8.88 10.41
C GLN A 126 22.62 7.40 9.99
N ASN A 127 23.59 6.58 10.37
CA ASN A 127 23.51 5.13 10.11
C ASN A 127 22.72 4.43 11.21
N PHE A 128 21.41 4.34 11.01
CA PHE A 128 20.53 3.60 11.94
C PHE A 128 19.32 3.04 11.21
N PRO A 129 18.94 1.76 11.48
CA PRO A 129 19.62 0.80 12.37
C PRO A 129 21.04 0.48 11.93
N THR A 130 21.88 0.12 12.90
CA THR A 130 23.30 -0.16 12.64
C THR A 130 23.74 -1.55 13.14
N VAL A 131 24.54 -2.21 12.30
CA VAL A 131 25.13 -3.48 12.67
C VAL A 131 26.16 -3.28 13.77
N GLY A 132 26.53 -2.03 14.05
CA GLY A 132 27.50 -1.71 15.08
C GLY A 132 27.01 -2.16 16.44
N LEU A 133 25.70 -2.25 16.60
CA LEU A 133 25.11 -2.71 17.85
C LEU A 133 25.17 -4.21 18.01
N ILE A 134 25.58 -4.92 16.97
CA ILE A 134 25.47 -6.35 16.95
C ILE A 134 26.85 -6.90 17.21
N ASP A 135 26.95 -7.98 18.00
CA ASP A 135 28.26 -8.59 18.31
C ASP A 135 28.31 -10.10 18.06
N GLY A 136 29.42 -10.72 18.43
CA GLY A 136 29.55 -12.16 18.39
C GLY A 136 29.77 -12.75 17.03
N LEU A 137 29.55 -14.05 16.92
CA LEU A 137 29.63 -14.73 15.63
C LEU A 137 28.60 -14.20 14.65
N PHE A 138 27.45 -13.76 15.16
CA PHE A 138 26.39 -13.29 14.30
C PHE A 138 26.89 -12.04 13.56
N ARG A 139 27.52 -11.11 14.28
CA ARG A 139 28.11 -9.93 13.66
C ARG A 139 29.15 -10.31 12.61
N GLN A 140 30.02 -11.24 12.97
CA GLN A 140 31.05 -11.73 12.06
C GLN A 140 30.43 -12.32 10.79
N ASN A 141 29.36 -13.10 10.96
CA ASN A 141 28.68 -13.67 9.80
C ASN A 141 28.08 -12.57 8.92
N LEU A 142 27.49 -11.57 9.57
CA LEU A 142 26.90 -10.43 8.87
C LEU A 142 27.96 -9.68 8.06
N GLU A 143 29.06 -9.35 8.74
CA GLU A 143 30.22 -8.71 8.14
C GLU A 143 30.74 -9.49 6.94
N GLU A 144 30.69 -10.83 7.02
CA GLU A 144 31.20 -11.69 5.96
C GLU A 144 30.24 -11.92 4.78
N THR A 145 28.96 -11.57 4.94
CA THR A 145 27.96 -11.91 3.93
C THR A 145 27.19 -10.70 3.44
N GLY A 146 27.87 -9.56 3.36
CA GLY A 146 27.31 -8.37 2.74
C GLY A 146 26.54 -7.43 3.63
N SER A 148 27.89 -5.45 6.36
CA SER A 148 29.04 -4.93 7.07
C SER A 148 28.87 -3.48 7.45
N TYR A 149 29.50 -3.08 8.55
CA TYR A 149 29.54 -1.68 8.95
C TYR A 149 30.15 -0.83 7.84
N ALA A 150 31.10 -1.42 7.09
CA ALA A 150 31.72 -0.80 5.91
C ALA A 150 30.71 -0.30 4.89
N GLN A 151 29.57 -0.98 4.77
CA GLN A 151 28.50 -0.52 3.90
C GLN A 151 27.84 0.74 4.45
N GLU A 152 27.72 0.81 5.77
CA GLU A 152 27.22 2.02 6.45
C GLU A 152 28.20 3.18 6.27
N VAL A 153 29.49 2.88 6.31
CA VAL A 153 30.52 3.90 6.06
C VAL A 153 30.35 4.43 4.62
N GLU A 154 30.11 3.54 3.67
CA GLU A 154 29.96 3.95 2.27
C GLU A 154 28.70 4.78 2.08
N ILE A 156 27.47 6.79 4.26
CA ILE A 156 27.78 8.10 4.83
C ILE A 156 28.65 8.88 3.87
N ALA A 157 29.61 8.19 3.26
CA ALA A 157 30.49 8.81 2.26
C ALA A 157 29.70 9.40 1.10
N GLU A 158 28.69 8.68 0.63
CA GLU A 158 27.81 9.13 -0.45
C GLU A 158 26.91 10.26 -0.01
N ALA A 159 26.43 10.20 1.25
CA ALA A 159 25.61 11.28 1.79
C ALA A 159 26.44 12.57 1.83
N HIS A 160 27.69 12.43 2.24
CA HIS A 160 28.59 13.56 2.28
C HIS A 160 28.84 14.19 0.90
N LYS A 161 28.97 13.34 -0.12
CA LYS A 161 29.15 13.84 -1.50
C LYS A 161 27.92 14.61 -1.97
N LEU A 162 26.75 14.19 -1.52
CA LEU A 162 25.51 14.92 -1.76
C LEU A 162 25.33 16.15 -0.84
N ASP A 163 26.33 16.47 -0.03
CA ASP A 163 26.30 17.61 0.89
C ASP A 163 25.16 17.52 1.92
N LEU A 164 24.85 16.29 2.35
CA LEU A 164 24.02 16.06 3.51
C LEU A 164 24.86 16.13 4.79
N LEU A 165 24.28 16.65 5.85
CA LEU A 165 24.92 16.59 7.15
C LEU A 165 24.98 15.12 7.54
N THR A 166 26.15 14.66 8.01
CA THR A 166 26.31 13.26 8.41
C THR A 166 26.69 13.19 9.90
N THR A 167 25.97 12.37 10.66
CA THR A 167 26.18 12.25 12.11
C THR A 167 26.17 10.77 12.56
N PRO A 168 27.08 9.96 11.99
CA PRO A 168 27.06 8.52 12.22
C PRO A 168 27.41 8.07 13.65
N TYR A 169 26.80 6.96 14.07
CA TYR A 169 27.30 6.24 15.24
C TYR A 169 28.58 5.51 14.89
N VAL A 170 29.55 5.58 15.81
CA VAL A 170 30.80 4.83 15.76
C VAL A 170 30.95 4.08 17.07
N PHE A 171 31.48 2.88 17.03
CA PHE A 171 31.58 2.03 18.21
C PHE A 171 33.00 1.71 18.65
N SER A 172 33.98 2.16 17.86
CA SER A 172 35.36 1.82 18.08
C SER A 172 36.21 2.89 17.42
N PRO A 173 37.50 2.94 17.77
CA PRO A 173 38.46 3.79 17.07
C PRO A 173 38.49 3.50 15.56
N GLU A 174 38.39 2.23 15.20
CA GLU A 174 38.32 1.84 13.80
C GLU A 174 37.16 2.47 13.09
N ASP A 175 35.98 2.43 13.72
CA ASP A 175 34.78 3.06 13.14
C ASP A 175 35.02 4.56 13.02
N ALA A 176 35.67 5.15 14.01
CA ALA A 176 35.86 6.60 14.06
C ALA A 176 36.71 7.06 12.89
N VAL A 177 37.79 6.33 12.63
CA VAL A 177 38.64 6.60 11.46
C VAL A 177 37.85 6.44 10.15
N ALA A 178 37.14 5.34 10.02
CA ALA A 178 36.42 5.06 8.77
C ALA A 178 35.40 6.15 8.47
N ALA A 180 35.35 9.24 9.81
CA ALA A 180 36.06 10.51 9.64
C ALA A 180 36.55 10.62 8.19
N LYS A 181 37.14 9.56 7.66
CA LYS A 181 37.55 9.55 6.24
C LYS A 181 36.41 9.68 5.23
N ALA A 182 35.23 9.17 5.59
CA ALA A 182 34.01 9.32 4.78
C ALA A 182 33.45 10.75 4.74
N GLY A 183 33.93 11.62 5.62
CA GLY A 183 33.52 13.01 5.65
C GLY A 183 32.48 13.31 6.71
N ALA A 184 32.40 12.46 7.74
CA ALA A 184 31.44 12.67 8.83
C ALA A 184 31.60 14.05 9.39
N ASP A 185 30.49 14.77 9.58
CA ASP A 185 30.50 16.06 10.26
C ASP A 185 30.55 15.90 11.79
N ILE A 186 29.78 14.92 12.28
CA ILE A 186 29.64 14.67 13.70
C ILE A 186 29.76 13.17 13.89
N LEU A 187 30.54 12.73 14.87
CA LEU A 187 30.60 11.31 15.24
C LEU A 187 29.86 11.16 16.57
N VAL A 188 28.88 10.26 16.61
CA VAL A 188 28.21 9.92 17.87
C VAL A 188 28.86 8.66 18.41
N CYS A 189 29.59 8.78 19.51
CA CYS A 189 30.26 7.64 20.13
C CYS A 189 29.25 6.89 20.95
N HIS A 190 28.89 5.72 20.44
CA HIS A 190 27.80 4.91 20.97
C HIS A 190 28.37 3.85 21.89
N GLY A 192 26.82 1.48 23.57
CA GLY A 192 25.97 0.28 23.71
C GLY A 192 24.56 0.63 24.19
N LEU A 193 23.72 -0.38 24.40
CA LEU A 193 22.30 -0.11 24.79
C LEU A 193 22.21 0.64 26.16
N THR A 194 21.45 1.74 26.19
CA THR A 194 21.34 2.64 27.37
C THR A 194 20.98 1.92 28.67
N GLY A 204 26.28 -3.51 31.03
CA GLY A 204 27.05 -2.96 29.90
C GLY A 204 28.39 -2.34 30.29
N LYS A 205 28.82 -1.30 29.55
CA LYS A 205 30.07 -0.62 29.82
C LYS A 205 29.97 0.22 31.07
N SER A 206 31.01 0.22 31.87
CA SER A 206 31.12 1.10 33.01
C SER A 206 31.38 2.52 32.54
N ASP A 208 33.81 4.40 33.50
CA ASP A 208 35.23 4.49 33.20
C ASP A 208 35.55 3.93 31.80
N ASP A 209 34.90 2.82 31.44
CA ASP A 209 35.04 2.20 30.11
C ASP A 209 34.65 3.20 29.06
N CYS A 210 33.57 3.92 29.30
CA CYS A 210 33.11 4.96 28.40
C CYS A 210 34.09 6.11 28.24
N VAL A 211 34.64 6.60 29.34
CA VAL A 211 35.69 7.63 29.26
C VAL A 211 36.84 7.19 28.31
N SER A 212 37.34 5.97 28.54
CA SER A 212 38.43 5.47 27.72
C SER A 212 38.08 5.32 26.27
N LEU A 213 36.97 4.65 25.96
CA LEU A 213 36.61 4.44 24.56
C LEU A 213 36.34 5.77 23.86
N ILE A 214 35.61 6.68 24.49
CA ILE A 214 35.33 7.98 23.86
C ILE A 214 36.60 8.72 23.56
N ASN A 215 37.49 8.80 24.53
CA ASN A 215 38.80 9.39 24.30
C ASN A 215 39.57 8.74 23.15
N GLU A 216 39.49 7.41 23.05
CA GLU A 216 40.10 6.71 21.94
C GLU A 216 39.51 7.07 20.60
N CYS A 217 38.19 7.18 20.54
CA CYS A 217 37.52 7.60 19.35
C CYS A 217 37.87 9.02 18.93
N ILE A 218 38.00 9.89 19.91
CA ILE A 218 38.43 11.28 19.69
C ILE A 218 39.84 11.27 19.09
N GLU A 219 40.78 10.56 19.70
CA GLU A 219 42.16 10.42 19.18
CA GLU A 219 42.13 10.56 19.12
C GLU A 219 42.17 9.91 17.72
N ALA A 220 41.39 8.85 17.48
CA ALA A 220 41.24 8.24 16.16
C ALA A 220 40.71 9.23 15.13
N ALA A 221 39.66 9.93 15.46
CA ALA A 221 39.13 10.95 14.57
C ALA A 221 40.22 12.01 14.28
N ARG A 222 40.95 12.40 15.31
CA ARG A 222 41.98 13.43 15.18
C ARG A 222 43.18 13.07 14.28
N THR A 223 43.50 11.77 14.15
CA THR A 223 44.54 11.34 13.21
C THR A 223 44.14 11.64 11.74
N ILE A 224 42.85 11.81 11.51
CA ILE A 224 42.31 12.12 10.20
C ILE A 224 42.00 13.61 9.99
N ARG A 225 41.35 14.24 10.96
CA ARG A 225 40.89 15.63 10.85
C ARG A 225 40.65 16.18 12.25
N ASP A 226 41.01 17.42 12.49
CA ASP A 226 40.93 18.01 13.83
C ASP A 226 39.61 18.77 14.11
N ASP A 227 38.72 18.86 13.13
CA ASP A 227 37.52 19.72 13.30
C ASP A 227 36.18 18.94 13.33
N ILE A 228 36.23 17.67 13.69
CA ILE A 228 35.04 16.86 13.73
C ILE A 228 34.38 17.07 15.07
N ILE A 229 33.05 17.15 15.07
CA ILE A 229 32.25 17.34 16.28
C ILE A 229 31.95 15.96 16.89
N ILE A 230 32.16 15.83 18.21
CA ILE A 230 32.05 14.53 18.88
C ILE A 230 30.98 14.59 19.97
N LEU A 231 30.04 13.66 19.91
CA LEU A 231 28.95 13.52 20.90
C LEU A 231 29.02 12.12 21.51
N SER A 232 28.60 11.99 22.77
CA SER A 232 28.46 10.68 23.38
C SER A 232 27.03 10.21 23.28
N HIS A 233 26.86 8.90 23.48
CA HIS A 233 25.57 8.29 23.59
C HIS A 233 25.68 6.87 24.14
N GLY A 234 24.65 6.43 24.84
CA GLY A 234 24.47 5.02 25.12
C GLY A 234 25.03 4.58 26.43
N GLY A 235 24.95 3.28 26.65
CA GLY A 235 25.44 2.64 27.85
C GLY A 235 24.90 3.33 29.08
N PRO A 236 25.78 3.65 30.02
CA PRO A 236 25.35 4.25 31.26
C PRO A 236 25.13 5.74 31.18
N ILE A 237 25.25 6.36 30.00
CA ILE A 237 25.07 7.82 29.91
C ILE A 237 23.57 8.14 29.80
N ALA A 238 22.91 8.23 30.95
CA ALA A 238 21.46 8.19 31.03
C ALA A 238 20.81 9.54 31.28
N ASN A 239 21.58 10.56 31.62
CA ASN A 239 21.00 11.78 32.10
C ASN A 239 21.97 12.95 32.02
N PRO A 240 21.45 14.17 32.19
CA PRO A 240 22.28 15.36 32.10
C PRO A 240 23.56 15.28 32.93
N GLU A 241 23.46 14.79 34.15
CA GLU A 241 24.62 14.66 35.01
C GLU A 241 25.69 13.77 34.39
N ASP A 242 25.26 12.65 33.80
CA ASP A 242 26.19 11.66 33.22
C ASP A 242 26.86 12.23 31.97
N ALA A 243 26.07 12.90 31.16
CA ALA A 243 26.57 13.55 29.94
C ALA A 243 27.64 14.58 30.28
N ARG A 244 27.38 15.34 31.35
CA ARG A 244 28.31 16.33 31.82
C ARG A 244 29.60 15.71 32.33
N PHE A 245 29.50 14.64 33.10
CA PHE A 245 30.66 13.86 33.48
C PHE A 245 31.55 13.49 32.28
N ILE A 246 30.93 13.02 31.20
CA ILE A 246 31.65 12.64 29.99
C ILE A 246 32.32 13.87 29.41
N LEU A 247 31.59 14.99 29.36
CA LEU A 247 32.19 16.28 28.94
C LEU A 247 33.42 16.66 29.74
N ASP A 248 33.32 16.60 31.06
CA ASP A 248 34.45 16.86 31.93
C ASP A 248 35.63 15.92 31.71
N SER A 249 35.31 14.65 31.48
CA SER A 249 36.28 13.55 31.40
C SER A 249 36.91 13.39 30.03
N CYS A 250 36.22 13.90 29.01
CA CYS A 250 36.56 13.70 27.60
C CYS A 250 36.59 15.06 26.92
N GLN A 251 37.73 15.74 27.03
CA GLN A 251 37.80 17.17 26.68
C GLN A 251 37.52 17.41 25.19
N GLY A 252 37.81 16.44 24.34
CA GLY A 252 37.46 16.58 22.94
C GLY A 252 36.06 16.19 22.57
N CYS A 253 35.22 15.87 23.56
CA CYS A 253 33.80 15.62 23.34
C CYS A 253 33.02 16.92 23.52
N HIS A 254 32.14 17.23 22.59
CA HIS A 254 31.42 18.52 22.59
C HIS A 254 29.94 18.42 22.94
N GLY A 255 29.45 17.26 23.35
CA GLY A 255 28.02 17.09 23.58
C GLY A 255 27.47 15.68 23.65
N PHE A 256 26.16 15.58 23.44
CA PHE A 256 25.40 14.37 23.77
C PHE A 256 24.25 14.15 22.83
N TYR A 257 24.04 12.89 22.47
CA TYR A 257 22.89 12.49 21.68
C TYR A 257 22.02 11.60 22.52
N GLY A 258 20.77 12.00 22.73
CA GLY A 258 19.83 11.23 23.54
C GLY A 258 18.57 10.91 22.75
N ALA A 259 18.02 9.73 22.96
CA ALA A 259 16.77 9.34 22.30
C ALA A 259 15.79 8.86 23.37
N SER A 260 16.08 7.69 23.91
CA SER A 260 15.36 7.18 25.05
C SER A 260 15.28 8.21 26.18
N SER A 261 16.41 8.83 26.50
CA SER A 261 16.48 9.77 27.63
C SER A 261 15.75 11.09 27.35
N GLU A 263 12.97 11.54 24.98
CA GLU A 263 11.53 11.48 24.69
C GLU A 263 10.77 10.42 25.46
N ARG A 264 11.34 9.24 25.68
CA ARG A 264 10.54 8.11 26.21
C ARG A 264 10.32 8.24 27.69
N LEU A 265 11.38 8.37 28.44
CA LEU A 265 11.27 8.38 29.88
C LEU A 265 10.52 9.62 30.38
N PRO A 266 10.86 10.81 29.86
CA PRO A 266 10.08 11.96 30.30
C PRO A 266 8.58 11.80 30.01
N ALA A 267 8.21 11.35 28.81
CA ALA A 267 6.80 11.16 28.44
C ALA A 267 6.12 10.15 29.35
N GLU A 268 6.75 8.99 29.53
CA GLU A 268 6.22 7.89 30.37
C GLU A 268 5.87 8.35 31.76
N GLU A 269 6.81 9.04 32.39
CA GLU A 269 6.65 9.44 33.77
C GLU A 269 5.59 10.54 33.89
N ALA A 270 5.55 11.44 32.92
CA ALA A 270 4.59 12.55 32.94
C ALA A 270 3.13 12.07 32.73
N ILE A 271 2.94 11.11 31.84
CA ILE A 271 1.60 10.60 31.58
C ILE A 271 1.07 9.76 32.75
N ARG A 272 1.93 8.92 33.32
CA ARG A 272 1.60 8.23 34.58
C ARG A 272 1.22 9.19 35.70
N SER A 273 2.05 10.21 35.93
CA SER A 273 1.74 11.20 36.97
C SER A 273 0.41 11.91 36.76
N GLN A 274 0.13 12.31 35.52
CA GLN A 274 -1.08 13.04 35.21
C GLN A 274 -2.34 12.19 35.40
N THR A 275 -2.23 10.91 35.07
CA THR A 275 -3.29 9.93 35.26
C THR A 275 -3.58 9.81 36.75
N LEU A 276 -2.53 9.64 37.54
CA LEU A 276 -2.69 9.54 38.98
C LEU A 276 -3.35 10.81 39.55
N ALA A 277 -2.90 11.98 39.08
CA ALA A 277 -3.47 13.27 39.49
C ALA A 277 -4.98 13.36 39.25
N PHE A 278 -5.44 12.91 38.09
CA PHE A 278 -6.88 12.92 37.80
C PHE A 278 -7.63 11.92 38.65
N LYS A 279 -7.06 10.73 38.84
CA LYS A 279 -7.69 9.70 39.66
C LYS A 279 -7.87 10.09 41.13
N ALA A 280 -7.01 10.99 41.62
CA ALA A 280 -6.99 11.38 43.03
C ALA A 280 -8.10 12.38 43.40
N ILE A 281 -8.85 12.86 42.42
CA ILE A 281 -9.90 13.85 42.67
C ILE A 281 -11.08 13.18 43.36
N ARG A 282 -11.77 13.96 44.18
CA ARG A 282 -12.87 13.48 44.98
C ARG A 282 -13.90 14.57 45.14
N ARG A 283 -15.17 14.18 45.12
CA ARG A 283 -16.27 15.07 45.48
C ARG A 283 -16.14 15.46 46.95
N GLN A 284 -16.43 16.74 47.26
CA GLN A 284 -16.31 17.32 48.60
C GLN A 284 -16.91 16.46 49.71
N PRO A 285 -18.14 15.96 49.49
CA PRO A 285 -18.89 15.27 50.57
C PRO A 285 -19.48 16.24 51.61
N ARG B 10 -10.13 -12.53 29.16
CA ARG B 10 -10.63 -11.16 28.78
C ARG B 10 -12.02 -10.92 29.42
N PRO B 11 -12.15 -9.83 30.22
CA PRO B 11 -13.39 -9.58 30.96
C PRO B 11 -14.54 -9.13 30.06
N THR B 12 -15.75 -9.50 30.44
CA THR B 12 -16.94 -9.19 29.67
C THR B 12 -17.37 -7.75 29.87
N ARG B 13 -18.34 -7.31 29.09
CA ARG B 13 -18.88 -5.96 29.26
C ARG B 13 -19.44 -5.79 30.68
N SER B 14 -20.23 -6.75 31.13
CA SER B 14 -20.83 -6.66 32.44
C SER B 14 -19.79 -6.67 33.55
N GLU B 15 -18.76 -7.50 33.41
CA GLU B 15 -17.68 -7.51 34.38
C GLU B 15 -17.01 -6.14 34.52
N LEU B 16 -16.88 -5.43 33.40
CA LEU B 16 -16.29 -4.10 33.40
C LEU B 16 -17.23 -3.06 34.03
N VAL B 17 -18.51 -3.12 33.70
CA VAL B 17 -19.47 -2.19 34.29
C VAL B 17 -19.53 -2.38 35.81
N ASP B 18 -19.56 -3.64 36.25
CA ASP B 18 -19.54 -3.96 37.70
C ASP B 18 -18.33 -3.35 38.38
N ARG B 19 -17.19 -3.50 37.72
CA ARG B 19 -15.94 -2.94 38.23
C ARG B 19 -16.11 -1.45 38.48
N PHE B 20 -16.66 -0.75 37.48
CA PHE B 20 -16.83 0.69 37.59
C PHE B 20 -17.81 1.06 38.70
N GLN B 21 -18.95 0.37 38.76
CA GLN B 21 -19.96 0.66 39.77
C GLN B 21 -19.43 0.41 41.17
N LYS B 22 -18.53 -0.55 41.29
CA LYS B 22 -17.91 -0.85 42.58
C LYS B 22 -17.06 0.36 43.01
N LYS B 23 -16.24 0.89 42.09
CA LYS B 23 -15.49 2.11 42.37
C LYS B 23 -16.45 3.23 42.78
N ILE B 24 -17.47 3.46 41.96
CA ILE B 24 -18.42 4.55 42.19
C ILE B 24 -19.03 4.49 43.59
N ARG B 25 -19.39 3.27 44.02
CA ARG B 25 -19.96 3.03 45.36
C ARG B 25 -18.96 3.34 46.48
N ALA B 26 -17.67 3.26 46.15
CA ALA B 26 -16.60 3.57 47.08
C ALA B 26 -16.28 5.07 47.05
N GLY B 27 -17.02 5.85 46.26
CA GLY B 27 -16.80 7.29 46.12
C GLY B 27 -15.57 7.67 45.31
N GLU B 28 -15.09 6.73 44.48
CA GLU B 28 -13.94 6.97 43.62
C GLU B 28 -14.46 7.27 42.22
N PRO B 29 -13.96 8.35 41.59
CA PRO B 29 -14.35 8.68 40.21
C PRO B 29 -13.74 7.76 39.15
N ILE B 30 -14.43 7.64 38.02
CA ILE B 30 -13.92 6.85 36.90
C ILE B 30 -13.13 7.78 36.00
N ILE B 31 -11.86 7.42 35.75
CA ILE B 31 -11.01 8.19 34.84
C ILE B 31 -10.79 7.42 33.54
N GLY B 32 -11.17 8.06 32.44
CA GLY B 32 -10.98 7.53 31.11
C GLY B 32 -9.91 8.36 30.45
N GLY B 33 -9.07 7.72 29.66
CA GLY B 33 -8.00 8.43 29.00
C GLY B 33 -7.94 8.12 27.53
N GLY B 34 -7.55 9.11 26.73
CA GLY B 34 -7.28 8.90 25.31
C GLY B 34 -5.82 8.57 25.10
N ALA B 35 -5.52 7.62 24.21
CA ALA B 35 -4.12 7.30 23.89
C ALA B 35 -3.89 7.31 22.36
N GLY B 36 -2.78 7.93 21.96
CA GLY B 36 -2.42 8.10 20.56
C GLY B 36 -1.18 7.33 20.13
N THR B 37 -0.49 6.75 21.10
CA THR B 37 0.70 5.92 20.89
C THR B 37 0.60 4.79 21.92
N GLY B 38 1.35 3.72 21.68
CA GLY B 38 1.44 2.64 22.66
C GLY B 38 2.08 3.05 23.99
N LEU B 39 3.06 3.93 23.93
CA LEU B 39 3.70 4.43 25.15
C LEU B 39 2.67 5.16 26.03
N SER B 40 1.89 6.05 25.42
CA SER B 40 0.78 6.70 26.13
C SER B 40 -0.12 5.69 26.83
N ALA B 41 -0.56 4.67 26.08
CA ALA B 41 -1.48 3.65 26.60
C ALA B 41 -0.90 2.93 27.81
N LYS B 42 0.35 2.51 27.61
CA LYS B 42 1.15 1.82 28.61
C LYS B 42 1.34 2.69 29.86
N SER B 43 1.61 3.98 29.66
CA SER B 43 1.79 4.92 30.77
C SER B 43 0.48 5.18 31.50
N GLU B 44 -0.61 5.23 30.74
CA GLU B 44 -1.95 5.39 31.35
C GLU B 44 -2.32 4.16 32.20
N GLU B 45 -2.08 2.97 31.67
CA GLU B 45 -2.22 1.73 32.45
C GLU B 45 -1.29 1.72 33.67
N ALA B 46 -0.08 2.27 33.51
CA ALA B 46 0.85 2.36 34.62
C ALA B 46 0.32 3.26 35.74
N GLY B 47 -0.61 4.16 35.43
CA GLY B 47 -1.29 4.96 36.45
C GLY B 47 -2.64 4.42 36.86
N ASP B 48 -2.91 3.16 36.52
CA ASP B 48 -4.16 2.49 36.84
C ASP B 48 -5.41 3.24 36.36
N ILE B 49 -5.33 3.81 35.16
CA ILE B 49 -6.50 4.41 34.51
C ILE B 49 -7.59 3.37 34.32
N ASP B 50 -8.84 3.79 34.26
CA ASP B 50 -9.95 2.84 34.25
C ASP B 50 -10.30 2.34 32.85
N LEU B 51 -10.09 3.19 31.84
CA LEU B 51 -10.26 2.77 30.45
C LEU B 51 -9.45 3.67 29.51
N ILE B 52 -9.08 3.09 28.38
CA ILE B 52 -8.29 3.78 27.37
C ILE B 52 -9.05 3.75 26.06
N VAL B 53 -9.06 4.88 25.37
CA VAL B 53 -9.73 5.01 24.09
C VAL B 53 -8.73 5.51 23.06
N ILE B 54 -8.64 4.81 21.93
CA ILE B 54 -7.70 5.21 20.88
C ILE B 54 -8.44 5.60 19.59
N TYR B 55 -7.93 6.64 18.91
CA TYR B 55 -8.42 7.09 17.61
C TYR B 55 -7.48 8.10 16.99
N ASN B 56 -7.80 8.53 15.77
CA ASN B 56 -6.92 9.39 14.97
C ASN B 56 -6.47 10.68 15.64
N SER B 57 -7.40 11.39 16.29
CA SER B 57 -7.04 12.63 16.97
C SER B 57 -5.93 12.42 18.00
N GLY B 58 -5.90 11.24 18.62
CA GLY B 58 -4.84 10.86 19.55
C GLY B 58 -3.52 10.76 18.81
N ARG B 59 -3.50 10.02 17.72
CA ARG B 59 -2.33 9.97 16.89
C ARG B 59 -1.89 11.35 16.46
N TYR B 60 -2.83 12.14 15.95
CA TYR B 60 -2.51 13.48 15.44
C TYR B 60 -2.00 14.47 16.53
N ARG B 61 -2.59 14.44 17.72
CA ARG B 61 -2.06 15.23 18.81
C ARG B 61 -0.65 14.77 19.21
N ALA B 63 1.35 13.65 17.22
CA ALA B 63 2.18 14.13 16.10
C ALA B 63 2.39 15.64 16.15
N GLY B 64 1.87 16.31 17.18
CA GLY B 64 2.03 17.76 17.29
C GLY B 64 0.97 18.60 16.61
N ARG B 65 -0.09 17.98 16.11
CA ARG B 65 -1.15 18.72 15.41
C ARG B 65 -2.32 18.95 16.35
N GLY B 66 -3.33 19.68 15.87
CA GLY B 66 -4.51 20.03 16.68
C GLY B 66 -5.54 18.91 16.74
N SER B 67 -6.30 18.85 17.82
CA SER B 67 -7.35 17.85 18.03
C SER B 67 -8.32 17.73 16.84
N LEU B 68 -8.71 18.87 16.28
CA LEU B 68 -9.79 18.87 15.30
C LEU B 68 -9.32 18.37 13.94
N ALA B 69 -8.01 18.13 13.79
CA ALA B 69 -7.44 17.48 12.62
C ALA B 69 -8.08 16.12 12.34
N GLY B 70 -8.47 15.42 13.41
CA GLY B 70 -9.13 14.13 13.29
C GLY B 70 -10.50 14.13 12.63
N LEU B 71 -11.07 15.32 12.45
CA LEU B 71 -12.43 15.46 11.89
C LEU B 71 -12.45 15.72 10.38
N LEU B 72 -11.30 16.10 9.82
CA LEU B 72 -11.22 16.57 8.44
C LEU B 72 -10.53 15.57 7.50
N ALA B 73 -10.41 15.93 6.23
CA ALA B 73 -9.97 15.03 5.15
C ALA B 73 -8.44 14.87 5.04
N TYR B 74 -7.84 14.45 6.13
CA TYR B 74 -6.42 14.25 6.23
C TYR B 74 -6.10 12.78 6.37
N GLY B 75 -7.11 11.93 6.49
CA GLY B 75 -6.89 10.50 6.69
C GLY B 75 -8.25 9.83 6.83
N ASN B 76 -8.27 8.50 6.71
CA ASN B 76 -9.46 7.70 7.02
C ASN B 76 -9.45 7.21 8.47
N ALA B 77 -10.29 7.82 9.30
CA ALA B 77 -10.36 7.52 10.73
C ALA B 77 -10.45 6.02 11.05
N ASN B 78 -11.39 5.35 10.38
CA ASN B 78 -11.69 3.96 10.73
C ASN B 78 -10.53 3.06 10.37
N GLN B 79 -9.82 3.36 9.30
CA GLN B 79 -8.60 2.60 8.97
C GLN B 79 -7.48 2.90 9.97
N ILE B 80 -7.38 4.16 10.38
CA ILE B 80 -6.33 4.55 11.33
C ILE B 80 -6.47 3.79 12.65
N VAL B 81 -7.69 3.65 13.13
CA VAL B 81 -7.90 3.04 14.45
C VAL B 81 -7.53 1.55 14.41
N VAL B 82 -7.84 0.87 13.30
CA VAL B 82 -7.40 -0.51 13.05
C VAL B 82 -5.87 -0.57 13.08
N ASP B 83 -5.20 0.38 12.42
CA ASP B 83 -3.72 0.42 12.42
C ASP B 83 -3.13 0.65 13.83
N ALA B 85 -4.42 -0.29 16.60
CA ALA B 85 -4.63 -1.49 17.42
C ALA B 85 -3.34 -2.28 17.61
N ARG B 86 -2.56 -2.42 16.56
CA ARG B 86 -1.32 -3.20 16.68
C ARG B 86 -0.27 -2.48 17.50
N GLU B 87 -0.31 -1.16 17.52
CA GLU B 87 0.57 -0.36 18.37
C GLU B 87 0.17 -0.47 19.85
N VAL B 88 -1.14 -0.42 20.12
CA VAL B 88 -1.63 -0.22 21.48
C VAL B 88 -2.05 -1.52 22.17
N LEU B 89 -2.90 -2.32 21.53
CA LEU B 89 -3.46 -3.50 22.21
C LEU B 89 -2.40 -4.47 22.85
N PRO B 90 -1.30 -4.77 22.14
CA PRO B 90 -0.31 -5.71 22.69
C PRO B 90 0.46 -5.25 23.93
N VAL B 91 0.52 -3.93 24.18
CA VAL B 91 1.23 -3.41 25.34
C VAL B 91 0.30 -3.02 26.51
N VAL B 92 -1.00 -3.29 26.37
CA VAL B 92 -1.97 -3.01 27.44
C VAL B 92 -2.46 -4.36 27.94
N ARG B 93 -2.25 -4.65 29.22
CA ARG B 93 -2.37 -5.99 29.79
CA ARG B 93 -2.44 -6.00 29.71
C ARG B 93 -3.60 -6.21 30.68
N HIS B 94 -4.11 -5.16 31.31
CA HIS B 94 -5.22 -5.33 32.25
C HIS B 94 -6.17 -4.14 32.34
N THR B 95 -6.30 -3.44 31.20
CA THR B 95 -7.16 -2.27 31.08
C THR B 95 -7.96 -2.42 29.80
N PRO B 96 -9.28 -2.17 29.86
CA PRO B 96 -10.04 -2.19 28.61
C PRO B 96 -9.64 -1.06 27.66
N VAL B 97 -9.50 -1.39 26.38
CA VAL B 97 -9.15 -0.42 25.35
C VAL B 97 -10.31 -0.33 24.36
N LEU B 98 -10.81 0.88 24.15
CA LEU B 98 -11.91 1.11 23.23
C LEU B 98 -11.41 1.74 21.95
N ALA B 99 -12.18 1.52 20.88
CA ALA B 99 -11.86 2.05 19.57
C ALA B 99 -12.83 3.17 19.26
N GLY B 100 -12.28 4.32 18.86
CA GLY B 100 -13.06 5.37 18.26
C GLY B 100 -13.49 4.90 16.88
N VAL B 101 -14.81 4.98 16.64
CA VAL B 101 -15.42 4.58 15.39
C VAL B 101 -16.09 5.79 14.75
N ASN B 102 -15.84 5.96 13.45
CA ASN B 102 -16.43 7.04 12.67
C ASN B 102 -17.74 6.49 12.11
N GLY B 103 -18.83 6.74 12.84
CA GLY B 103 -20.11 6.12 12.57
C GLY B 103 -20.82 6.58 11.31
N THR B 104 -20.38 7.71 10.75
CA THR B 104 -20.94 8.24 9.51
C THR B 104 -20.10 7.91 8.28
N ASP B 105 -19.04 7.12 8.45
CA ASP B 105 -18.17 6.72 7.35
C ASP B 105 -18.97 6.01 6.28
N PRO B 106 -19.13 6.64 5.10
CA PRO B 106 -19.99 6.08 4.07
C PRO B 106 -19.43 4.88 3.31
N PHE B 107 -18.20 4.47 3.61
CA PHE B 107 -17.58 3.28 3.02
C PHE B 107 -17.41 2.13 4.01
N VAL B 109 -19.17 -0.82 6.38
CA VAL B 109 -20.37 -1.55 6.78
C VAL B 109 -20.27 -1.70 8.30
N SER B 111 -21.92 -3.01 10.92
CA SER B 111 -22.03 -4.26 11.67
C SER B 111 -20.81 -5.16 11.51
N THR B 112 -20.32 -5.27 10.27
CA THR B 112 -19.08 -5.97 9.97
C THR B 112 -17.86 -5.35 10.65
N PHE B 113 -17.79 -4.02 10.61
CA PHE B 113 -16.66 -3.32 11.18
C PHE B 113 -16.60 -3.51 12.69
N LEU B 114 -17.74 -3.40 13.35
CA LEU B 114 -17.81 -3.53 14.81
C LEU B 114 -17.39 -4.93 15.26
N ARG B 115 -17.85 -5.91 14.49
CA ARG B 115 -17.47 -7.29 14.63
C ARG B 115 -15.97 -7.46 14.51
N GLU B 116 -15.38 -6.83 13.51
CA GLU B 116 -13.95 -6.93 13.32
C GLU B 116 -13.21 -6.36 14.53
N LEU B 117 -13.70 -5.23 15.03
CA LEU B 117 -13.07 -4.56 16.16
C LEU B 117 -13.11 -5.42 17.42
N LYS B 118 -14.23 -6.10 17.64
CA LYS B 118 -14.37 -7.03 18.77
C LYS B 118 -13.37 -8.19 18.65
N GLU B 119 -13.31 -8.78 17.46
CA GLU B 119 -12.39 -9.86 17.17
C GLU B 119 -10.93 -9.45 17.40
N ILE B 120 -10.57 -8.25 16.94
CA ILE B 120 -9.22 -7.68 17.12
C ILE B 120 -8.86 -7.55 18.62
N GLY B 121 -9.85 -7.39 19.47
CA GLY B 121 -9.61 -7.34 20.91
C GLY B 121 -9.97 -6.05 21.60
N PHE B 122 -10.69 -5.15 20.93
CA PHE B 122 -11.18 -3.96 21.58
C PHE B 122 -12.32 -4.34 22.52
N ALA B 123 -12.29 -3.77 23.73
CA ALA B 123 -13.34 -3.99 24.73
C ALA B 123 -14.65 -3.28 24.38
N GLY B 124 -14.56 -2.23 23.59
CA GLY B 124 -15.72 -1.46 23.28
C GLY B 124 -15.43 -0.35 22.32
N VAL B 125 -16.39 0.56 22.18
CA VAL B 125 -16.29 1.63 21.20
C VAL B 125 -16.81 2.96 21.70
N GLN B 126 -16.39 4.01 20.99
CA GLN B 126 -16.86 5.37 21.18
C GLN B 126 -17.15 5.97 19.80
N ASN B 127 -18.06 6.95 19.74
CA ASN B 127 -18.28 7.70 18.51
C ASN B 127 -17.24 8.81 18.36
N PHE B 128 -16.07 8.45 17.83
CA PHE B 128 -15.10 9.44 17.39
C PHE B 128 -14.34 9.03 16.11
N PRO B 129 -14.20 9.96 15.13
CA PRO B 129 -14.72 11.34 15.13
C PRO B 129 -16.24 11.42 15.13
N THR B 130 -16.75 12.48 15.74
CA THR B 130 -18.19 12.70 15.88
C THR B 130 -18.58 14.04 15.27
N VAL B 131 -19.70 14.04 14.55
CA VAL B 131 -20.27 15.25 13.97
C VAL B 131 -20.86 16.18 15.04
N GLY B 132 -20.96 15.66 16.26
CA GLY B 132 -21.44 16.43 17.40
C GLY B 132 -20.62 17.66 17.73
N LEU B 133 -19.34 17.64 17.37
CA LEU B 133 -18.46 18.80 17.51
C LEU B 133 -18.66 19.86 16.43
N ILE B 134 -19.43 19.54 15.40
CA ILE B 134 -19.65 20.45 14.29
C ILE B 134 -21.00 21.12 14.52
N ASP B 135 -21.07 22.43 14.24
CA ASP B 135 -22.25 23.23 14.50
C ASP B 135 -22.60 24.04 13.24
N GLY B 136 -23.58 24.93 13.38
CA GLY B 136 -23.94 25.86 12.29
C GLY B 136 -24.60 25.21 11.09
N LEU B 137 -24.56 25.91 9.97
CA LEU B 137 -25.21 25.44 8.76
C LEU B 137 -24.50 24.24 8.20
N PHE B 138 -23.18 24.20 8.39
CA PHE B 138 -22.38 23.09 7.92
C PHE B 138 -22.87 21.77 8.53
N ARG B 139 -23.12 21.78 9.83
CA ARG B 139 -23.65 20.64 10.57
C ARG B 139 -25.05 20.28 10.08
N GLN B 140 -25.86 21.30 9.82
CA GLN B 140 -27.20 21.06 9.32
C GLN B 140 -27.13 20.34 7.98
N ASN B 141 -26.21 20.78 7.11
CA ASN B 141 -26.03 20.16 5.81
C ASN B 141 -25.62 18.68 5.95
N LEU B 142 -24.64 18.43 6.82
CA LEU B 142 -24.23 17.06 7.10
C LEU B 142 -25.42 16.18 7.57
N GLU B 143 -26.23 16.72 8.47
CA GLU B 143 -27.39 16.00 9.01
C GLU B 143 -28.37 15.66 7.92
N GLU B 144 -28.54 16.58 6.97
CA GLU B 144 -29.47 16.41 5.86
C GLU B 144 -28.91 15.57 4.73
N THR B 145 -27.59 15.38 4.66
CA THR B 145 -27.00 14.62 3.55
C THR B 145 -26.32 13.31 3.99
N GLY B 146 -26.91 12.66 5.00
CA GLY B 146 -26.44 11.35 5.47
C GLY B 146 -25.19 11.30 6.34
N SER B 148 -25.18 12.22 9.89
CA SER B 148 -25.92 12.67 11.05
CA SER B 148 -25.92 12.67 11.05
C SER B 148 -25.42 12.01 12.34
N TYR B 149 -25.69 12.66 13.46
CA TYR B 149 -25.38 12.09 14.78
C TYR B 149 -26.22 10.84 15.05
N ALA B 150 -27.39 10.76 14.41
CA ALA B 150 -28.28 9.58 14.48
C ALA B 150 -27.61 8.31 13.96
N GLN B 151 -26.78 8.44 12.96
CA GLN B 151 -26.00 7.29 12.48
C GLN B 151 -24.99 6.83 13.51
N GLU B 152 -24.44 7.79 14.27
CA GLU B 152 -23.51 7.45 15.36
C GLU B 152 -24.25 6.74 16.52
N VAL B 153 -25.46 7.22 16.82
CA VAL B 153 -26.37 6.56 17.79
C VAL B 153 -26.67 5.12 17.38
N GLU B 154 -27.07 4.94 16.12
CA GLU B 154 -27.28 3.61 15.54
C GLU B 154 -26.04 2.71 15.68
N ILE B 156 -23.68 2.91 17.98
CA ILE B 156 -23.57 2.53 19.38
C ILE B 156 -24.61 1.46 19.75
N ALA B 157 -25.84 1.62 19.26
CA ALA B 157 -26.89 0.59 19.35
C ALA B 157 -26.41 -0.76 18.84
N GLU B 158 -25.88 -0.80 17.62
CA GLU B 158 -25.32 -2.03 17.09
C GLU B 158 -24.16 -2.56 17.94
N ALA B 159 -23.28 -1.66 18.38
CA ALA B 159 -22.16 -2.07 19.21
C ALA B 159 -22.68 -2.72 20.49
N HIS B 160 -23.69 -2.12 21.10
CA HIS B 160 -24.29 -2.65 22.33
C HIS B 160 -24.90 -4.04 22.15
N LYS B 161 -25.58 -4.26 21.02
CA LYS B 161 -26.10 -5.60 20.67
C LYS B 161 -25.01 -6.66 20.55
N LEU B 162 -23.81 -6.24 20.19
CA LEU B 162 -22.65 -7.12 20.15
C LEU B 162 -21.94 -7.29 21.51
N ASP B 163 -22.55 -6.77 22.57
CA ASP B 163 -21.96 -6.79 23.92
C ASP B 163 -20.59 -6.06 24.00
N LEU B 164 -20.42 -5.03 23.17
CA LEU B 164 -19.27 -4.16 23.28
C LEU B 164 -19.62 -3.08 24.29
N LEU B 165 -18.63 -2.70 25.10
CA LEU B 165 -18.77 -1.54 25.96
C LEU B 165 -18.89 -0.30 25.08
N THR B 166 -19.79 0.60 25.43
CA THR B 166 -20.03 1.81 24.65
C THR B 166 -19.89 3.03 25.56
N THR B 167 -19.06 3.98 25.15
CA THR B 167 -18.77 5.19 25.94
C THR B 167 -18.89 6.45 25.06
N PRO B 168 -20.08 6.66 24.48
CA PRO B 168 -20.29 7.74 23.52
C PRO B 168 -20.19 9.15 24.07
N TYR B 169 -19.75 10.07 23.21
CA TYR B 169 -19.87 11.50 23.46
C TYR B 169 -21.29 11.96 23.19
N VAL B 170 -21.82 12.81 24.08
CA VAL B 170 -23.14 13.41 23.95
C VAL B 170 -22.93 14.91 24.15
N PHE B 171 -23.70 15.73 23.47
CA PHE B 171 -23.46 17.19 23.49
C PHE B 171 -24.67 17.97 23.96
N SER B 172 -25.72 17.24 24.33
CA SER B 172 -27.00 17.82 24.71
C SER B 172 -27.82 16.74 25.43
N PRO B 173 -28.82 17.16 26.23
CA PRO B 173 -29.71 16.20 26.87
C PRO B 173 -30.43 15.30 25.88
N GLU B 174 -30.71 15.84 24.69
CA GLU B 174 -31.33 15.08 23.62
C GLU B 174 -30.35 13.98 23.14
N ASP B 175 -29.08 14.34 22.98
CA ASP B 175 -28.05 13.34 22.68
C ASP B 175 -27.98 12.32 23.84
N ALA B 176 -28.04 12.80 25.07
CA ALA B 176 -27.99 11.94 26.25
C ALA B 176 -29.11 10.88 26.26
N VAL B 177 -30.32 11.27 25.88
CA VAL B 177 -31.44 10.32 25.82
C VAL B 177 -31.25 9.31 24.69
N ALA B 178 -30.85 9.78 23.52
CA ALA B 178 -30.68 8.88 22.38
C ALA B 178 -29.63 7.80 22.70
N ALA B 180 -28.55 6.92 25.75
CA ALA B 180 -29.11 6.12 26.85
C ALA B 180 -30.01 5.03 26.28
N LYS B 181 -30.94 5.43 25.41
CA LYS B 181 -31.84 4.49 24.73
C LYS B 181 -31.11 3.48 23.83
N ALA B 182 -29.94 3.87 23.31
CA ALA B 182 -29.10 3.01 22.45
C ALA B 182 -28.43 1.88 23.23
N GLY B 183 -28.39 2.00 24.56
CA GLY B 183 -27.76 1.00 25.43
C GLY B 183 -26.37 1.39 25.87
N ALA B 184 -26.04 2.68 25.79
CA ALA B 184 -24.70 3.15 26.14
C ALA B 184 -24.41 2.83 27.59
N ASP B 185 -23.19 2.39 27.88
CA ASP B 185 -22.79 2.10 29.26
C ASP B 185 -22.37 3.37 30.00
N ILE B 186 -21.65 4.22 29.30
CA ILE B 186 -21.13 5.46 29.86
C ILE B 186 -21.44 6.55 28.86
N LEU B 187 -21.87 7.71 29.33
CA LEU B 187 -22.00 8.89 28.48
C LEU B 187 -20.90 9.86 28.85
N VAL B 188 -20.14 10.32 27.86
CA VAL B 188 -19.12 11.33 28.09
C VAL B 188 -19.73 12.65 27.64
N CYS B 189 -20.08 13.49 28.62
CA CYS B 189 -20.60 14.81 28.31
C CYS B 189 -19.47 15.68 27.79
N HIS B 190 -19.56 16.04 26.50
CA HIS B 190 -18.50 16.79 25.81
C HIS B 190 -18.82 18.28 25.72
N GLY B 192 -16.97 20.77 24.26
CA GLY B 192 -16.27 21.46 23.17
C GLY B 192 -14.77 21.23 23.24
N LEU B 193 -14.03 21.88 22.35
CA LEU B 193 -12.55 21.73 22.29
C LEU B 193 -11.90 22.29 23.57
N THR B 194 -11.06 21.46 24.22
CA THR B 194 -10.48 21.77 25.53
C THR B 194 -9.76 23.12 25.58
N GLY B 204 -14.77 29.51 24.43
CA GLY B 204 -16.00 28.74 24.30
C GLY B 204 -16.92 28.80 25.52
N LYS B 205 -17.32 27.63 26.01
CA LYS B 205 -18.24 27.53 27.16
C LYS B 205 -17.55 27.84 28.49
N SER B 206 -18.31 28.48 29.39
CA SER B 206 -17.85 28.76 30.74
C SER B 206 -18.10 27.57 31.65
N ASP B 208 -19.60 27.46 34.45
CA ASP B 208 -20.99 27.47 34.91
C ASP B 208 -21.91 26.92 33.83
N ASP B 209 -21.65 27.30 32.58
CA ASP B 209 -22.40 26.74 31.45
C ASP B 209 -22.24 25.21 31.42
N CYS B 210 -21.04 24.72 31.73
CA CYS B 210 -20.78 23.26 31.70
C CYS B 210 -21.56 22.56 32.79
N VAL B 211 -21.66 23.18 33.96
CA VAL B 211 -22.32 22.58 35.11
C VAL B 211 -23.80 22.39 34.80
N SER B 212 -24.42 23.43 34.25
CA SER B 212 -25.83 23.38 33.84
C SER B 212 -26.08 22.31 32.78
N LEU B 213 -25.21 22.26 31.78
CA LEU B 213 -25.43 21.34 30.65
C LEU B 213 -25.24 19.88 31.10
N ILE B 214 -24.19 19.63 31.88
CA ILE B 214 -23.94 18.28 32.37
C ILE B 214 -25.11 17.84 33.24
N ASN B 215 -25.56 18.73 34.11
CA ASN B 215 -26.70 18.45 34.96
C ASN B 215 -27.98 18.22 34.15
N GLU B 216 -28.15 18.94 33.05
CA GLU B 216 -29.26 18.66 32.12
C GLU B 216 -29.14 17.26 31.50
N CYS B 217 -27.91 16.87 31.16
CA CYS B 217 -27.68 15.55 30.55
C CYS B 217 -27.88 14.41 31.53
N ILE B 218 -27.47 14.63 32.77
CA ILE B 218 -27.61 13.63 33.82
C ILE B 218 -29.09 13.41 34.06
N GLU B 219 -29.84 14.51 34.15
CA GLU B 219 -31.31 14.44 34.38
C GLU B 219 -32.06 13.75 33.21
N ALA B 220 -31.65 14.05 31.98
CA ALA B 220 -32.24 13.42 30.79
C ALA B 220 -31.90 11.92 30.68
N ALA B 221 -30.63 11.58 30.90
CA ALA B 221 -30.21 10.16 30.90
C ALA B 221 -31.00 9.36 31.93
N ARG B 222 -31.18 9.97 33.10
CA ARG B 222 -31.88 9.29 34.21
C ARG B 222 -33.32 8.97 33.89
N THR B 223 -33.95 9.73 33.01
CA THR B 223 -35.28 9.38 32.58
C THR B 223 -35.31 8.02 31.87
N ILE B 224 -34.18 7.56 31.35
CA ILE B 224 -34.12 6.27 30.68
C ILE B 224 -33.63 5.20 31.65
N ARG B 225 -32.45 5.41 32.23
CA ARG B 225 -31.88 4.48 33.21
C ARG B 225 -31.19 5.22 34.36
N ASP B 226 -31.42 4.75 35.59
CA ASP B 226 -30.79 5.32 36.79
C ASP B 226 -29.29 4.97 36.91
N ASP B 227 -28.86 3.89 36.27
CA ASP B 227 -27.53 3.31 36.54
C ASP B 227 -26.47 3.60 35.46
N ILE B 228 -26.79 4.50 34.54
CA ILE B 228 -25.85 4.91 33.51
C ILE B 228 -24.72 5.78 34.11
N ILE B 229 -23.48 5.53 33.71
CA ILE B 229 -22.33 6.28 34.24
C ILE B 229 -22.08 7.53 33.41
N ILE B 230 -21.82 8.68 34.07
CA ILE B 230 -21.60 9.94 33.37
C ILE B 230 -20.22 10.52 33.69
N LEU B 231 -19.46 10.81 32.64
CA LEU B 231 -18.17 11.48 32.78
C LEU B 231 -18.22 12.83 32.10
N SER B 232 -17.40 13.76 32.55
CA SER B 232 -17.24 15.05 31.88
C SER B 232 -16.03 15.02 30.96
N HIS B 233 -16.02 15.92 29.98
CA HIS B 233 -14.87 16.11 29.11
C HIS B 233 -14.99 17.43 28.37
N GLY B 234 -13.85 18.06 28.11
CA GLY B 234 -13.76 19.17 27.19
C GLY B 234 -14.02 20.57 27.74
N GLY B 235 -13.96 21.53 26.82
CA GLY B 235 -14.19 22.91 27.13
C GLY B 235 -13.18 23.41 28.14
N PRO B 236 -13.67 24.09 29.18
CA PRO B 236 -12.78 24.61 30.23
C PRO B 236 -12.31 23.55 31.25
N ILE B 237 -12.76 22.31 31.12
CA ILE B 237 -12.33 21.24 32.04
C ILE B 237 -10.95 20.77 31.57
N ALA B 238 -9.92 21.50 31.99
CA ALA B 238 -8.54 21.35 31.50
C ALA B 238 -7.65 20.49 32.43
N ASN B 239 -7.97 20.50 33.73
CA ASN B 239 -7.09 19.94 34.72
C ASN B 239 -7.86 19.28 35.86
N PRO B 240 -7.16 18.53 36.73
CA PRO B 240 -7.81 17.87 37.85
C PRO B 240 -8.65 18.78 38.75
N GLU B 241 -8.16 19.98 39.05
CA GLU B 241 -8.95 20.95 39.82
C GLU B 241 -10.28 21.25 39.11
N ASP B 242 -10.23 21.34 37.78
CA ASP B 242 -11.44 21.61 37.00
C ASP B 242 -12.43 20.43 37.06
N ALA B 243 -11.91 19.22 36.85
CA ALA B 243 -12.72 18.01 36.97
C ALA B 243 -13.37 17.90 38.38
N ARG B 244 -12.57 18.19 39.42
CA ARG B 244 -13.04 18.16 40.80
CA ARG B 244 -13.04 18.15 40.80
C ARG B 244 -14.25 19.07 40.91
N PHE B 245 -14.12 20.28 40.36
CA PHE B 245 -15.20 21.28 40.42
C PHE B 245 -16.49 20.70 39.84
N ILE B 246 -16.38 20.02 38.71
CA ILE B 246 -17.54 19.36 38.10
C ILE B 246 -18.11 18.28 39.04
N LEU B 247 -17.26 17.48 39.67
CA LEU B 247 -17.75 16.47 40.60
C LEU B 247 -18.51 17.14 41.74
N ASP B 248 -17.95 18.23 42.27
CA ASP B 248 -18.61 18.99 43.33
C ASP B 248 -19.92 19.61 42.84
N SER B 249 -19.95 20.05 41.59
CA SER B 249 -21.10 20.80 41.06
C SER B 249 -22.20 19.91 40.44
N CYS B 250 -21.83 18.68 40.07
CA CYS B 250 -22.75 17.79 39.35
C CYS B 250 -22.88 16.45 40.03
N GLN B 251 -23.81 16.37 40.97
CA GLN B 251 -23.99 15.17 41.81
C GLN B 251 -24.02 13.85 41.01
N GLY B 252 -24.78 13.80 39.91
CA GLY B 252 -24.83 12.57 39.09
C GLY B 252 -23.61 12.23 38.23
N CYS B 253 -22.60 13.09 38.24
CA CYS B 253 -21.41 12.84 37.43
C CYS B 253 -20.37 12.08 38.23
N HIS B 254 -19.80 11.04 37.64
CA HIS B 254 -18.95 10.14 38.40
C HIS B 254 -17.55 9.95 37.83
N GLY B 255 -17.04 10.97 37.14
CA GLY B 255 -15.70 10.94 36.59
C GLY B 255 -15.43 11.88 35.44
N PHE B 256 -14.36 11.57 34.72
CA PHE B 256 -13.75 12.44 33.72
C PHE B 256 -13.06 11.62 32.65
N TYR B 257 -13.19 12.07 31.40
CA TYR B 257 -12.44 11.52 30.27
C TYR B 257 -11.50 12.60 29.80
N GLY B 258 -10.20 12.28 29.74
CA GLY B 258 -9.19 13.21 29.23
C GLY B 258 -8.39 12.57 28.12
N ALA B 259 -7.95 13.39 27.17
CA ALA B 259 -7.15 12.94 26.05
C ALA B 259 -6.01 13.95 25.86
N SER B 260 -6.33 15.13 25.33
CA SER B 260 -5.37 16.22 25.30
C SER B 260 -4.69 16.43 26.65
N SER B 261 -5.49 16.45 27.72
CA SER B 261 -4.97 16.73 29.07
C SER B 261 -4.23 15.53 29.67
N GLU B 263 -2.33 13.03 27.85
CA GLU B 263 -1.09 12.64 27.20
C GLU B 263 -0.36 13.76 26.48
N ARG B 264 -1.05 14.65 25.77
CA ARG B 264 -0.33 15.65 24.98
C ARG B 264 0.39 16.67 25.87
N LEU B 265 -0.33 17.30 26.79
CA LEU B 265 0.28 18.36 27.58
C LEU B 265 1.40 17.84 28.49
N PRO B 266 1.14 16.72 29.20
CA PRO B 266 2.21 16.09 29.99
C PRO B 266 3.48 15.74 29.21
N ALA B 267 3.32 15.10 28.05
CA ALA B 267 4.46 14.66 27.27
C ALA B 267 5.21 15.86 26.73
N GLU B 268 4.46 16.77 26.12
CA GLU B 268 4.99 18.06 25.62
C GLU B 268 5.91 18.75 26.62
N GLU B 269 5.37 19.00 27.80
CA GLU B 269 6.11 19.78 28.78
C GLU B 269 7.33 18.99 29.27
N ALA B 270 7.21 17.66 29.34
CA ALA B 270 8.25 16.83 29.92
C ALA B 270 9.43 16.72 28.96
N ILE B 271 9.14 16.55 27.66
CA ILE B 271 10.20 16.43 26.66
C ILE B 271 10.92 17.77 26.50
N ARG B 272 10.16 18.86 26.51
CA ARG B 272 10.77 20.19 26.47
C ARG B 272 11.70 20.40 27.65
N SER B 273 11.22 20.12 28.86
CA SER B 273 12.05 20.33 30.06
C SER B 273 13.31 19.47 30.06
N GLN B 274 13.18 18.22 29.68
CA GLN B 274 14.33 17.33 29.61
C GLN B 274 15.39 17.84 28.62
N THR B 275 14.92 18.32 27.47
CA THR B 275 15.76 18.88 26.43
C THR B 275 16.50 20.09 26.98
N LEU B 276 15.78 20.96 27.69
CA LEU B 276 16.40 22.14 28.32
C LEU B 276 17.44 21.79 29.40
N ALA B 277 17.14 20.78 30.19
CA ALA B 277 18.05 20.24 31.19
C ALA B 277 19.38 19.77 30.56
N PHE B 278 19.31 19.02 29.48
CA PHE B 278 20.50 18.66 28.71
C PHE B 278 21.21 19.86 28.10
N LYS B 279 20.47 20.81 27.55
CA LYS B 279 21.10 22.00 26.99
C LYS B 279 21.71 22.91 28.07
N ALA B 280 21.31 22.74 29.34
CA ALA B 280 21.77 23.58 30.41
C ALA B 280 23.11 23.10 31.00
N ILE B 281 23.56 21.90 30.63
CA ILE B 281 24.79 21.39 31.24
C ILE B 281 25.99 22.21 30.77
N ARG B 282 26.92 22.45 31.69
CA ARG B 282 28.16 23.14 31.36
C ARG B 282 29.33 22.37 31.91
N ARG B 283 30.26 22.01 31.04
CA ARG B 283 31.48 21.37 31.48
C ARG B 283 32.30 22.30 32.37
N GLN B 284 33.12 21.71 33.20
CA GLN B 284 34.05 22.43 34.05
C GLN B 284 35.00 23.21 33.13
N PRO B 285 35.57 24.32 33.61
CA PRO B 285 36.51 25.07 32.78
C PRO B 285 37.67 24.22 32.27
N ALA B 286 38.18 24.52 31.09
CA ALA B 286 39.35 23.84 30.50
C ALA B 286 40.62 24.20 31.27
N ARG C 10 -30.85 -10.85 4.05
CA ARG C 10 -30.06 -11.13 2.81
C ARG C 10 -30.61 -12.35 2.06
N PRO C 11 -31.04 -12.18 0.79
CA PRO C 11 -31.66 -13.29 0.05
C PRO C 11 -30.74 -14.45 -0.24
N THR C 12 -31.29 -15.65 -0.22
CA THR C 12 -30.55 -16.85 -0.64
C THR C 12 -30.49 -16.90 -2.18
N ARG C 13 -29.50 -17.62 -2.70
CA ARG C 13 -29.41 -17.88 -4.14
C ARG C 13 -30.73 -18.38 -4.72
N SER C 14 -31.39 -19.32 -4.02
CA SER C 14 -32.67 -19.89 -4.46
C SER C 14 -33.75 -18.86 -4.61
N GLU C 15 -33.79 -17.96 -3.63
CA GLU C 15 -34.75 -16.85 -3.65
C GLU C 15 -34.51 -15.92 -4.81
N LEU C 16 -33.24 -15.67 -5.13
CA LEU C 16 -32.88 -14.82 -6.27
C LEU C 16 -33.28 -15.49 -7.57
N VAL C 17 -32.98 -16.78 -7.71
CA VAL C 17 -33.39 -17.52 -8.89
C VAL C 17 -34.91 -17.58 -9.03
N ASP C 18 -35.63 -17.87 -7.94
CA ASP C 18 -37.11 -17.81 -7.92
C ASP C 18 -37.67 -16.46 -8.36
N ARG C 19 -37.05 -15.40 -7.89
CA ARG C 19 -37.42 -14.04 -8.26
C ARG C 19 -37.28 -13.83 -9.77
N PHE C 20 -36.14 -14.24 -10.33
CA PHE C 20 -35.88 -14.01 -11.75
C PHE C 20 -36.86 -14.84 -12.58
N GLN C 21 -37.04 -16.08 -12.15
CA GLN C 21 -37.88 -17.05 -12.84
C GLN C 21 -39.37 -16.62 -12.83
N LYS C 22 -39.78 -15.99 -11.74
CA LYS C 22 -41.11 -15.40 -11.65
C LYS C 22 -41.33 -14.31 -12.72
N LYS C 23 -40.32 -13.48 -12.96
CA LYS C 23 -40.41 -12.46 -14.03
C LYS C 23 -40.50 -13.11 -15.38
N ILE C 24 -39.68 -14.12 -15.60
CA ILE C 24 -39.65 -14.80 -16.85
C ILE C 24 -40.99 -15.45 -17.15
N ARG C 25 -41.57 -16.11 -16.15
CA ARG C 25 -42.85 -16.80 -16.32
C ARG C 25 -43.97 -15.80 -16.68
N ALA C 26 -43.85 -14.58 -16.15
CA ALA C 26 -44.76 -13.47 -16.41
C ALA C 26 -44.47 -12.73 -17.71
N GLY C 27 -43.50 -13.20 -18.50
CA GLY C 27 -43.24 -12.65 -19.82
C GLY C 27 -42.37 -11.39 -19.83
N GLU C 28 -41.58 -11.18 -18.78
CA GLU C 28 -40.72 -10.02 -18.67
C GLU C 28 -39.26 -10.40 -18.74
N PRO C 29 -38.45 -9.62 -19.49
CA PRO C 29 -37.01 -9.93 -19.51
C PRO C 29 -36.25 -9.56 -18.25
N ILE C 30 -35.22 -10.35 -17.99
CA ILE C 30 -34.23 -10.11 -16.96
C ILE C 30 -33.15 -9.17 -17.52
N ILE C 31 -32.92 -8.08 -16.80
CA ILE C 31 -31.87 -7.13 -17.19
C ILE C 31 -30.78 -7.09 -16.12
N GLY C 32 -29.56 -7.38 -16.58
CA GLY C 32 -28.38 -7.31 -15.75
C GLY C 32 -27.54 -6.14 -16.23
N GLY C 33 -26.81 -5.54 -15.31
CA GLY C 33 -25.96 -4.42 -15.65
C GLY C 33 -24.57 -4.45 -15.02
N GLY C 34 -23.60 -3.92 -15.76
CA GLY C 34 -22.28 -3.62 -15.23
C GLY C 34 -22.28 -2.27 -14.57
N ALA C 35 -21.61 -2.19 -13.41
CA ALA C 35 -21.37 -0.92 -12.74
C ALA C 35 -19.89 -0.79 -12.45
N GLY C 36 -19.31 0.35 -12.81
CA GLY C 36 -17.91 0.61 -12.56
C GLY C 36 -17.65 1.65 -11.48
N THR C 37 -18.74 2.27 -11.01
CA THR C 37 -18.71 3.26 -9.92
C THR C 37 -19.90 2.98 -9.02
N GLY C 38 -19.85 3.54 -7.82
CA GLY C 38 -21.01 3.49 -6.93
C GLY C 38 -22.22 4.25 -7.47
N LEU C 39 -22.00 5.37 -8.13
CA LEU C 39 -23.14 6.11 -8.72
C LEU C 39 -23.83 5.27 -9.79
N SER C 40 -23.05 4.54 -10.57
CA SER C 40 -23.61 3.69 -11.62
C SER C 40 -24.52 2.65 -10.98
N ALA C 41 -23.99 1.98 -9.97
CA ALA C 41 -24.71 0.88 -9.30
C ALA C 41 -26.00 1.41 -8.71
N LYS C 42 -25.89 2.55 -8.04
CA LYS C 42 -27.03 3.22 -7.43
C LYS C 42 -28.04 3.64 -8.47
N SER C 43 -27.57 4.14 -9.60
CA SER C 43 -28.49 4.57 -10.64
C SER C 43 -29.19 3.37 -11.28
N GLU C 44 -28.50 2.23 -11.40
CA GLU C 44 -29.10 1.00 -11.95
C GLU C 44 -30.16 0.41 -11.00
N GLU C 45 -29.85 0.36 -9.70
CA GLU C 45 -30.87 0.04 -8.69
C GLU C 45 -32.04 1.04 -8.73
N ALA C 46 -31.76 2.31 -9.00
CA ALA C 46 -32.83 3.31 -9.10
C ALA C 46 -33.79 2.98 -10.26
N GLY C 47 -33.29 2.29 -11.28
CA GLY C 47 -34.13 1.82 -12.40
C GLY C 47 -34.58 0.38 -12.25
N ASP C 48 -34.54 -0.15 -11.03
CA ASP C 48 -35.00 -1.52 -10.74
C ASP C 48 -34.36 -2.58 -11.63
N ILE C 49 -33.07 -2.41 -11.91
CA ILE C 49 -32.29 -3.43 -12.59
C ILE C 49 -32.36 -4.73 -11.77
N ASP C 50 -32.24 -5.86 -12.46
CA ASP C 50 -32.38 -7.16 -11.82
C ASP C 50 -31.14 -7.64 -11.12
N LEU C 51 -29.98 -7.29 -11.64
CA LEU C 51 -28.75 -7.67 -10.97
C LEU C 51 -27.63 -6.78 -11.48
N ILE C 52 -26.58 -6.61 -10.66
CA ILE C 52 -25.42 -5.76 -10.97
C ILE C 52 -24.14 -6.57 -10.84
N VAL C 53 -23.25 -6.42 -11.82
CA VAL C 53 -21.92 -7.06 -11.76
C VAL C 53 -20.85 -5.98 -11.84
N ILE C 54 -19.86 -6.06 -10.98
CA ILE C 54 -18.77 -5.10 -10.93
C ILE C 54 -17.43 -5.80 -11.16
N TYR C 55 -16.54 -5.12 -11.88
CA TYR C 55 -15.20 -5.63 -12.16
C TYR C 55 -14.36 -4.56 -12.83
N ASN C 56 -13.09 -4.87 -13.05
CA ASN C 56 -12.11 -3.86 -13.48
C ASN C 56 -12.51 -3.13 -14.73
N SER C 57 -13.01 -3.86 -15.71
CA SER C 57 -13.42 -3.22 -16.98
C SER C 57 -14.52 -2.20 -16.77
N GLY C 58 -15.34 -2.37 -15.75
CA GLY C 58 -16.35 -1.34 -15.42
C GLY C 58 -15.66 -0.05 -15.01
N ARG C 59 -14.77 -0.21 -14.05
CA ARG C 59 -13.98 0.91 -13.56
C ARG C 59 -13.20 1.57 -14.69
N TYR C 60 -12.59 0.77 -15.56
CA TYR C 60 -11.74 1.30 -16.61
C TYR C 60 -12.55 2.03 -17.70
N ARG C 61 -13.73 1.53 -18.02
CA ARG C 61 -14.64 2.23 -18.93
C ARG C 61 -15.09 3.56 -18.36
N ALA C 63 -13.30 5.25 -16.43
CA ALA C 63 -12.10 6.07 -16.53
C ALA C 63 -11.82 6.55 -17.96
N GLY C 64 -12.69 6.20 -18.90
CA GLY C 64 -12.54 6.64 -20.27
C GLY C 64 -11.66 5.76 -21.14
N ARG C 65 -11.33 4.57 -20.66
CA ARG C 65 -10.52 3.63 -21.41
C ARG C 65 -11.42 2.57 -22.10
N GLY C 66 -10.79 1.71 -22.90
CA GLY C 66 -11.49 0.67 -23.63
C GLY C 66 -11.82 -0.51 -22.73
N SER C 67 -12.90 -1.21 -23.07
CA SER C 67 -13.31 -2.40 -22.32
C SER C 67 -12.19 -3.43 -22.18
N LEU C 68 -11.40 -3.65 -23.24
CA LEU C 68 -10.41 -4.74 -23.22
C LEU C 68 -9.19 -4.45 -22.36
N ALA C 69 -9.07 -3.21 -21.90
CA ALA C 69 -8.06 -2.84 -20.91
C ALA C 69 -8.12 -3.72 -19.67
N GLY C 70 -9.31 -4.20 -19.34
CA GLY C 70 -9.51 -5.11 -18.22
C GLY C 70 -8.91 -6.50 -18.36
N LEU C 71 -8.44 -6.87 -19.57
CA LEU C 71 -7.84 -8.19 -19.83
C LEU C 71 -6.33 -8.24 -19.73
N LEU C 72 -5.69 -7.07 -19.75
CA LEU C 72 -4.26 -6.98 -19.97
C LEU C 72 -3.54 -6.60 -18.67
N ALA C 73 -2.23 -6.42 -18.72
CA ALA C 73 -1.40 -6.37 -17.51
C ALA C 73 -1.28 -4.94 -17.00
N TYR C 74 -2.43 -4.33 -16.79
CA TYR C 74 -2.50 -2.99 -16.27
C TYR C 74 -2.94 -3.02 -14.81
N GLY C 75 -3.22 -4.19 -14.28
CA GLY C 75 -3.67 -4.32 -12.90
C GLY C 75 -4.06 -5.73 -12.55
N ASN C 76 -4.24 -6.00 -11.25
CA ASN C 76 -4.72 -7.29 -10.78
C ASN C 76 -6.22 -7.25 -10.68
N ALA C 77 -6.91 -7.89 -11.62
CA ALA C 77 -8.37 -7.84 -11.65
C ALA C 77 -8.99 -8.23 -10.32
N ASN C 78 -8.49 -9.28 -9.68
CA ASN C 78 -9.13 -9.82 -8.49
C ASN C 78 -8.98 -8.87 -7.29
N GLN C 79 -7.86 -8.16 -7.22
CA GLN C 79 -7.67 -7.16 -6.17
C GLN C 79 -8.59 -5.95 -6.40
N ILE C 80 -8.70 -5.55 -7.65
CA ILE C 80 -9.53 -4.41 -8.02
C ILE C 80 -11.00 -4.66 -7.64
N VAL C 81 -11.52 -5.86 -7.87
CA VAL C 81 -12.97 -6.12 -7.60
C VAL C 81 -13.26 -6.07 -6.08
N VAL C 82 -12.31 -6.54 -5.28
CA VAL C 82 -12.38 -6.38 -3.81
C VAL C 82 -12.32 -4.89 -3.44
N ASP C 83 -11.39 -4.14 -4.04
CA ASP C 83 -11.31 -2.69 -3.81
C ASP C 83 -12.60 -1.94 -4.16
N ALA C 85 -15.65 -3.13 -3.97
CA ALA C 85 -16.78 -3.52 -3.11
C ALA C 85 -17.26 -2.38 -2.21
N ARG C 86 -16.30 -1.66 -1.64
CA ARG C 86 -16.45 -0.52 -0.73
CA ARG C 86 -16.60 -0.59 -0.69
C ARG C 86 -17.25 0.61 -1.36
N GLU C 87 -17.01 0.78 -2.66
CA GLU C 87 -17.65 1.83 -3.44
C GLU C 87 -19.09 1.47 -3.76
N VAL C 88 -19.36 0.19 -4.00
CA VAL C 88 -20.64 -0.25 -4.53
C VAL C 88 -21.57 -0.89 -3.48
N LEU C 89 -21.08 -1.86 -2.74
CA LEU C 89 -21.99 -2.63 -1.90
C LEU C 89 -22.80 -1.79 -0.95
N PRO C 90 -22.18 -0.78 -0.29
CA PRO C 90 -22.92 0.02 0.68
C PRO C 90 -23.98 0.95 0.08
N VAL C 91 -23.93 1.22 -1.23
CA VAL C 91 -24.95 2.07 -1.83
C VAL C 91 -26.08 1.29 -2.55
N VAL C 92 -26.00 -0.04 -2.57
CA VAL C 92 -27.03 -0.87 -3.20
C VAL C 92 -27.75 -1.56 -2.06
N ARG C 93 -29.05 -1.37 -2.02
CA ARG C 93 -29.84 -1.69 -0.87
C ARG C 93 -30.73 -2.91 -1.07
N HIS C 94 -31.12 -3.21 -2.31
CA HIS C 94 -32.09 -4.30 -2.55
C HIS C 94 -31.93 -5.00 -3.90
N THR C 95 -30.71 -5.05 -4.41
CA THR C 95 -30.40 -5.67 -5.71
C THR C 95 -29.19 -6.56 -5.48
N PRO C 96 -29.17 -7.77 -6.06
CA PRO C 96 -27.93 -8.55 -5.99
C PRO C 96 -26.74 -7.90 -6.71
N VAL C 97 -25.59 -7.86 -6.05
CA VAL C 97 -24.35 -7.42 -6.67
C VAL C 97 -23.36 -8.59 -6.77
N LEU C 98 -22.87 -8.83 -7.99
CA LEU C 98 -21.96 -9.92 -8.27
C LEU C 98 -20.57 -9.40 -8.52
N ALA C 99 -19.57 -10.22 -8.17
CA ALA C 99 -18.16 -9.92 -8.40
C ALA C 99 -17.66 -10.63 -9.64
N GLY C 100 -17.04 -9.89 -10.55
CA GLY C 100 -16.24 -10.50 -11.59
C GLY C 100 -14.98 -11.11 -10.99
N VAL C 101 -14.72 -12.37 -11.31
CA VAL C 101 -13.61 -13.10 -10.77
C VAL C 101 -12.78 -13.58 -11.94
N ASN C 102 -11.46 -13.37 -11.84
CA ASN C 102 -10.51 -13.76 -12.87
C ASN C 102 -10.08 -15.20 -12.60
N GLY C 103 -10.80 -16.13 -13.20
CA GLY C 103 -10.64 -17.56 -12.89
C GLY C 103 -9.27 -18.15 -13.20
N THR C 104 -8.48 -17.53 -14.06
CA THR C 104 -7.17 -18.08 -14.43
C THR C 104 -6.02 -17.44 -13.66
N ASP C 105 -6.36 -16.55 -12.71
CA ASP C 105 -5.38 -15.89 -11.88
C ASP C 105 -4.47 -16.93 -11.18
N PRO C 106 -3.17 -16.94 -11.49
CA PRO C 106 -2.31 -17.98 -10.96
C PRO C 106 -1.96 -17.83 -9.49
N PHE C 107 -2.24 -16.66 -8.89
CA PHE C 107 -1.85 -16.35 -7.53
C PHE C 107 -3.03 -16.24 -6.56
N VAL C 109 -6.19 -18.44 -4.70
CA VAL C 109 -6.77 -19.74 -4.33
C VAL C 109 -8.28 -19.57 -4.42
N SER C 111 -11.01 -21.26 -3.77
CA SER C 111 -11.86 -21.60 -2.64
C SER C 111 -11.85 -20.50 -1.59
N THR C 112 -10.69 -20.10 -1.14
CA THR C 112 -10.62 -19.08 -0.09
C THR C 112 -11.05 -17.69 -0.62
N PHE C 113 -10.76 -17.40 -1.88
CA PHE C 113 -11.18 -16.11 -2.48
C PHE C 113 -12.70 -15.99 -2.61
N LEU C 114 -13.34 -17.09 -3.01
CA LEU C 114 -14.78 -17.11 -3.17
C LEU C 114 -15.50 -16.99 -1.82
N ARG C 115 -14.95 -17.63 -0.79
CA ARG C 115 -15.46 -17.45 0.57
C ARG C 115 -15.35 -15.99 1.01
N GLU C 116 -14.22 -15.35 0.70
CA GLU C 116 -14.02 -13.93 1.03
C GLU C 116 -15.10 -13.04 0.38
N LEU C 117 -15.32 -13.24 -0.92
CA LEU C 117 -16.30 -12.49 -1.67
C LEU C 117 -17.70 -12.67 -1.11
N LYS C 118 -18.05 -13.91 -0.79
CA LYS C 118 -19.32 -14.20 -0.15
C LYS C 118 -19.42 -13.41 1.15
N GLU C 119 -18.38 -13.50 1.98
CA GLU C 119 -18.35 -12.83 3.28
C GLU C 119 -18.40 -11.31 3.16
N ILE C 120 -17.66 -10.75 2.20
CA ILE C 120 -17.68 -9.30 1.87
C ILE C 120 -19.08 -8.79 1.49
N GLY C 121 -19.94 -9.67 0.96
CA GLY C 121 -21.35 -9.32 0.70
C GLY C 121 -21.82 -9.42 -0.76
N PHE C 122 -20.98 -9.96 -1.63
CA PHE C 122 -21.38 -10.17 -3.03
C PHE C 122 -22.38 -11.32 -3.07
N ALA C 123 -23.37 -11.21 -3.96
CA ALA C 123 -24.42 -12.21 -4.06
C ALA C 123 -23.96 -13.39 -4.89
N GLY C 124 -22.93 -13.12 -5.72
CA GLY C 124 -22.50 -14.08 -6.69
C GLY C 124 -21.28 -13.67 -7.47
N VAL C 125 -20.93 -14.44 -8.47
CA VAL C 125 -19.78 -14.12 -9.28
C VAL C 125 -20.00 -14.35 -10.76
N GLN C 126 -19.12 -13.78 -11.57
CA GLN C 126 -19.09 -13.99 -13.01
C GLN C 126 -17.63 -14.20 -13.39
N ASN C 127 -17.37 -14.96 -14.45
CA ASN C 127 -15.99 -15.06 -14.98
C ASN C 127 -15.64 -13.84 -15.80
N PHE C 128 -15.09 -12.85 -15.12
CA PHE C 128 -14.52 -11.73 -15.82
C PHE C 128 -13.38 -11.12 -15.01
N PRO C 129 -12.25 -10.83 -15.68
CA PRO C 129 -11.92 -11.04 -17.10
C PRO C 129 -11.96 -12.51 -17.53
N THR C 130 -12.27 -12.74 -18.80
CA THR C 130 -12.38 -14.08 -19.34
C THR C 130 -11.51 -14.28 -20.58
N VAL C 131 -10.79 -15.40 -20.63
CA VAL C 131 -10.03 -15.78 -21.83
C VAL C 131 -10.94 -16.08 -23.03
N GLY C 132 -12.24 -16.27 -22.78
CA GLY C 132 -13.21 -16.45 -23.86
C GLY C 132 -13.18 -15.33 -24.91
N LEU C 133 -12.76 -14.13 -24.49
CA LEU C 133 -12.65 -12.99 -25.40
C LEU C 133 -11.38 -13.01 -26.25
N ILE C 134 -10.52 -14.00 -26.00
CA ILE C 134 -9.22 -14.08 -26.63
C ILE C 134 -9.27 -15.22 -27.64
N ASP C 135 -8.73 -14.97 -28.84
CA ASP C 135 -8.73 -15.95 -29.95
C ASP C 135 -7.33 -16.17 -30.52
N GLY C 136 -7.25 -16.94 -31.60
CA GLY C 136 -5.99 -17.15 -32.31
C GLY C 136 -5.08 -18.14 -31.64
N LEU C 137 -3.82 -18.12 -32.06
CA LEU C 137 -2.77 -18.94 -31.47
C LEU C 137 -2.46 -18.46 -30.04
N PHE C 138 -2.66 -17.17 -29.78
CA PHE C 138 -2.49 -16.63 -28.43
C PHE C 138 -3.42 -17.34 -27.45
N ARG C 139 -4.71 -17.40 -27.78
CA ARG C 139 -5.66 -18.18 -26.99
C ARG C 139 -5.21 -19.63 -26.83
N GLN C 140 -4.80 -20.27 -27.91
CA GLN C 140 -4.40 -21.67 -27.87
C GLN C 140 -3.25 -21.87 -26.90
N ASN C 141 -2.30 -20.95 -26.95
CA ASN C 141 -1.15 -20.95 -26.02
C ASN C 141 -1.55 -20.82 -24.56
N LEU C 142 -2.46 -19.90 -24.29
CA LEU C 142 -3.00 -19.72 -22.95
C LEU C 142 -3.68 -20.99 -22.44
N GLU C 143 -4.46 -21.64 -23.31
CA GLU C 143 -5.15 -22.88 -22.94
C GLU C 143 -4.16 -23.97 -22.62
N GLU C 144 -3.06 -23.97 -23.35
CA GLU C 144 -2.05 -25.01 -23.20
C GLU C 144 -1.13 -24.78 -22.01
N THR C 145 -1.11 -23.56 -21.45
CA THR C 145 -0.15 -23.21 -20.38
C THR C 145 -0.80 -22.70 -19.09
N GLY C 146 -1.97 -23.26 -18.75
CA GLY C 146 -2.55 -23.05 -17.43
C GLY C 146 -3.46 -21.86 -17.30
N SER C 148 -6.71 -21.55 -19.04
CA SER C 148 -7.82 -22.00 -19.88
C SER C 148 -9.18 -21.60 -19.32
N TYR C 149 -10.11 -21.49 -20.25
CA TYR C 149 -11.51 -21.30 -19.92
C TYR C 149 -12.00 -22.39 -18.94
N ALA C 150 -11.40 -23.57 -19.01
CA ALA C 150 -11.80 -24.67 -18.16
C ALA C 150 -11.52 -24.37 -16.69
N GLN C 151 -10.49 -23.58 -16.44
CA GLN C 151 -10.30 -23.05 -15.08
C GLN C 151 -11.40 -22.06 -14.67
N GLU C 152 -11.90 -21.29 -15.63
CA GLU C 152 -13.05 -20.42 -15.36
C GLU C 152 -14.27 -21.28 -15.01
N VAL C 153 -14.41 -22.43 -15.68
CA VAL C 153 -15.51 -23.34 -15.39
C VAL C 153 -15.38 -23.93 -13.97
N GLU C 154 -14.16 -24.29 -13.59
CA GLU C 154 -13.92 -24.83 -12.27
C GLU C 154 -14.27 -23.79 -11.21
N ILE C 156 -16.45 -21.44 -11.38
CA ILE C 156 -17.91 -21.34 -11.29
C ILE C 156 -18.46 -22.56 -10.53
N ALA C 157 -17.89 -23.75 -10.78
CA ALA C 157 -18.32 -24.95 -10.09
C ALA C 157 -18.19 -24.78 -8.60
N GLU C 158 -17.03 -24.26 -8.18
CA GLU C 158 -16.75 -24.01 -6.78
C GLU C 158 -17.65 -22.95 -6.20
N ALA C 159 -17.91 -21.88 -6.97
CA ALA C 159 -18.77 -20.82 -6.48
C ALA C 159 -20.17 -21.38 -6.22
N HIS C 160 -20.66 -22.19 -7.15
CA HIS C 160 -21.95 -22.85 -7.02
C HIS C 160 -22.01 -23.69 -5.75
N LYS C 161 -20.95 -24.45 -5.48
CA LYS C 161 -20.89 -25.26 -4.28
C LYS C 161 -20.95 -24.41 -3.01
N LEU C 162 -20.45 -23.18 -3.06
CA LEU C 162 -20.60 -22.21 -1.96
C LEU C 162 -21.98 -21.52 -1.91
N ASP C 163 -22.88 -21.91 -2.79
CA ASP C 163 -24.23 -21.33 -2.90
C ASP C 163 -24.22 -19.85 -3.30
N LEU C 164 -23.19 -19.46 -4.06
CA LEU C 164 -23.16 -18.15 -4.73
C LEU C 164 -23.95 -18.21 -6.04
N LEU C 165 -24.60 -17.11 -6.37
CA LEU C 165 -25.23 -16.99 -7.69
C LEU C 165 -24.10 -16.96 -8.70
N THR C 166 -24.25 -17.68 -9.80
CA THR C 166 -23.26 -17.70 -10.86
C THR C 166 -23.89 -17.29 -12.18
N THR C 167 -23.27 -16.31 -12.85
CA THR C 167 -23.76 -15.78 -14.11
C THR C 167 -22.64 -15.70 -15.17
N PRO C 168 -22.03 -16.85 -15.51
CA PRO C 168 -20.87 -16.81 -16.40
C PRO C 168 -21.13 -16.38 -17.85
N TYR C 169 -20.08 -15.90 -18.51
CA TYR C 169 -20.11 -15.70 -19.94
C TYR C 169 -19.76 -17.02 -20.63
N VAL C 170 -20.51 -17.35 -21.68
CA VAL C 170 -20.23 -18.46 -22.55
C VAL C 170 -20.09 -17.91 -23.98
N PHE C 171 -19.24 -18.56 -24.77
CA PHE C 171 -18.93 -18.11 -26.13
C PHE C 171 -19.23 -19.18 -27.16
N SER C 172 -19.67 -20.34 -26.70
CA SER C 172 -19.95 -21.46 -27.59
C SER C 172 -20.87 -22.47 -26.92
N PRO C 173 -21.46 -23.39 -27.71
CA PRO C 173 -22.26 -24.46 -27.12
C PRO C 173 -21.47 -25.31 -26.13
N GLU C 174 -20.19 -25.53 -26.43
CA GLU C 174 -19.33 -26.29 -25.56
C GLU C 174 -19.15 -25.56 -24.23
N ASP C 175 -18.91 -24.25 -24.30
CA ASP C 175 -18.86 -23.41 -23.09
C ASP C 175 -20.19 -23.50 -22.33
N ALA C 176 -21.30 -23.44 -23.06
CA ALA C 176 -22.63 -23.48 -22.42
C ALA C 176 -22.86 -24.78 -21.64
N VAL C 177 -22.55 -25.92 -22.27
CA VAL C 177 -22.63 -27.21 -21.61
C VAL C 177 -21.75 -27.25 -20.35
N ALA C 178 -20.50 -26.85 -20.49
CA ALA C 178 -19.57 -26.89 -19.36
C ALA C 178 -20.10 -26.09 -18.18
N ALA C 180 -23.23 -25.04 -17.68
CA ALA C 180 -24.47 -25.64 -17.20
C ALA C 180 -24.18 -26.80 -16.24
N LYS C 181 -23.22 -27.65 -16.60
CA LYS C 181 -22.84 -28.77 -15.74
C LYS C 181 -22.21 -28.29 -14.45
N ALA C 182 -21.49 -27.18 -14.50
CA ALA C 182 -20.90 -26.57 -13.30
C ALA C 182 -21.94 -26.01 -12.33
N GLY C 183 -23.18 -25.87 -12.77
CA GLY C 183 -24.28 -25.37 -11.91
C GLY C 183 -24.62 -23.89 -12.05
N ALA C 184 -24.23 -23.30 -13.18
CA ALA C 184 -24.50 -21.89 -13.47
C ALA C 184 -26.00 -21.59 -13.36
N ASP C 185 -26.32 -20.49 -12.70
CA ASP C 185 -27.71 -20.10 -12.57
C ASP C 185 -28.15 -19.41 -13.86
N ILE C 186 -27.27 -18.58 -14.39
CA ILE C 186 -27.54 -17.81 -15.60
C ILE C 186 -26.33 -17.92 -16.54
N LEU C 187 -26.59 -18.16 -17.82
CA LEU C 187 -25.53 -18.08 -18.83
C LEU C 187 -25.69 -16.77 -19.59
N VAL C 188 -24.59 -16.03 -19.73
CA VAL C 188 -24.59 -14.83 -20.57
C VAL C 188 -23.86 -15.16 -21.86
N CYS C 189 -24.64 -15.25 -22.93
CA CYS C 189 -24.07 -15.54 -24.23
C CYS C 189 -23.43 -14.28 -24.74
N HIS C 190 -22.11 -14.33 -24.80
CA HIS C 190 -21.29 -13.20 -25.10
C HIS C 190 -20.88 -13.21 -26.59
N GLY C 192 -19.01 -11.00 -28.29
CA GLY C 192 -17.78 -10.23 -28.59
C GLY C 192 -17.85 -8.79 -28.13
N LEU C 193 -16.83 -8.00 -28.43
CA LEU C 193 -16.80 -6.58 -28.02
C LEU C 193 -17.99 -5.78 -28.63
N THR C 194 -18.69 -5.00 -27.80
CA THR C 194 -19.93 -4.31 -28.20
C THR C 194 -19.72 -3.29 -29.36
N THR C 195 -20.80 -3.09 -30.13
CA THR C 195 -20.81 -2.27 -31.37
C THR C 195 -19.88 -2.86 -32.44
N ARG C 202 -19.66 -3.74 -38.40
CA ARG C 202 -18.89 -4.26 -39.54
C ARG C 202 -17.64 -5.03 -39.07
N SER C 203 -17.23 -4.81 -37.82
CA SER C 203 -16.04 -5.47 -37.26
C SER C 203 -16.31 -6.89 -36.74
N GLY C 204 -17.38 -7.05 -35.95
CA GLY C 204 -17.66 -8.32 -35.27
C GLY C 204 -18.71 -9.19 -35.94
N LYS C 205 -19.46 -9.93 -35.13
CA LYS C 205 -20.54 -10.82 -35.60
C LYS C 205 -21.70 -10.01 -36.12
N SER C 206 -22.30 -10.51 -37.19
CA SER C 206 -23.55 -10.00 -37.69
C SER C 206 -24.66 -10.47 -36.78
N ASP C 208 -27.35 -11.96 -37.60
CA ASP C 208 -27.67 -13.32 -38.04
C ASP C 208 -26.73 -14.34 -37.39
N ASP C 209 -25.42 -14.05 -37.38
CA ASP C 209 -24.49 -14.93 -36.68
C ASP C 209 -24.82 -15.02 -35.21
N CYS C 210 -25.16 -13.91 -34.58
CA CYS C 210 -25.55 -13.90 -33.19
C CYS C 210 -26.79 -14.75 -32.91
N VAL C 211 -27.80 -14.65 -33.78
CA VAL C 211 -29.03 -15.45 -33.59
C VAL C 211 -28.67 -16.94 -33.58
N SER C 212 -27.86 -17.35 -34.56
CA SER C 212 -27.48 -18.76 -34.67
C SER C 212 -26.74 -19.23 -33.46
N LEU C 213 -25.74 -18.46 -33.04
CA LEU C 213 -24.89 -18.87 -31.94
C LEU C 213 -25.66 -18.94 -30.63
N ILE C 214 -26.48 -17.94 -30.36
CA ILE C 214 -27.28 -17.90 -29.14
C ILE C 214 -28.27 -19.08 -29.09
N ASN C 215 -28.91 -19.35 -30.22
CA ASN C 215 -29.87 -20.43 -30.30
C ASN C 215 -29.19 -21.80 -30.11
N GLU C 216 -27.95 -21.95 -30.59
CA GLU C 216 -27.18 -23.16 -30.38
C GLU C 216 -26.77 -23.34 -28.92
N CYS C 217 -26.31 -22.27 -28.29
CA CYS C 217 -25.99 -22.30 -26.84
C CYS C 217 -27.19 -22.65 -25.98
N ILE C 218 -28.33 -22.07 -26.30
CA ILE C 218 -29.58 -22.34 -25.58
C ILE C 218 -29.91 -23.82 -25.60
N GLU C 219 -29.86 -24.43 -26.77
CA GLU C 219 -30.20 -25.83 -26.91
C GLU C 219 -29.18 -26.73 -26.24
N ALA C 220 -27.90 -26.39 -26.39
CA ALA C 220 -26.84 -27.13 -25.75
C ALA C 220 -27.04 -27.07 -24.24
N ALA C 221 -27.20 -25.89 -23.69
CA ALA C 221 -27.43 -25.73 -22.27
C ALA C 221 -28.70 -26.47 -21.77
N ARG C 222 -29.78 -26.43 -22.52
CA ARG C 222 -31.03 -26.97 -22.02
C ARG C 222 -31.03 -28.47 -21.93
N THR C 223 -30.17 -29.12 -22.70
CA THR C 223 -30.03 -30.58 -22.60
C THR C 223 -29.44 -30.97 -21.26
N ILE C 224 -28.73 -30.05 -20.60
CA ILE C 224 -28.21 -30.28 -19.24
C ILE C 224 -29.27 -29.88 -18.23
N ARG C 225 -29.87 -28.72 -18.43
CA ARG C 225 -30.82 -28.20 -17.46
C ARG C 225 -31.84 -27.27 -18.13
N ASP C 226 -33.06 -27.78 -18.18
CA ASP C 226 -34.12 -27.20 -18.97
C ASP C 226 -34.43 -25.76 -18.59
N ASP C 227 -34.28 -25.44 -17.32
CA ASP C 227 -34.77 -24.17 -16.79
C ASP C 227 -33.64 -23.18 -16.53
N ILE C 228 -32.47 -23.45 -17.06
CA ILE C 228 -31.35 -22.51 -16.95
C ILE C 228 -31.72 -21.15 -17.59
N ILE C 229 -31.31 -20.05 -16.96
CA ILE C 229 -31.62 -18.72 -17.47
C ILE C 229 -30.53 -18.26 -18.44
N ILE C 230 -30.92 -17.64 -19.56
CA ILE C 230 -29.99 -17.27 -20.62
C ILE C 230 -30.21 -15.80 -21.04
N LEU C 231 -29.14 -15.01 -20.97
CA LEU C 231 -29.15 -13.59 -21.35
C LEU C 231 -28.21 -13.39 -22.52
N SER C 232 -28.41 -12.33 -23.30
CA SER C 232 -27.54 -12.01 -24.43
C SER C 232 -26.63 -10.87 -24.06
N HIS C 233 -25.49 -10.73 -24.75
CA HIS C 233 -24.56 -9.61 -24.50
C HIS C 233 -23.59 -9.49 -25.65
N GLY C 234 -23.21 -8.25 -25.97
CA GLY C 234 -22.03 -8.00 -26.76
C GLY C 234 -22.28 -7.93 -28.25
N GLY C 235 -21.21 -7.78 -29.00
CA GLY C 235 -21.31 -7.71 -30.43
C GLY C 235 -22.21 -6.56 -30.81
N PRO C 236 -23.11 -6.77 -31.78
CA PRO C 236 -23.97 -5.68 -32.19
C PRO C 236 -25.20 -5.52 -31.31
N ILE C 237 -25.25 -6.16 -30.15
CA ILE C 237 -26.42 -6.04 -29.28
C ILE C 237 -26.16 -4.84 -28.38
N ALA C 238 -26.43 -3.65 -28.94
CA ALA C 238 -25.99 -2.39 -28.34
C ALA C 238 -27.09 -1.63 -27.63
N ASN C 239 -28.33 -1.75 -28.13
CA ASN C 239 -29.42 -0.93 -27.61
C ASN C 239 -30.67 -1.74 -27.32
N PRO C 240 -31.67 -1.14 -26.68
CA PRO C 240 -32.85 -1.94 -26.36
C PRO C 240 -33.52 -2.62 -27.55
N GLU C 241 -33.57 -1.96 -28.70
CA GLU C 241 -34.18 -2.53 -29.90
C GLU C 241 -33.40 -3.77 -30.33
N ASP C 242 -32.07 -3.72 -30.27
CA ASP C 242 -31.24 -4.87 -30.54
C ASP C 242 -31.55 -6.03 -29.58
N ALA C 243 -31.63 -5.71 -28.30
CA ALA C 243 -31.92 -6.70 -27.28
C ALA C 243 -33.30 -7.27 -27.54
N ARG C 244 -34.22 -6.42 -27.98
CA ARG C 244 -35.56 -6.90 -28.25
C ARG C 244 -35.60 -7.87 -29.44
N PHE C 245 -34.83 -7.54 -30.47
CA PHE C 245 -34.68 -8.38 -31.63
C PHE C 245 -34.21 -9.78 -31.24
N ILE C 246 -33.23 -9.84 -30.34
CA ILE C 246 -32.72 -11.11 -29.86
C ILE C 246 -33.83 -11.89 -29.10
N LEU C 247 -34.64 -11.21 -28.31
CA LEU C 247 -35.78 -11.87 -27.71
C LEU C 247 -36.71 -12.43 -28.77
N ASP C 248 -36.96 -11.65 -29.82
CA ASP C 248 -37.85 -12.09 -30.88
C ASP C 248 -37.30 -13.31 -31.62
N SER C 249 -35.99 -13.34 -31.80
CA SER C 249 -35.34 -14.31 -32.66
C SER C 249 -34.81 -15.54 -31.95
N CYS C 250 -34.67 -15.45 -30.64
CA CYS C 250 -34.07 -16.51 -29.85
C CYS C 250 -35.03 -16.85 -28.74
N GLN C 251 -35.90 -17.83 -28.99
CA GLN C 251 -37.05 -18.05 -28.10
C GLN C 251 -36.70 -18.44 -26.65
N GLY C 252 -35.61 -19.15 -26.45
CA GLY C 252 -35.19 -19.45 -25.08
C GLY C 252 -34.30 -18.43 -24.38
N CYS C 253 -34.09 -17.26 -25.01
CA CYS C 253 -33.28 -16.21 -24.41
C CYS C 253 -34.20 -15.35 -23.57
N HIS C 254 -33.89 -15.13 -22.30
CA HIS C 254 -34.76 -14.47 -21.34
CA HIS C 254 -34.85 -14.38 -21.50
C HIS C 254 -34.34 -13.05 -20.94
N GLY C 255 -33.36 -12.46 -21.61
CA GLY C 255 -32.99 -11.10 -21.26
C GLY C 255 -31.66 -10.63 -21.79
N PHE C 256 -31.07 -9.66 -21.08
CA PHE C 256 -29.93 -8.94 -21.59
C PHE C 256 -29.02 -8.47 -20.48
N TYR C 257 -27.70 -8.63 -20.67
CA TYR C 257 -26.73 -8.07 -19.79
C TYR C 257 -25.98 -6.99 -20.55
N GLY C 258 -26.05 -5.76 -20.02
CA GLY C 258 -25.35 -4.60 -20.60
C GLY C 258 -24.40 -3.93 -19.63
N ALA C 259 -23.26 -3.50 -20.11
CA ALA C 259 -22.24 -2.88 -19.24
C ALA C 259 -21.82 -1.53 -19.87
N SER C 260 -21.09 -1.58 -20.98
CA SER C 260 -20.84 -0.38 -21.78
C SER C 260 -22.15 0.37 -22.11
N SER C 261 -23.17 -0.39 -22.51
CA SER C 261 -24.44 0.17 -22.93
C SER C 261 -25.28 0.72 -21.78
N GLU C 263 -24.03 1.96 -18.58
CA GLU C 263 -23.43 3.08 -17.82
C GLU C 263 -22.54 4.00 -18.66
N ARG C 264 -21.67 3.44 -19.49
CA ARG C 264 -20.68 4.26 -20.17
C ARG C 264 -21.38 5.18 -21.14
N LEU C 265 -22.08 4.61 -22.12
CA LEU C 265 -22.70 5.45 -23.16
C LEU C 265 -23.69 6.49 -22.62
N PRO C 266 -24.62 6.07 -21.75
CA PRO C 266 -25.54 7.05 -21.16
C PRO C 266 -24.85 8.22 -20.45
N ALA C 267 -23.87 7.92 -19.60
CA ALA C 267 -23.18 8.93 -18.81
C ALA C 267 -22.36 9.86 -19.68
N GLU C 268 -21.57 9.27 -20.58
CA GLU C 268 -20.77 10.00 -21.57
C GLU C 268 -21.57 11.09 -22.24
N GLU C 269 -22.71 10.70 -22.78
CA GLU C 269 -23.56 11.59 -23.57
C GLU C 269 -24.23 12.63 -22.74
N ALA C 270 -24.69 12.24 -21.54
CA ALA C 270 -25.38 13.18 -20.66
C ALA C 270 -24.43 14.28 -20.12
N ILE C 271 -23.22 13.88 -19.76
CA ILE C 271 -22.20 14.82 -19.25
C ILE C 271 -21.79 15.79 -20.36
N ARG C 272 -21.66 15.28 -21.57
CA ARG C 272 -21.31 16.12 -22.69
C ARG C 272 -22.44 17.10 -22.99
N SER C 273 -23.67 16.61 -23.07
CA SER C 273 -24.81 17.50 -23.32
C SER C 273 -24.96 18.55 -22.20
N GLN C 274 -24.75 18.15 -20.96
CA GLN C 274 -24.86 19.13 -19.87
C GLN C 274 -23.80 20.22 -19.99
N THR C 275 -22.57 19.81 -20.28
CA THR C 275 -21.45 20.72 -20.45
C THR C 275 -21.74 21.72 -21.56
N LEU C 276 -22.22 21.23 -22.70
CA LEU C 276 -22.63 22.11 -23.81
C LEU C 276 -23.72 23.08 -23.39
N ALA C 277 -24.74 22.57 -22.69
CA ALA C 277 -25.84 23.41 -22.21
C ALA C 277 -25.35 24.62 -21.38
N PHE C 278 -24.38 24.39 -20.49
CA PHE C 278 -23.76 25.50 -19.77
C PHE C 278 -22.95 26.42 -20.68
N LYS C 279 -22.18 25.84 -21.59
CA LYS C 279 -21.34 26.62 -22.49
C LYS C 279 -22.19 27.50 -23.42
N ALA C 280 -23.47 27.15 -23.57
CA ALA C 280 -24.37 27.84 -24.51
C ALA C 280 -25.07 29.09 -23.94
N ILE C 281 -24.98 29.30 -22.62
CA ILE C 281 -25.65 30.45 -22.01
C ILE C 281 -24.98 31.75 -22.43
N ARG C 282 -25.79 32.81 -22.47
CA ARG C 282 -25.34 34.13 -22.87
C ARG C 282 -26.13 35.17 -22.08
N ARG C 283 -25.47 36.28 -21.73
CA ARG C 283 -26.13 37.45 -21.15
C ARG C 283 -27.22 37.97 -22.09
N GLN C 284 -28.20 38.68 -21.55
CA GLN C 284 -29.26 39.27 -22.37
C GLN C 284 -28.75 40.50 -23.12
N PRO C 285 -29.42 40.81 -24.24
CA PRO C 285 -29.27 42.00 -25.07
C PRO C 285 -29.62 43.28 -24.31
N ARG D 10 3.13 22.60 -24.37
CA ARG D 10 2.17 22.60 -23.23
C ARG D 10 1.89 24.04 -22.77
N PRO D 11 0.59 24.44 -22.71
CA PRO D 11 0.24 25.85 -22.50
C PRO D 11 0.71 26.41 -21.17
N THR D 12 1.14 27.66 -21.19
CA THR D 12 1.59 28.34 -19.98
C THR D 12 0.36 28.94 -19.30
N ARG D 13 0.51 29.28 -18.02
CA ARG D 13 -0.55 29.90 -17.25
C ARG D 13 -1.02 31.16 -17.97
N SER D 14 -0.04 31.93 -18.42
CA SER D 14 -0.27 33.18 -19.12
C SER D 14 -1.13 32.97 -20.38
N GLU D 15 -0.81 31.94 -21.14
CA GLU D 15 -1.57 31.57 -22.34
C GLU D 15 -3.02 31.16 -22.07
N LEU D 16 -3.24 30.42 -20.98
CA LEU D 16 -4.60 30.03 -20.59
C LEU D 16 -5.43 31.24 -20.20
N VAL D 17 -4.82 32.15 -19.45
CA VAL D 17 -5.52 33.37 -19.07
C VAL D 17 -5.85 34.20 -20.30
N ASP D 18 -4.92 34.30 -21.24
CA ASP D 18 -5.20 34.94 -22.51
C ASP D 18 -6.36 34.26 -23.22
N ARG D 19 -6.30 32.93 -23.32
CA ARG D 19 -7.37 32.15 -23.96
C ARG D 19 -8.77 32.46 -23.37
N PHE D 20 -8.80 32.59 -22.04
CA PHE D 20 -10.04 32.87 -21.33
C PHE D 20 -10.50 34.30 -21.56
N GLN D 21 -9.60 35.27 -21.46
CA GLN D 21 -9.99 36.67 -21.66
C GLN D 21 -10.51 36.89 -23.09
N LYS D 22 -9.98 36.14 -24.06
CA LYS D 22 -10.41 36.27 -25.44
C LYS D 22 -11.87 35.83 -25.59
N LYS D 23 -12.22 34.70 -24.97
CA LYS D 23 -13.61 34.24 -24.97
C LYS D 23 -14.51 35.26 -24.25
N ILE D 24 -14.07 35.78 -23.11
CA ILE D 24 -14.84 36.77 -22.36
C ILE D 24 -15.14 38.00 -23.23
N ARG D 25 -14.10 38.53 -23.87
CA ARG D 25 -14.26 39.65 -24.80
C ARG D 25 -15.21 39.31 -25.97
N ALA D 26 -15.29 38.05 -26.37
CA ALA D 26 -16.22 37.62 -27.40
C ALA D 26 -17.64 37.38 -26.86
N GLY D 27 -17.85 37.62 -25.56
CA GLY D 27 -19.16 37.42 -24.92
C GLY D 27 -19.51 35.98 -24.59
N GLU D 28 -18.52 35.09 -24.58
CA GLU D 28 -18.72 33.73 -24.13
C GLU D 28 -18.38 33.59 -22.65
N PRO D 29 -19.27 32.93 -21.89
CA PRO D 29 -18.94 32.62 -20.49
C PRO D 29 -17.86 31.55 -20.34
N ILE D 30 -17.02 31.68 -19.31
CA ILE D 30 -16.07 30.63 -18.95
C ILE D 30 -16.79 29.60 -18.08
N ILE D 31 -16.74 28.32 -18.48
CA ILE D 31 -17.37 27.25 -17.72
C ILE D 31 -16.28 26.29 -17.23
N GLY D 32 -16.18 26.16 -15.91
CA GLY D 32 -15.33 25.16 -15.30
C GLY D 32 -16.16 23.98 -14.85
N GLY D 33 -15.54 22.81 -14.82
CA GLY D 33 -16.22 21.59 -14.40
C GLY D 33 -15.41 20.78 -13.40
N GLY D 34 -16.11 20.18 -12.44
CA GLY D 34 -15.56 19.12 -11.60
C GLY D 34 -15.68 17.78 -12.30
N ALA D 35 -14.59 17.01 -12.28
CA ALA D 35 -14.57 15.66 -12.79
C ALA D 35 -14.11 14.72 -11.69
N GLY D 36 -14.91 13.69 -11.39
CA GLY D 36 -14.58 12.68 -10.40
C GLY D 36 -14.14 11.35 -10.98
N THR D 37 -14.26 11.23 -12.32
CA THR D 37 -13.79 10.06 -13.06
C THR D 37 -13.16 10.52 -14.37
N GLY D 38 -12.39 9.63 -14.98
CA GLY D 38 -11.82 9.87 -16.30
C GLY D 38 -12.88 10.09 -17.37
N LEU D 39 -13.95 9.30 -17.33
CA LEU D 39 -15.06 9.49 -18.28
C LEU D 39 -15.69 10.89 -18.16
N SER D 40 -15.85 11.35 -16.92
CA SER D 40 -16.40 12.69 -16.67
C SER D 40 -15.56 13.75 -17.35
N ALA D 41 -14.25 13.68 -17.16
CA ALA D 41 -13.33 14.68 -17.70
C ALA D 41 -13.36 14.66 -19.23
N LYS D 42 -13.29 13.45 -19.77
CA LYS D 42 -13.35 13.20 -21.19
C LYS D 42 -14.62 13.78 -21.81
N SER D 43 -15.75 13.54 -21.16
CA SER D 43 -17.05 14.04 -21.65
C SER D 43 -17.20 15.54 -21.48
N GLU D 44 -16.58 16.09 -20.45
CA GLU D 44 -16.53 17.52 -20.26
C GLU D 44 -15.66 18.21 -21.35
N GLU D 45 -14.52 17.61 -21.68
CA GLU D 45 -13.74 18.09 -22.81
C GLU D 45 -14.55 18.02 -24.11
N ALA D 46 -15.20 16.89 -24.37
CA ALA D 46 -16.09 16.76 -25.54
C ALA D 46 -17.12 17.89 -25.66
N GLY D 47 -17.53 18.46 -24.51
CA GLY D 47 -18.51 19.52 -24.48
C GLY D 47 -17.89 20.89 -24.49
N ASP D 48 -16.59 20.94 -24.74
CA ASP D 48 -15.82 22.20 -24.82
C ASP D 48 -15.77 22.97 -23.50
N ILE D 49 -15.68 22.23 -22.40
CA ILE D 49 -15.43 22.84 -21.11
C ILE D 49 -14.13 23.64 -21.16
N ASP D 50 -14.11 24.76 -20.45
CA ASP D 50 -12.92 25.61 -20.40
C ASP D 50 -11.84 25.08 -19.47
N LEU D 51 -12.23 24.51 -18.33
CA LEU D 51 -11.27 23.89 -17.41
C LEU D 51 -11.92 22.81 -16.59
N ILE D 52 -11.08 21.90 -16.09
CA ILE D 52 -11.50 20.75 -15.29
C ILE D 52 -10.70 20.78 -13.99
N VAL D 53 -11.40 20.61 -12.89
CA VAL D 53 -10.76 20.51 -11.59
C VAL D 53 -11.15 19.19 -10.96
N ILE D 54 -10.16 18.45 -10.45
CA ILE D 54 -10.43 17.14 -9.86
C ILE D 54 -10.07 17.10 -8.38
N TYR D 55 -10.89 16.40 -7.59
CA TYR D 55 -10.63 16.22 -6.16
C TYR D 55 -11.55 15.19 -5.55
N ASN D 56 -11.33 14.90 -4.27
CA ASN D 56 -12.00 13.79 -3.62
C ASN D 56 -13.53 13.83 -3.71
N SER D 57 -14.12 14.99 -3.54
CA SER D 57 -15.57 15.08 -3.55
C SER D 57 -16.18 14.62 -4.87
N GLY D 58 -15.43 14.83 -5.95
CA GLY D 58 -15.83 14.39 -7.27
C GLY D 58 -15.86 12.87 -7.29
N ARG D 59 -14.77 12.28 -6.85
CA ARG D 59 -14.75 10.85 -6.72
C ARG D 59 -15.93 10.35 -5.88
N TYR D 60 -16.14 10.98 -4.74
CA TYR D 60 -17.16 10.53 -3.79
C TYR D 60 -18.58 10.70 -4.32
N ARG D 61 -18.84 11.78 -5.03
CA ARG D 61 -20.14 11.95 -5.68
CA ARG D 61 -20.14 11.95 -5.69
C ARG D 61 -20.36 10.87 -6.73
N ALA D 63 -19.13 8.07 -6.57
CA ALA D 63 -19.41 6.84 -5.81
C ALA D 63 -20.82 6.80 -5.19
N GLY D 64 -21.65 7.83 -5.40
CA GLY D 64 -23.01 7.82 -4.89
C GLY D 64 -23.16 8.45 -3.50
N ARG D 65 -22.12 9.14 -3.02
CA ARG D 65 -22.15 9.78 -1.70
C ARG D 65 -22.35 11.29 -1.84
N GLY D 66 -22.58 11.93 -0.69
CA GLY D 66 -22.77 13.40 -0.66
C GLY D 66 -21.49 14.19 -0.83
N SER D 67 -21.60 15.37 -1.42
CA SER D 67 -20.42 16.23 -1.68
C SER D 67 -19.57 16.51 -0.44
N LEU D 68 -20.24 16.64 0.71
CA LEU D 68 -19.57 17.08 1.94
C LEU D 68 -18.77 15.96 2.57
N ALA D 69 -18.89 14.75 2.02
CA ALA D 69 -18.05 13.62 2.40
C ALA D 69 -16.55 13.94 2.19
N GLY D 70 -16.25 14.75 1.16
CA GLY D 70 -14.88 15.16 0.88
C GLY D 70 -14.20 16.04 1.91
N LEU D 71 -14.97 16.55 2.86
CA LEU D 71 -14.46 17.44 3.90
C LEU D 71 -14.08 16.69 5.20
N LEU D 72 -14.56 15.48 5.37
CA LEU D 72 -14.46 14.79 6.66
C LEU D 72 -13.44 13.64 6.64
N ALA D 73 -13.34 12.91 7.75
CA ALA D 73 -12.23 11.96 7.97
C ALA D 73 -12.47 10.58 7.36
N TYR D 74 -12.80 10.58 6.08
CA TYR D 74 -13.06 9.34 5.36
C TYR D 74 -11.93 8.98 4.40
N GLY D 75 -10.92 9.84 4.32
CA GLY D 75 -9.77 9.62 3.46
C GLY D 75 -8.89 10.85 3.48
N ASN D 76 -7.72 10.73 2.86
CA ASN D 76 -6.78 11.84 2.76
C ASN D 76 -6.92 12.50 1.41
N ALA D 77 -7.48 13.70 1.38
CA ALA D 77 -7.85 14.41 0.17
C ALA D 77 -6.68 14.56 -0.80
N ASN D 78 -5.53 15.00 -0.27
CA ASN D 78 -4.34 15.24 -1.08
C ASN D 78 -3.76 13.97 -1.65
N GLN D 79 -3.84 12.86 -0.92
CA GLN D 79 -3.42 11.59 -1.50
C GLN D 79 -4.37 11.17 -2.63
N ILE D 80 -5.66 11.40 -2.43
CA ILE D 80 -6.66 11.06 -3.43
C ILE D 80 -6.48 11.82 -4.73
N VAL D 81 -6.22 13.13 -4.66
CA VAL D 81 -6.07 13.91 -5.89
C VAL D 81 -4.88 13.39 -6.72
N VAL D 82 -3.81 13.00 -6.04
CA VAL D 82 -2.66 12.41 -6.73
C VAL D 82 -3.02 11.06 -7.37
N ASP D 83 -3.77 10.22 -6.67
CA ASP D 83 -4.21 8.92 -7.22
C ASP D 83 -5.18 9.09 -8.41
N ALA D 85 -5.03 11.53 -10.62
CA ALA D 85 -4.30 12.08 -11.76
C ALA D 85 -4.14 11.06 -12.90
N ARG D 86 -3.81 9.80 -12.57
CA ARG D 86 -3.58 8.74 -13.57
CA ARG D 86 -3.56 8.79 -13.61
C ARG D 86 -4.87 8.36 -14.31
N GLU D 87 -5.99 8.59 -13.65
CA GLU D 87 -7.30 8.34 -14.26
C GLU D 87 -7.67 9.45 -15.23
N VAL D 88 -7.30 10.69 -14.92
CA VAL D 88 -7.85 11.83 -15.64
C VAL D 88 -6.87 12.45 -16.67
N LEU D 89 -5.65 12.72 -16.24
CA LEU D 89 -4.76 13.50 -17.07
C LEU D 89 -4.56 12.88 -18.44
N PRO D 90 -4.36 11.55 -18.52
CA PRO D 90 -4.11 10.92 -19.83
C PRO D 90 -5.26 10.99 -20.86
N VAL D 91 -6.50 11.12 -20.40
CA VAL D 91 -7.66 11.14 -21.31
C VAL D 91 -8.12 12.57 -21.66
N VAL D 92 -7.49 13.58 -21.07
CA VAL D 92 -7.78 14.98 -21.41
C VAL D 92 -6.64 15.50 -22.29
N ARG D 93 -6.97 15.83 -23.54
CA ARG D 93 -5.96 16.10 -24.54
C ARG D 93 -5.66 17.58 -24.78
N HIS D 94 -6.63 18.46 -24.55
CA HIS D 94 -6.45 19.90 -24.82
C HIS D 94 -7.22 20.85 -23.89
N THR D 95 -7.48 20.41 -22.67
CA THR D 95 -8.16 21.25 -21.67
C THR D 95 -7.29 21.23 -20.41
N PRO D 96 -7.13 22.38 -19.74
CA PRO D 96 -6.39 22.37 -18.46
C PRO D 96 -7.10 21.65 -17.31
N VAL D 97 -6.38 20.76 -16.64
CA VAL D 97 -6.90 20.04 -15.48
C VAL D 97 -6.17 20.52 -14.23
N LEU D 98 -6.96 20.89 -13.23
CA LEU D 98 -6.44 21.42 -11.99
C LEU D 98 -6.66 20.42 -10.87
N ALA D 99 -5.85 20.53 -9.82
CA ALA D 99 -5.95 19.67 -8.65
C ALA D 99 -6.58 20.45 -7.50
N GLY D 100 -7.53 19.84 -6.82
CA GLY D 100 -8.00 20.37 -5.56
C GLY D 100 -6.92 20.04 -4.55
N VAL D 101 -6.37 21.08 -3.92
CA VAL D 101 -5.35 20.88 -2.88
C VAL D 101 -6.01 21.17 -1.55
N ASN D 102 -5.80 20.29 -0.57
CA ASN D 102 -6.26 20.51 0.80
C ASN D 102 -5.21 21.36 1.52
N GLY D 103 -5.45 22.67 1.56
CA GLY D 103 -4.44 23.64 1.98
C GLY D 103 -4.09 23.66 3.46
N THR D 104 -4.99 23.13 4.28
CA THR D 104 -4.80 23.04 5.74
C THR D 104 -4.25 21.66 6.17
N ASP D 105 -4.03 20.76 5.21
CA ASP D 105 -3.46 19.43 5.51
C ASP D 105 -2.16 19.60 6.30
N PRO D 106 -2.14 19.16 7.57
CA PRO D 106 -0.98 19.39 8.41
C PRO D 106 0.19 18.47 8.11
N PHE D 107 -0.06 17.42 7.33
CA PHE D 107 0.97 16.44 6.98
C PHE D 107 1.53 16.68 5.60
N VAL D 109 3.75 19.06 3.03
CA VAL D 109 4.75 20.09 2.87
C VAL D 109 4.35 20.77 1.57
N SER D 111 5.26 23.33 -0.36
CA SER D 111 6.14 23.69 -1.46
C SER D 111 6.50 22.48 -2.31
N THR D 112 6.87 21.38 -1.67
CA THR D 112 7.19 20.14 -2.38
C THR D 112 5.93 19.51 -2.98
N PHE D 113 4.77 19.67 -2.32
CA PHE D 113 3.55 19.03 -2.83
C PHE D 113 3.08 19.73 -4.11
N LEU D 114 3.06 21.05 -4.09
CA LEU D 114 2.68 21.83 -5.28
C LEU D 114 3.63 21.58 -6.46
N ARG D 115 4.90 21.36 -6.13
CA ARG D 115 5.91 21.02 -7.11
C ARG D 115 5.63 19.66 -7.71
N GLU D 116 5.36 18.68 -6.85
CA GLU D 116 4.92 17.37 -7.31
C GLU D 116 3.73 17.46 -8.30
N LEU D 117 2.74 18.28 -7.95
CA LEU D 117 1.52 18.37 -8.75
C LEU D 117 1.80 18.92 -10.14
N LYS D 118 2.68 19.91 -10.19
CA LYS D 118 3.09 20.53 -11.44
C LYS D 118 3.78 19.53 -12.35
N GLU D 119 4.74 18.78 -11.80
CA GLU D 119 5.45 17.71 -12.50
C GLU D 119 4.53 16.69 -13.14
N ILE D 120 3.60 16.17 -12.33
CA ILE D 120 2.56 15.23 -12.76
C ILE D 120 1.82 15.70 -14.00
N GLY D 121 1.63 17.01 -14.13
CA GLY D 121 0.98 17.60 -15.31
C GLY D 121 -0.30 18.38 -15.09
N PHE D 122 -0.63 18.71 -13.84
CA PHE D 122 -1.73 19.62 -13.56
C PHE D 122 -1.38 21.04 -14.03
N ALA D 123 -2.34 21.72 -14.64
CA ALA D 123 -2.17 23.10 -15.09
C ALA D 123 -2.31 24.09 -13.93
N GLY D 124 -2.93 23.66 -12.84
CA GLY D 124 -3.21 24.58 -11.76
C GLY D 124 -3.77 23.89 -10.54
N VAL D 125 -4.13 24.70 -9.54
CA VAL D 125 -4.74 24.19 -8.30
C VAL D 125 -5.96 25.01 -7.90
N GLN D 126 -6.77 24.41 -7.03
CA GLN D 126 -7.88 25.08 -6.33
C GLN D 126 -7.80 24.63 -4.88
N ASN D 127 -8.27 25.47 -3.97
CA ASN D 127 -8.33 25.10 -2.57
C ASN D 127 -9.57 24.25 -2.32
N PHE D 128 -9.43 22.94 -2.48
CA PHE D 128 -10.50 22.03 -2.11
C PHE D 128 -9.95 20.69 -1.62
N PRO D 129 -10.45 20.18 -0.47
CA PRO D 129 -11.49 20.73 0.41
C PRO D 129 -11.11 22.05 1.01
N THR D 130 -12.11 22.87 1.33
CA THR D 130 -11.85 24.19 1.87
C THR D 130 -12.59 24.35 3.17
N VAL D 131 -11.92 24.97 4.14
CA VAL D 131 -12.56 25.27 5.43
C VAL D 131 -13.60 26.39 5.30
N GLY D 132 -13.60 27.08 4.15
CA GLY D 132 -14.55 28.13 3.85
C GLY D 132 -15.99 27.66 3.82
N LEU D 133 -16.21 26.38 3.55
CA LEU D 133 -17.52 25.77 3.67
C LEU D 133 -17.91 25.48 5.11
N ILE D 134 -17.00 25.68 6.07
CA ILE D 134 -17.29 25.36 7.46
C ILE D 134 -17.62 26.66 8.18
N ASP D 135 -18.61 26.62 9.06
CA ASP D 135 -19.04 27.82 9.80
C ASP D 135 -19.14 27.51 11.31
N GLY D 136 -19.70 28.46 12.07
CA GLY D 136 -19.99 28.26 13.48
C GLY D 136 -18.77 28.41 14.36
N LEU D 137 -18.90 27.93 15.59
CA LEU D 137 -17.77 27.87 16.51
C LEU D 137 -16.73 26.88 16.02
N PHE D 138 -17.19 25.85 15.31
CA PHE D 138 -16.27 24.82 14.81
C PHE D 138 -15.23 25.45 13.87
N ARG D 139 -15.69 26.29 12.95
CA ARG D 139 -14.79 27.00 12.07
C ARG D 139 -13.86 27.95 12.83
N GLN D 140 -14.38 28.60 13.86
CA GLN D 140 -13.56 29.49 14.68
C GLN D 140 -12.43 28.72 15.37
N ASN D 141 -12.77 27.54 15.90
CA ASN D 141 -11.79 26.62 16.48
C ASN D 141 -10.72 26.24 15.47
N LEU D 142 -11.13 25.85 14.27
CA LEU D 142 -10.18 25.45 13.22
C LEU D 142 -9.27 26.61 12.85
N GLU D 143 -9.86 27.79 12.69
CA GLU D 143 -9.11 28.99 12.40
C GLU D 143 -8.07 29.26 13.48
N GLU D 144 -8.40 28.95 14.75
CA GLU D 144 -7.53 29.24 15.88
C GLU D 144 -6.48 28.17 16.14
N THR D 145 -6.58 27.01 15.50
CA THR D 145 -5.64 25.90 15.77
C THR D 145 -4.97 25.37 14.49
N GLY D 146 -4.67 26.31 13.59
CA GLY D 146 -3.81 26.05 12.42
C GLY D 146 -4.47 25.39 11.25
N SER D 148 -6.85 27.12 9.03
CA SER D 148 -7.53 28.34 8.69
C SER D 148 -7.54 28.58 7.18
N TYR D 149 -8.50 29.36 6.72
CA TYR D 149 -8.56 29.76 5.31
C TYR D 149 -7.27 30.48 4.90
N ALA D 150 -6.67 31.23 5.82
CA ALA D 150 -5.39 31.94 5.56
C ALA D 150 -4.29 31.02 5.00
N GLN D 151 -4.25 29.79 5.49
CA GLN D 151 -3.37 28.78 4.91
C GLN D 151 -3.72 28.39 3.49
N GLU D 152 -5.01 28.33 3.18
CA GLU D 152 -5.46 28.07 1.81
C GLU D 152 -5.00 29.24 0.93
N VAL D 153 -5.07 30.45 1.49
CA VAL D 153 -4.59 31.64 0.79
C VAL D 153 -3.08 31.54 0.51
N GLU D 154 -2.33 31.07 1.51
CA GLU D 154 -0.89 30.91 1.37
C GLU D 154 -0.53 29.83 0.36
N ILE D 156 -2.33 29.10 -2.27
CA ILE D 156 -2.59 29.67 -3.60
C ILE D 156 -1.47 30.65 -3.99
N ALA D 157 -0.99 31.39 -3.00
CA ALA D 157 0.14 32.30 -3.19
C ALA D 157 1.37 31.54 -3.67
N GLU D 158 1.71 30.45 -2.99
CA GLU D 158 2.84 29.62 -3.39
C GLU D 158 2.65 28.95 -4.75
N ALA D 159 1.41 28.58 -5.07
CA ALA D 159 1.11 28.00 -6.37
C ALA D 159 1.28 29.02 -7.47
N HIS D 160 0.87 30.26 -7.20
CA HIS D 160 1.04 31.32 -8.19
C HIS D 160 2.54 31.56 -8.45
N LYS D 161 3.39 31.45 -7.43
CA LYS D 161 4.84 31.66 -7.58
C LYS D 161 5.45 30.60 -8.49
N LEU D 162 4.89 29.39 -8.45
CA LEU D 162 5.30 28.31 -9.35
C LEU D 162 4.67 28.39 -10.74
N ASP D 163 3.94 29.48 -11.02
CA ASP D 163 3.25 29.66 -12.30
C ASP D 163 2.19 28.58 -12.56
N LEU D 164 1.59 28.09 -11.49
CA LEU D 164 0.38 27.29 -11.62
C LEU D 164 -0.82 28.24 -11.73
N LEU D 165 -1.78 27.86 -12.56
CA LEU D 165 -3.02 28.59 -12.67
C LEU D 165 -3.75 28.35 -11.37
N THR D 166 -4.40 29.37 -10.83
CA THR D 166 -5.06 29.23 -9.54
C THR D 166 -6.49 29.65 -9.66
N THR D 167 -7.41 28.81 -9.20
CA THR D 167 -8.85 29.08 -9.32
C THR D 167 -9.58 28.88 -7.98
N PRO D 168 -9.17 29.61 -6.93
CA PRO D 168 -9.72 29.42 -5.58
C PRO D 168 -11.18 29.75 -5.35
N TYR D 169 -11.78 29.01 -4.40
CA TYR D 169 -13.07 29.36 -3.86
C TYR D 169 -12.96 30.51 -2.86
N VAL D 170 -13.89 31.45 -2.97
CA VAL D 170 -13.98 32.59 -2.08
C VAL D 170 -15.43 32.60 -1.58
N PHE D 171 -15.59 32.96 -0.31
CA PHE D 171 -16.88 32.94 0.37
C PHE D 171 -17.29 34.34 0.84
N SER D 172 -16.44 35.34 0.59
CA SER D 172 -16.67 36.69 1.08
C SER D 172 -15.78 37.68 0.33
N PRO D 173 -16.13 38.97 0.37
CA PRO D 173 -15.23 40.00 -0.15
C PRO D 173 -13.84 39.97 0.49
N GLU D 174 -13.77 39.63 1.77
CA GLU D 174 -12.49 39.52 2.45
C GLU D 174 -11.69 38.40 1.80
N ASP D 175 -12.30 37.24 1.62
CA ASP D 175 -11.64 36.13 0.91
C ASP D 175 -11.22 36.57 -0.48
N ALA D 176 -12.09 37.32 -1.17
CA ALA D 176 -11.84 37.77 -2.55
C ALA D 176 -10.58 38.65 -2.61
N VAL D 177 -10.45 39.54 -1.64
CA VAL D 177 -9.28 40.43 -1.56
C VAL D 177 -8.02 39.60 -1.26
N ALA D 178 -8.08 38.78 -0.22
CA ALA D 178 -6.96 37.90 0.18
C ALA D 178 -6.45 37.04 -0.98
N ALA D 180 -7.20 37.57 -4.28
CA ALA D 180 -6.74 38.49 -5.32
C ALA D 180 -5.28 38.86 -5.10
N LYS D 181 -4.97 39.27 -3.87
CA LYS D 181 -3.60 39.64 -3.49
C LYS D 181 -2.61 38.47 -3.56
N ALA D 182 -3.12 37.25 -3.40
CA ALA D 182 -2.32 36.04 -3.54
C ALA D 182 -1.94 35.76 -5.02
N GLY D 183 -2.65 36.38 -5.95
CA GLY D 183 -2.34 36.22 -7.37
C GLY D 183 -3.32 35.34 -8.10
N ALA D 184 -4.46 35.05 -7.47
CA ALA D 184 -5.48 34.20 -8.06
C ALA D 184 -5.76 34.63 -9.49
N ASP D 185 -5.77 33.67 -10.42
CA ASP D 185 -6.18 33.96 -11.80
C ASP D 185 -7.71 34.05 -11.87
N ILE D 186 -8.36 33.16 -11.15
CA ILE D 186 -9.82 33.06 -11.15
C ILE D 186 -10.29 32.96 -9.73
N LEU D 187 -11.33 33.70 -9.39
CA LEU D 187 -12.03 33.52 -8.14
C LEU D 187 -13.34 32.83 -8.42
N VAL D 188 -13.60 31.75 -7.70
CA VAL D 188 -14.89 31.10 -7.76
C VAL D 188 -15.68 31.47 -6.50
N CYS D 189 -16.72 32.27 -6.71
CA CYS D 189 -17.59 32.72 -5.63
C CYS D 189 -18.48 31.57 -5.26
N HIS D 190 -18.26 31.03 -4.07
CA HIS D 190 -18.92 29.81 -3.63
C HIS D 190 -20.09 30.15 -2.71
N GLY D 192 -22.22 28.20 -1.21
CA GLY D 192 -22.61 27.14 -0.27
C GLY D 192 -22.99 25.87 -0.99
N LEU D 193 -23.42 24.86 -0.24
CA LEU D 193 -23.81 23.56 -0.80
C LEU D 193 -25.00 23.67 -1.78
N THR D 194 -24.84 23.08 -2.97
CA THR D 194 -25.80 23.21 -4.10
C THR D 194 -27.23 22.74 -3.75
N THR D 195 -28.21 23.13 -4.61
CA THR D 195 -29.64 22.80 -4.42
C THR D 195 -30.15 23.39 -3.10
N GLY D 204 -30.58 27.00 1.71
CA GLY D 204 -29.38 27.83 1.94
C GLY D 204 -29.52 29.31 1.62
N LYS D 205 -28.59 29.87 0.83
CA LYS D 205 -28.66 31.27 0.40
C LYS D 205 -29.75 31.43 -0.64
N SER D 206 -30.50 32.53 -0.54
CA SER D 206 -31.47 32.87 -1.57
C SER D 206 -30.71 33.35 -2.81
N ASP D 208 -31.30 36.04 -4.38
CA ASP D 208 -30.98 37.42 -4.07
C ASP D 208 -29.72 37.57 -3.22
N ASP D 209 -29.62 36.75 -2.16
CA ASP D 209 -28.41 36.74 -1.33
C ASP D 209 -27.15 36.45 -2.17
N CYS D 210 -27.29 35.62 -3.21
CA CYS D 210 -26.16 35.29 -4.07
C CYS D 210 -25.77 36.49 -4.93
N VAL D 211 -26.76 37.11 -5.55
CA VAL D 211 -26.48 38.29 -6.34
C VAL D 211 -25.69 39.33 -5.53
N SER D 212 -26.15 39.61 -4.30
CA SER D 212 -25.48 40.60 -3.46
C SER D 212 -24.07 40.22 -3.13
N LEU D 213 -23.88 38.96 -2.75
CA LEU D 213 -22.56 38.52 -2.28
C LEU D 213 -21.56 38.51 -3.42
N ILE D 214 -22.01 37.99 -4.55
CA ILE D 214 -21.16 37.96 -5.73
C ILE D 214 -20.78 39.37 -6.17
N ASN D 215 -21.73 40.30 -6.17
CA ASN D 215 -21.43 41.70 -6.51
C ASN D 215 -20.43 42.31 -5.53
N GLU D 216 -20.59 42.01 -4.24
CA GLU D 216 -19.61 42.45 -3.22
C GLU D 216 -18.21 41.89 -3.49
N CYS D 217 -18.12 40.61 -3.85
CA CYS D 217 -16.84 39.97 -4.12
C CYS D 217 -16.18 40.57 -5.36
N ILE D 218 -16.96 40.83 -6.41
CA ILE D 218 -16.45 41.49 -7.62
C ILE D 218 -15.87 42.87 -7.27
N GLU D 219 -16.63 43.66 -6.51
CA GLU D 219 -16.19 44.98 -6.08
C GLU D 219 -14.88 44.88 -5.28
N ALA D 220 -14.81 43.92 -4.36
CA ALA D 220 -13.62 43.77 -3.53
C ALA D 220 -12.40 43.34 -4.35
N ALA D 221 -12.58 42.37 -5.23
CA ALA D 221 -11.49 41.91 -6.11
C ALA D 221 -10.96 43.04 -7.01
N ARG D 222 -11.86 43.89 -7.50
CA ARG D 222 -11.49 45.01 -8.37
C ARG D 222 -10.64 46.07 -7.67
N THR D 223 -10.79 46.17 -6.36
CA THR D 223 -9.92 47.03 -5.57
C THR D 223 -8.45 46.60 -5.70
N ILE D 224 -8.21 45.31 -5.93
CA ILE D 224 -6.86 44.77 -6.10
C ILE D 224 -6.46 44.70 -7.58
N ARG D 225 -7.30 44.09 -8.41
CA ARG D 225 -7.08 44.11 -9.87
C ARG D 225 -8.35 44.04 -10.71
N ASP D 226 -8.29 44.74 -11.85
CA ASP D 226 -9.45 44.88 -12.74
CA ASP D 226 -9.42 44.90 -12.77
C ASP D 226 -9.66 43.69 -13.67
N ASP D 227 -8.63 42.88 -13.86
CA ASP D 227 -8.69 41.77 -14.82
C ASP D 227 -8.80 40.35 -14.20
N ILE D 228 -9.22 40.24 -12.94
CA ILE D 228 -9.47 38.90 -12.40
C ILE D 228 -10.75 38.35 -13.01
N ILE D 229 -10.74 37.04 -13.26
CA ILE D 229 -11.88 36.34 -13.80
C ILE D 229 -12.72 35.84 -12.63
N ILE D 230 -14.05 36.02 -12.73
CA ILE D 230 -14.97 35.72 -11.62
C ILE D 230 -16.03 34.73 -12.07
N LEU D 231 -16.11 33.60 -11.38
CA LEU D 231 -17.10 32.55 -11.69
C LEU D 231 -18.02 32.40 -10.48
N SER D 232 -19.24 31.93 -10.74
CA SER D 232 -20.15 31.63 -9.65
C SER D 232 -20.21 30.11 -9.42
N HIS D 233 -20.62 29.73 -8.21
CA HIS D 233 -20.86 28.34 -7.89
C HIS D 233 -21.68 28.19 -6.61
N GLY D 234 -22.51 27.15 -6.56
CA GLY D 234 -23.05 26.66 -5.30
C GLY D 234 -24.42 27.20 -4.97
N GLY D 235 -24.91 26.80 -3.79
CA GLY D 235 -26.22 27.21 -3.31
C GLY D 235 -27.30 26.93 -4.32
N PRO D 236 -28.15 27.91 -4.60
CA PRO D 236 -29.28 27.68 -5.52
C PRO D 236 -28.90 27.71 -7.00
N ILE D 237 -27.62 27.92 -7.31
CA ILE D 237 -27.16 28.01 -8.71
C ILE D 237 -26.96 26.59 -9.26
N ALA D 238 -28.07 25.98 -9.69
CA ALA D 238 -28.11 24.52 -9.95
C ALA D 238 -28.04 24.14 -11.45
N ASN D 239 -28.24 25.09 -12.34
CA ASN D 239 -28.45 24.75 -13.74
C ASN D 239 -28.17 25.93 -14.67
N PRO D 240 -28.11 25.68 -15.99
CA PRO D 240 -27.79 26.73 -16.94
C PRO D 240 -28.58 28.04 -16.77
N GLU D 241 -29.86 27.92 -16.49
CA GLU D 241 -30.74 29.06 -16.35
C GLU D 241 -30.36 29.89 -15.12
N ASP D 242 -30.10 29.20 -14.02
CA ASP D 242 -29.67 29.87 -12.79
C ASP D 242 -28.35 30.57 -13.01
N ALA D 243 -27.43 29.90 -13.70
CA ALA D 243 -26.11 30.48 -14.01
C ALA D 243 -26.22 31.74 -14.87
N ARG D 244 -27.17 31.71 -15.80
CA ARG D 244 -27.41 32.85 -16.68
C ARG D 244 -28.03 34.02 -15.93
N PHE D 245 -28.97 33.73 -15.04
CA PHE D 245 -29.54 34.72 -14.14
C PHE D 245 -28.43 35.49 -13.43
N ILE D 246 -27.46 34.77 -12.93
CA ILE D 246 -26.34 35.39 -12.22
C ILE D 246 -25.50 36.24 -13.18
N LEU D 247 -25.25 35.74 -14.39
CA LEU D 247 -24.51 36.50 -15.40
C LEU D 247 -25.23 37.80 -15.68
N ASP D 248 -26.54 37.72 -15.85
CA ASP D 248 -27.35 38.93 -16.08
C ASP D 248 -27.38 39.87 -14.87
N SER D 249 -27.31 39.30 -13.67
CA SER D 249 -27.50 40.06 -12.44
C SER D 249 -26.21 40.62 -11.87
N CYS D 250 -25.07 40.04 -12.26
CA CYS D 250 -23.75 40.44 -11.75
C CYS D 250 -22.81 40.78 -12.90
N GLN D 251 -22.70 42.07 -13.21
CA GLN D 251 -21.97 42.53 -14.41
C GLN D 251 -20.54 41.94 -14.49
N GLY D 252 -19.81 42.01 -13.38
CA GLY D 252 -18.44 41.52 -13.37
C GLY D 252 -18.26 40.01 -13.41
N CYS D 253 -19.36 39.27 -13.38
CA CYS D 253 -19.27 37.81 -13.38
C CYS D 253 -19.15 37.26 -14.79
N HIS D 254 -18.14 36.44 -15.00
CA HIS D 254 -17.75 35.99 -16.34
C HIS D 254 -18.11 34.54 -16.62
N GLY D 255 -18.65 33.83 -15.62
CA GLY D 255 -19.06 32.46 -15.85
C GLY D 255 -19.44 31.66 -14.61
N PHE D 256 -19.26 30.35 -14.71
CA PHE D 256 -19.82 29.41 -13.74
C PHE D 256 -18.92 28.20 -13.60
N TYR D 257 -18.75 27.73 -12.37
CA TYR D 257 -18.11 26.46 -12.07
C TYR D 257 -19.17 25.52 -11.55
N GLY D 258 -19.24 24.33 -12.14
CA GLY D 258 -20.19 23.29 -11.74
C GLY D 258 -19.54 21.94 -11.57
N ALA D 259 -19.96 21.20 -10.56
CA ALA D 259 -19.35 19.91 -10.26
C ALA D 259 -20.47 18.88 -10.17
N SER D 260 -21.27 18.98 -9.13
CA SER D 260 -22.45 18.14 -9.00
C SER D 260 -23.42 18.26 -10.19
N SER D 261 -23.62 19.49 -10.69
CA SER D 261 -24.52 19.76 -11.84
C SER D 261 -23.95 19.31 -13.18
N GLU D 263 -21.55 16.58 -13.75
CA GLU D 263 -21.31 15.15 -13.91
C GLU D 263 -22.30 14.26 -13.17
N ARG D 264 -22.64 14.60 -11.94
CA ARG D 264 -23.41 13.65 -11.11
C ARG D 264 -24.85 13.51 -11.56
N LEU D 265 -25.56 14.61 -11.65
CA LEU D 265 -26.97 14.56 -11.93
C LEU D 265 -27.23 14.06 -13.36
N PRO D 266 -26.48 14.57 -14.36
CA PRO D 266 -26.66 13.99 -15.69
C PRO D 266 -26.45 12.48 -15.77
N ALA D 267 -25.38 11.99 -15.16
CA ALA D 267 -25.00 10.58 -15.23
C ALA D 267 -26.05 9.68 -14.58
N GLU D 268 -26.50 10.12 -13.40
CA GLU D 268 -27.51 9.47 -12.58
C GLU D 268 -28.83 9.23 -13.34
N GLU D 269 -29.32 10.31 -13.92
CA GLU D 269 -30.59 10.30 -14.60
C GLU D 269 -30.49 9.47 -15.86
N ALA D 270 -29.38 9.63 -16.59
CA ALA D 270 -29.17 8.91 -17.85
C ALA D 270 -29.07 7.41 -17.62
N ILE D 271 -28.36 7.01 -16.57
CA ILE D 271 -28.19 5.59 -16.28
C ILE D 271 -29.53 4.97 -15.86
N ARG D 272 -30.31 5.69 -15.08
CA ARG D 272 -31.58 5.17 -14.62
C ARG D 272 -32.52 5.02 -15.81
N SER D 273 -32.53 6.01 -16.69
CA SER D 273 -33.37 5.96 -17.89
C SER D 273 -33.00 4.80 -18.81
N GLN D 274 -31.72 4.60 -19.03
CA GLN D 274 -31.26 3.51 -19.84
C GLN D 274 -31.63 2.15 -19.27
N THR D 275 -31.52 2.01 -17.97
CA THR D 275 -31.90 0.77 -17.30
C THR D 275 -33.37 0.47 -17.57
N LEU D 276 -34.23 1.48 -17.39
CA LEU D 276 -35.66 1.30 -17.57
C LEU D 276 -35.96 0.99 -19.05
N ALA D 277 -35.23 1.63 -19.96
CA ALA D 277 -35.41 1.39 -21.40
C ALA D 277 -35.16 -0.08 -21.79
N PHE D 278 -34.14 -0.70 -21.18
CA PHE D 278 -33.87 -2.11 -21.44
C PHE D 278 -34.93 -3.00 -20.80
N LYS D 279 -35.32 -2.67 -19.57
CA LYS D 279 -36.37 -3.42 -18.89
C LYS D 279 -37.71 -3.39 -19.60
N ALA D 280 -38.02 -2.30 -20.30
CA ALA D 280 -39.30 -2.10 -21.00
C ALA D 280 -39.54 -3.03 -22.18
N ILE D 281 -38.49 -3.69 -22.66
CA ILE D 281 -38.63 -4.51 -23.87
C ILE D 281 -39.46 -5.75 -23.57
N ARG D 282 -40.24 -6.19 -24.55
CA ARG D 282 -41.06 -7.40 -24.48
C ARG D 282 -40.92 -8.22 -25.77
N ARG D 283 -40.88 -9.53 -25.64
CA ARG D 283 -40.84 -10.41 -26.79
C ARG D 283 -42.07 -10.16 -27.66
N GLN D 284 -41.88 -10.01 -28.95
CA GLN D 284 -43.00 -9.83 -29.85
C GLN D 284 -43.37 -11.18 -30.48
N PRO D 285 -44.64 -11.58 -30.38
CA PRO D 285 -45.21 -12.74 -31.05
C PRO D 285 -44.76 -12.88 -32.51
N ARG E 10 -6.97 -32.74 2.11
CA ARG E 10 -6.04 -31.93 2.96
C ARG E 10 -5.58 -32.73 4.18
N PRO E 11 -4.35 -33.31 4.13
CA PRO E 11 -3.93 -34.26 5.16
C PRO E 11 -3.85 -33.63 6.55
N THR E 12 -4.15 -34.40 7.59
CA THR E 12 -4.02 -33.87 8.95
C THR E 12 -2.57 -33.95 9.41
N ARG E 13 -2.28 -33.25 10.50
CA ARG E 13 -0.98 -33.31 11.15
C ARG E 13 -0.61 -34.77 11.47
N SER E 14 -1.53 -35.49 12.10
CA SER E 14 -1.36 -36.91 12.44
C SER E 14 -0.98 -37.78 11.24
N GLU E 15 -1.68 -37.56 10.12
CA GLU E 15 -1.42 -38.29 8.90
C GLU E 15 -0.02 -37.98 8.36
N LEU E 16 0.37 -36.70 8.39
CA LEU E 16 1.72 -36.31 7.97
C LEU E 16 2.80 -36.97 8.85
N VAL E 17 2.60 -36.95 10.16
CA VAL E 17 3.52 -37.59 11.09
C VAL E 17 3.57 -39.10 10.85
N ASP E 18 2.44 -39.71 10.49
CA ASP E 18 2.42 -41.14 10.14
C ASP E 18 3.18 -41.37 8.85
N ARG E 19 2.97 -40.51 7.86
CA ARG E 19 3.69 -40.58 6.58
C ARG E 19 5.19 -40.60 6.83
N PHE E 20 5.67 -39.68 7.67
CA PHE E 20 7.10 -39.57 7.93
C PHE E 20 7.65 -40.76 8.70
N GLN E 21 6.97 -41.12 9.78
CA GLN E 21 7.44 -42.22 10.61
C GLN E 21 7.42 -43.55 9.82
N LYS E 22 6.58 -43.62 8.79
CA LYS E 22 6.56 -44.77 7.87
C LYS E 22 7.85 -44.84 7.07
N LYS E 23 8.22 -43.71 6.46
CA LYS E 23 9.48 -43.61 5.71
C LYS E 23 10.70 -43.90 6.60
N ILE E 24 10.70 -43.34 7.80
CA ILE E 24 11.79 -43.55 8.76
C ILE E 24 11.93 -45.03 9.08
N ARG E 25 10.82 -45.73 9.21
CA ARG E 25 10.85 -47.18 9.47
C ARG E 25 11.35 -47.99 8.25
N ALA E 26 11.10 -47.48 7.06
CA ALA E 26 11.64 -48.05 5.82
C ALA E 26 13.12 -47.68 5.54
N GLY E 27 13.77 -46.99 6.49
CA GLY E 27 15.17 -46.59 6.35
C GLY E 27 15.40 -45.41 5.41
N GLU E 28 14.33 -44.68 5.10
CA GLU E 28 14.38 -43.57 4.16
C GLU E 28 14.47 -42.26 4.95
N PRO E 29 15.32 -41.31 4.48
CA PRO E 29 15.48 -40.06 5.22
C PRO E 29 14.36 -39.08 4.90
N ILE E 30 14.03 -38.24 5.87
CA ILE E 30 13.10 -37.14 5.69
C ILE E 30 13.90 -35.90 5.31
N ILE E 31 13.65 -35.36 4.13
CA ILE E 31 14.32 -34.18 3.64
C ILE E 31 13.30 -33.07 3.51
N GLY E 32 13.54 -31.97 4.20
CA GLY E 32 12.73 -30.78 4.05
C GLY E 32 13.54 -29.74 3.33
N GLY E 33 12.87 -28.88 2.58
CA GLY E 33 13.54 -27.86 1.79
C GLY E 33 12.94 -26.49 1.97
N GLY E 34 13.78 -25.47 1.86
CA GLY E 34 13.31 -24.10 1.78
C GLY E 34 13.00 -23.77 0.33
N ALA E 35 11.90 -23.05 0.11
CA ALA E 35 11.54 -22.54 -1.22
C ALA E 35 11.39 -21.02 -1.14
N GLY E 36 12.16 -20.31 -1.98
CA GLY E 36 12.11 -18.85 -2.03
C GLY E 36 11.33 -18.30 -3.21
N THR E 37 10.99 -19.20 -4.14
CA THR E 37 10.22 -18.89 -5.31
C THR E 37 9.30 -20.06 -5.58
N GLY E 38 8.29 -19.84 -6.40
CA GLY E 38 7.40 -20.92 -6.83
C GLY E 38 8.07 -21.99 -7.66
N LEU E 39 9.03 -21.59 -8.50
CA LEU E 39 9.81 -22.55 -9.28
C LEU E 39 10.61 -23.49 -8.35
N SER E 40 11.18 -22.92 -7.28
CA SER E 40 11.92 -23.72 -6.29
C SER E 40 11.01 -24.77 -5.70
N ALA E 41 9.83 -24.33 -5.28
CA ALA E 41 8.84 -25.19 -4.65
C ALA E 41 8.45 -26.33 -5.56
N LYS E 42 8.18 -25.97 -6.80
CA LYS E 42 7.68 -26.87 -7.82
C LYS E 42 8.76 -27.94 -8.16
N SER E 43 10.00 -27.48 -8.27
CA SER E 43 11.13 -28.37 -8.56
C SER E 43 11.47 -29.29 -7.38
N GLU E 44 11.29 -28.78 -6.16
CA GLU E 44 11.48 -29.58 -4.95
C GLU E 44 10.43 -30.69 -4.86
N GLU E 45 9.17 -30.33 -5.11
CA GLU E 45 8.12 -31.36 -5.18
C GLU E 45 8.46 -32.42 -6.23
N ALA E 46 8.96 -31.98 -7.38
CA ALA E 46 9.35 -32.88 -8.47
C ALA E 46 10.48 -33.85 -8.09
N GLY E 47 11.31 -33.43 -7.12
CA GLY E 47 12.36 -34.31 -6.57
C GLY E 47 11.93 -35.11 -5.34
N ASP E 48 10.63 -35.16 -5.08
CA ASP E 48 10.04 -35.93 -3.98
C ASP E 48 10.46 -35.48 -2.58
N ILE E 49 10.70 -34.18 -2.42
CA ILE E 49 10.98 -33.56 -1.12
C ILE E 49 9.84 -33.92 -0.17
N ASP E 50 10.15 -34.08 1.12
CA ASP E 50 9.12 -34.49 2.09
C ASP E 50 8.29 -33.31 2.61
N LEU E 51 8.92 -32.16 2.76
CA LEU E 51 8.20 -30.94 3.15
C LEU E 51 8.91 -29.68 2.68
N ILE E 52 8.16 -28.62 2.45
CA ILE E 52 8.70 -27.36 1.95
C ILE E 52 8.35 -26.26 2.95
N VAL E 53 9.32 -25.40 3.25
CA VAL E 53 9.11 -24.29 4.19
C VAL E 53 9.38 -22.99 3.48
N ILE E 54 8.55 -21.99 3.70
CA ILE E 54 8.81 -20.71 3.06
C ILE E 54 8.92 -19.59 4.09
N TYR E 55 10.03 -18.83 3.98
CA TYR E 55 10.32 -17.68 4.86
C TYR E 55 10.96 -16.56 4.05
N ASN E 56 10.99 -15.38 4.66
CA ASN E 56 11.61 -14.23 4.04
C ASN E 56 13.01 -14.50 3.51
N SER E 57 13.81 -15.26 4.25
CA SER E 57 15.19 -15.54 3.84
C SER E 57 15.26 -16.20 2.47
N GLY E 58 14.24 -16.99 2.16
CA GLY E 58 14.17 -17.64 0.85
C GLY E 58 14.08 -16.63 -0.27
N ARG E 59 13.27 -15.61 -0.06
CA ARG E 59 13.14 -14.56 -1.03
C ARG E 59 14.47 -13.86 -1.21
N TYR E 60 15.03 -13.39 -0.10
CA TYR E 60 16.30 -12.69 -0.11
C TYR E 60 17.44 -13.52 -0.73
N ARG E 61 17.46 -14.82 -0.41
CA ARG E 61 18.41 -15.76 -1.01
CA ARG E 61 18.42 -15.73 -1.01
C ARG E 61 18.26 -15.80 -2.52
N ALA E 63 17.11 -13.60 -4.25
CA ALA E 63 17.49 -12.28 -4.72
C ALA E 63 18.99 -12.11 -4.78
N GLY E 64 19.74 -13.16 -4.40
CA GLY E 64 21.20 -13.12 -4.48
C GLY E 64 21.88 -12.56 -3.25
N ARG E 65 21.15 -12.51 -2.13
CA ARG E 65 21.66 -11.94 -0.89
C ARG E 65 21.91 -13.04 0.13
N GLY E 66 22.56 -12.68 1.24
CA GLY E 66 22.85 -13.60 2.31
C GLY E 66 21.62 -14.00 3.10
N SER E 67 21.61 -15.22 3.60
CA SER E 67 20.48 -15.76 4.36
C SER E 67 20.12 -14.94 5.58
N LEU E 68 21.13 -14.37 6.23
CA LEU E 68 20.92 -13.60 7.47
C LEU E 68 20.20 -12.27 7.20
N ALA E 69 20.02 -11.91 5.94
CA ALA E 69 19.25 -10.73 5.58
C ALA E 69 17.83 -10.85 6.13
N GLY E 70 17.31 -12.07 6.20
CA GLY E 70 15.99 -12.31 6.79
C GLY E 70 15.80 -12.05 8.27
N LEU E 71 16.87 -11.74 9.01
CA LEU E 71 16.80 -11.49 10.46
C LEU E 71 16.72 -9.98 10.81
N LEU E 72 17.09 -9.13 9.85
CA LEU E 72 17.27 -7.71 10.08
C LEU E 72 16.11 -6.85 9.51
N ALA E 73 16.22 -5.52 9.63
CA ALA E 73 15.09 -4.58 9.43
C ALA E 73 14.92 -4.12 7.97
N TYR E 74 14.83 -5.12 7.09
CA TYR E 74 14.67 -4.89 5.66
C TYR E 74 13.24 -5.18 5.22
N GLY E 75 12.41 -5.60 6.13
CA GLY E 75 11.05 -5.98 5.80
C GLY E 75 10.48 -6.71 6.97
N ASN E 76 9.15 -6.81 7.01
CA ASN E 76 8.45 -7.57 8.01
C ASN E 76 8.33 -9.03 7.61
N ALA E 77 9.08 -9.88 8.30
CA ALA E 77 9.13 -11.30 8.01
C ALA E 77 7.74 -11.93 7.82
N ASN E 78 6.83 -11.63 8.73
CA ASN E 78 5.53 -12.31 8.78
C ASN E 78 4.62 -11.90 7.64
N GLN E 79 4.74 -10.64 7.22
CA GLN E 79 3.96 -10.15 6.11
C GLN E 79 4.54 -10.67 4.79
N ILE E 80 5.86 -10.78 4.72
CA ILE E 80 6.50 -11.33 3.54
C ILE E 80 6.06 -12.78 3.32
N VAL E 81 5.90 -13.57 4.38
CA VAL E 81 5.59 -14.99 4.21
C VAL E 81 4.14 -15.20 3.66
N VAL E 82 3.21 -14.38 4.13
CA VAL E 82 1.85 -14.33 3.59
C VAL E 82 1.90 -13.95 2.11
N ASP E 83 2.70 -12.95 1.74
CA ASP E 83 2.83 -12.54 0.34
CA ASP E 83 2.81 -12.55 0.33
C ASP E 83 3.40 -13.67 -0.52
N ALA E 85 3.12 -16.83 -0.07
CA ALA E 85 2.14 -17.92 -0.18
C ALA E 85 1.39 -17.90 -1.52
N ARG E 86 1.16 -16.69 -2.05
CA ARG E 86 0.47 -16.52 -3.33
CA ARG E 86 0.47 -16.49 -3.33
C ARG E 86 1.26 -17.17 -4.45
N GLU E 87 2.58 -17.03 -4.37
CA GLU E 87 3.50 -17.55 -5.37
C GLU E 87 3.67 -19.06 -5.25
N VAL E 88 3.71 -19.57 -4.02
CA VAL E 88 4.14 -20.95 -3.79
C VAL E 88 3.00 -21.95 -3.65
N LEU E 89 2.10 -21.71 -2.70
CA LEU E 89 1.06 -22.72 -2.40
C LEU E 89 0.37 -23.30 -3.64
N PRO E 90 -0.03 -22.44 -4.60
CA PRO E 90 -0.78 -22.96 -5.76
C PRO E 90 0.00 -23.93 -6.63
N VAL E 91 1.31 -23.76 -6.77
CA VAL E 91 2.09 -24.69 -7.62
C VAL E 91 2.56 -25.96 -6.93
N VAL E 92 2.26 -26.12 -5.64
CA VAL E 92 2.58 -27.34 -4.91
C VAL E 92 1.30 -28.15 -4.75
N ARG E 93 1.29 -29.40 -5.22
CA ARG E 93 0.06 -30.17 -5.30
C ARG E 93 -0.08 -31.32 -4.30
N HIS E 94 1.00 -31.78 -3.69
CA HIS E 94 0.92 -32.94 -2.81
C HIS E 94 2.12 -33.04 -1.86
N THR E 95 2.56 -31.90 -1.39
CA THR E 95 3.67 -31.83 -0.45
C THR E 95 3.28 -30.74 0.53
N PRO E 96 3.39 -31.02 1.84
CA PRO E 96 3.06 -30.00 2.85
C PRO E 96 4.01 -28.80 2.80
N VAL E 97 3.44 -27.60 2.93
CA VAL E 97 4.20 -26.36 2.93
C VAL E 97 3.99 -25.66 4.25
N LEU E 98 5.11 -25.36 4.92
CA LEU E 98 5.11 -24.71 6.22
C LEU E 98 5.49 -23.24 6.10
N ALA E 99 4.98 -22.43 7.03
CA ALA E 99 5.31 -21.00 7.11
C ALA E 99 6.39 -20.78 8.14
N GLY E 100 7.44 -20.07 7.75
CA GLY E 100 8.40 -19.53 8.71
C GLY E 100 7.73 -18.39 9.43
N VAL E 101 7.56 -18.51 10.73
CA VAL E 101 6.89 -17.49 11.54
C VAL E 101 7.93 -16.78 12.41
N ASN E 102 7.88 -15.44 12.39
CA ASN E 102 8.71 -14.63 13.29
C ASN E 102 7.98 -14.50 14.64
N GLY E 103 8.37 -15.35 15.59
CA GLY E 103 7.65 -15.50 16.86
C GLY E 103 7.76 -14.33 17.83
N THR E 104 8.80 -13.53 17.68
CA THR E 104 9.02 -12.36 18.52
C THR E 104 8.42 -11.05 17.94
N ASP E 105 7.67 -11.14 16.84
CA ASP E 105 7.07 -9.95 16.20
C ASP E 105 6.17 -9.22 17.19
N PRO E 106 6.54 -8.00 17.61
CA PRO E 106 5.76 -7.30 18.64
C PRO E 106 4.44 -6.71 18.15
N PHE E 107 4.18 -6.78 16.86
CA PHE E 107 2.99 -6.18 16.28
C PHE E 107 2.01 -7.23 15.70
N VAL E 109 -0.44 -10.68 16.80
CA VAL E 109 -1.03 -11.56 17.81
C VAL E 109 -0.85 -12.97 17.22
N SER E 111 -1.77 -16.07 18.01
CA SER E 111 -2.95 -16.94 17.90
C SER E 111 -3.76 -16.64 16.65
N THR E 112 -4.01 -15.35 16.41
CA THR E 112 -4.70 -14.91 15.20
C THR E 112 -3.93 -15.20 13.92
N PHE E 113 -2.64 -14.91 13.97
CA PHE E 113 -1.80 -15.04 12.79
C PHE E 113 -1.67 -16.51 12.40
N LEU E 114 -1.53 -17.39 13.41
CA LEU E 114 -1.44 -18.82 13.18
C LEU E 114 -2.73 -19.38 12.54
N ARG E 115 -3.87 -18.90 13.00
CA ARG E 115 -5.15 -19.27 12.38
C ARG E 115 -5.20 -18.79 10.96
N GLU E 116 -4.73 -17.57 10.73
CA GLU E 116 -4.72 -17.01 9.39
C GLU E 116 -3.87 -17.89 8.47
N LEU E 117 -2.73 -18.36 8.98
CA LEU E 117 -1.84 -19.19 8.19
C LEU E 117 -2.47 -20.55 7.88
N LYS E 118 -3.19 -21.09 8.85
CA LYS E 118 -3.92 -22.34 8.66
C LYS E 118 -4.96 -22.20 7.53
N GLU E 119 -5.76 -21.12 7.56
CA GLU E 119 -6.80 -20.87 6.53
C GLU E 119 -6.23 -20.57 5.13
N ILE E 120 -5.04 -19.95 5.09
CA ILE E 120 -4.35 -19.71 3.82
C ILE E 120 -3.97 -21.03 3.16
N GLY E 121 -3.65 -22.02 3.98
CA GLY E 121 -3.36 -23.35 3.47
C GLY E 121 -2.06 -24.01 3.91
N PHE E 122 -1.29 -23.33 4.77
CA PHE E 122 -0.05 -23.92 5.28
C PHE E 122 -0.35 -25.11 6.15
N ALA E 123 0.49 -26.14 6.04
CA ALA E 123 0.31 -27.37 6.84
C ALA E 123 0.85 -27.21 8.26
N GLY E 124 1.70 -26.21 8.47
CA GLY E 124 2.44 -26.12 9.71
C GLY E 124 3.32 -24.90 9.73
N VAL E 125 4.16 -24.79 10.76
CA VAL E 125 5.03 -23.62 10.91
C VAL E 125 6.40 -24.01 11.41
N GLN E 126 7.34 -23.08 11.23
CA GLN E 126 8.67 -23.13 11.82
C GLN E 126 8.98 -21.77 12.42
N ASN E 127 9.79 -21.74 13.48
CA ASN E 127 10.23 -20.47 14.03
C ASN E 127 11.38 -19.91 13.19
N PHE E 128 11.03 -19.09 12.20
CA PHE E 128 12.03 -18.40 11.44
C PHE E 128 11.47 -17.10 10.86
N PRO E 129 12.22 -15.97 10.99
CA PRO E 129 13.52 -15.77 11.62
C PRO E 129 13.53 -16.15 13.08
N THR E 130 14.70 -16.53 13.58
CA THR E 130 14.85 -16.99 14.93
C THR E 130 15.99 -16.26 15.61
N VAL E 131 15.72 -15.74 16.80
CA VAL E 131 16.77 -15.15 17.62
C VAL E 131 17.80 -16.19 18.08
N GLY E 132 17.51 -17.47 17.93
CA GLY E 132 18.49 -18.52 18.21
C GLY E 132 19.76 -18.46 17.39
N LEU E 133 19.70 -17.80 16.24
CA LEU E 133 20.90 -17.54 15.42
C LEU E 133 21.75 -16.37 15.92
N ILE E 134 21.21 -15.59 16.85
CA ILE E 134 21.86 -14.38 17.35
C ILE E 134 22.60 -14.76 18.64
N ASP E 135 23.83 -14.28 18.79
CA ASP E 135 24.59 -14.53 20.00
C ASP E 135 25.10 -13.21 20.66
N GLY E 136 25.99 -13.38 21.63
CA GLY E 136 26.65 -12.24 22.26
C GLY E 136 25.79 -11.44 23.23
N LEU E 137 26.27 -10.24 23.54
CA LEU E 137 25.52 -9.31 24.39
C LEU E 137 24.26 -8.82 23.68
N PHE E 138 24.30 -8.78 22.35
CA PHE E 138 23.13 -8.39 21.57
C PHE E 138 21.98 -9.39 21.80
N ARG E 139 22.27 -10.68 21.69
CA ARG E 139 21.30 -11.74 22.05
C ARG E 139 20.75 -11.59 23.47
N GLN E 140 21.64 -11.33 24.44
CA GLN E 140 21.24 -11.16 25.83
C GLN E 140 20.26 -9.99 25.96
N ASN E 141 20.56 -8.86 25.34
CA ASN E 141 19.67 -7.69 25.41
C ASN E 141 18.32 -7.96 24.79
N LEU E 142 18.31 -8.71 23.69
CA LEU E 142 17.07 -9.08 23.04
C LEU E 142 16.22 -9.92 24.00
N GLU E 143 16.85 -10.92 24.62
CA GLU E 143 16.16 -11.79 25.58
C GLU E 143 15.63 -10.98 26.75
N GLU E 144 16.36 -9.95 27.16
CA GLU E 144 15.95 -9.13 28.28
C GLU E 144 14.88 -8.09 27.96
N THR E 145 14.64 -7.82 26.68
CA THR E 145 13.71 -6.76 26.28
C THR E 145 12.57 -7.27 25.42
N GLY E 146 12.17 -8.51 25.62
CA GLY E 146 10.91 -8.99 25.03
C GLY E 146 11.03 -9.58 23.67
N SER E 148 12.69 -12.83 22.97
CA SER E 148 13.36 -14.03 23.42
C SER E 148 12.95 -15.28 22.65
N TYR E 149 13.82 -16.28 22.71
CA TYR E 149 13.53 -17.60 22.15
C TYR E 149 12.32 -18.26 22.83
N ALA E 150 12.11 -17.95 24.11
CA ALA E 150 10.90 -18.37 24.85
C ALA E 150 9.61 -18.02 24.14
N GLN E 151 9.59 -16.87 23.48
CA GLN E 151 8.42 -16.43 22.74
C GLN E 151 8.23 -17.25 21.50
N GLU E 152 9.33 -17.70 20.89
CA GLU E 152 9.26 -18.63 19.76
C GLU E 152 8.68 -19.96 20.23
N VAL E 153 9.13 -20.41 21.39
CA VAL E 153 8.65 -21.68 21.96
C VAL E 153 7.14 -21.63 22.19
N GLU E 154 6.67 -20.53 22.79
CA GLU E 154 5.24 -20.31 22.98
C GLU E 154 4.49 -20.33 21.65
N ILE E 156 5.28 -21.89 18.94
CA ILE E 156 5.18 -23.27 18.52
C ILE E 156 4.08 -24.00 19.32
N ALA E 157 4.05 -23.80 20.64
CA ALA E 157 3.02 -24.38 21.50
C ALA E 157 1.60 -24.05 21.03
N GLU E 158 1.34 -22.77 20.74
CA GLU E 158 0.03 -22.35 20.24
C GLU E 158 -0.29 -22.97 18.90
N ALA E 159 0.72 -23.05 18.02
CA ALA E 159 0.56 -23.70 16.71
C ALA E 159 0.16 -25.16 16.87
N HIS E 160 0.82 -25.86 17.80
CA HIS E 160 0.52 -27.26 18.11
C HIS E 160 -0.94 -27.40 18.54
N LYS E 161 -1.33 -26.62 19.55
CA LYS E 161 -2.72 -26.55 19.98
C LYS E 161 -3.71 -26.28 18.84
N LEU E 162 -3.27 -25.59 17.78
CA LEU E 162 -4.08 -25.44 16.56
C LEU E 162 -3.99 -26.62 15.57
N ASP E 163 -3.34 -27.70 15.99
CA ASP E 163 -3.09 -28.88 15.16
C ASP E 163 -2.38 -28.56 13.84
N LEU E 164 -1.47 -27.58 13.90
CA LEU E 164 -0.56 -27.32 12.80
C LEU E 164 0.66 -28.20 13.03
N LEU E 165 1.30 -28.64 11.96
CA LEU E 165 2.59 -29.32 12.07
C LEU E 165 3.63 -28.30 12.53
N THR E 166 4.48 -28.70 13.46
CA THR E 166 5.54 -27.84 13.96
C THR E 166 6.92 -28.51 13.78
N THR E 167 7.81 -27.81 13.08
CA THR E 167 9.17 -28.28 12.82
C THR E 167 10.21 -27.21 13.25
N PRO E 168 10.22 -26.87 14.55
CA PRO E 168 11.09 -25.81 15.09
C PRO E 168 12.61 -26.03 15.08
N TYR E 169 13.34 -24.95 14.82
CA TYR E 169 14.79 -24.92 14.94
C TYR E 169 15.16 -24.89 16.41
N VAL E 170 16.10 -25.73 16.81
CA VAL E 170 16.62 -25.76 18.17
C VAL E 170 18.14 -25.70 18.12
N PHE E 171 18.77 -25.04 19.09
CA PHE E 171 20.20 -24.80 19.03
C PHE E 171 20.98 -25.40 20.21
N SER E 172 20.27 -26.09 21.08
CA SER E 172 20.82 -26.62 22.31
C SER E 172 19.86 -27.70 22.83
N PRO E 173 20.31 -28.56 23.75
CA PRO E 173 19.43 -29.52 24.44
C PRO E 173 18.28 -28.83 25.17
N GLU E 174 18.60 -27.70 25.78
CA GLU E 174 17.63 -26.89 26.52
C GLU E 174 16.50 -26.43 25.62
N ASP E 175 16.85 -25.99 24.42
CA ASP E 175 15.88 -25.67 23.37
C ASP E 175 15.11 -26.90 22.93
N ALA E 176 15.84 -28.00 22.76
CA ALA E 176 15.25 -29.29 22.36
C ALA E 176 14.14 -29.72 23.32
N VAL E 177 14.41 -29.61 24.62
CA VAL E 177 13.39 -29.91 25.63
C VAL E 177 12.17 -29.00 25.49
N ALA E 178 12.41 -27.68 25.58
CA ALA E 178 11.35 -26.68 25.57
C ALA E 178 10.39 -26.83 24.40
N ALA E 180 10.14 -29.78 22.62
CA ALA E 180 9.51 -31.08 22.81
C ALA E 180 8.27 -30.87 23.66
N LYS E 181 8.43 -30.25 24.81
CA LYS E 181 7.32 -29.97 25.70
C LYS E 181 6.22 -29.15 25.03
N ALA E 182 6.61 -28.30 24.06
CA ALA E 182 5.65 -27.50 23.29
C ALA E 182 4.76 -28.33 22.33
N GLY E 183 5.18 -29.56 22.04
CA GLY E 183 4.44 -30.45 21.14
C GLY E 183 4.99 -30.44 19.72
N ALA E 184 6.29 -30.16 19.58
CA ALA E 184 6.94 -30.15 18.27
C ALA E 184 6.91 -31.56 17.67
N ASP E 185 6.43 -31.65 16.44
CA ASP E 185 6.43 -32.92 15.70
C ASP E 185 7.84 -33.25 15.20
N ILE E 186 8.55 -32.22 14.72
CA ILE E 186 9.94 -32.37 14.24
C ILE E 186 10.84 -31.33 14.91
N LEU E 187 12.06 -31.71 15.25
CA LEU E 187 13.07 -30.77 15.73
C LEU E 187 14.20 -30.69 14.70
N VAL E 188 14.45 -29.49 14.18
CA VAL E 188 15.58 -29.26 13.30
C VAL E 188 16.75 -28.68 14.11
N CYS E 189 17.76 -29.50 14.36
CA CYS E 189 18.95 -29.07 15.08
C CYS E 189 19.72 -28.17 14.16
N HIS E 190 19.78 -26.89 14.52
CA HIS E 190 20.41 -25.85 13.71
C HIS E 190 21.81 -25.68 14.24
N GLY E 192 24.11 -23.42 13.01
CA GLY E 192 24.66 -22.11 12.65
C GLY E 192 24.52 -21.88 11.15
N LEU E 193 24.96 -20.71 10.66
CA LEU E 193 24.94 -20.39 9.22
C LEU E 193 25.85 -21.35 8.42
N THR E 194 25.39 -21.80 7.25
CA THR E 194 26.05 -22.86 6.46
C THR E 194 27.35 -22.39 5.74
N THR E 195 28.05 -23.35 5.10
CA THR E 195 29.34 -23.12 4.41
C THR E 195 30.47 -22.93 5.41
N ARG E 202 34.91 -23.06 7.62
CA ARG E 202 35.87 -22.96 8.71
C ARG E 202 35.65 -21.70 9.57
N SER E 203 34.46 -21.08 9.43
CA SER E 203 34.04 -19.96 10.28
C SER E 203 33.46 -20.48 11.62
N GLY E 204 32.50 -21.42 11.52
CA GLY E 204 31.78 -21.97 12.68
C GLY E 204 32.10 -23.40 13.06
N LYS E 205 31.06 -24.19 13.39
CA LYS E 205 31.19 -25.48 14.08
C LYS E 205 31.94 -26.56 13.31
N SER E 206 32.70 -27.38 14.03
CA SER E 206 33.36 -28.53 13.42
C SER E 206 32.32 -29.61 13.23
N ASP E 208 32.64 -32.60 14.06
CA ASP E 208 32.62 -33.29 15.36
C ASP E 208 31.73 -32.56 16.37
N ASP E 209 31.75 -31.22 16.34
CA ASP E 209 30.93 -30.44 17.25
C ASP E 209 29.48 -30.67 16.94
N CYS E 210 29.15 -30.70 15.65
CA CYS E 210 27.80 -30.99 15.20
C CYS E 210 27.31 -32.34 15.68
N VAL E 211 28.15 -33.36 15.54
CA VAL E 211 27.80 -34.72 15.97
C VAL E 211 27.42 -34.73 17.46
N SER E 212 28.29 -34.11 18.27
CA SER E 212 28.12 -34.02 19.73
C SER E 212 26.85 -33.32 20.13
N LEU E 213 26.61 -32.17 19.52
CA LEU E 213 25.43 -31.36 19.81
C LEU E 213 24.16 -32.08 19.38
N ILE E 214 24.17 -32.62 18.16
CA ILE E 214 22.99 -33.27 17.65
C ILE E 214 22.64 -34.45 18.54
N ASN E 215 23.63 -35.25 18.92
CA ASN E 215 23.37 -36.37 19.84
C ASN E 215 22.84 -35.89 21.19
N GLU E 216 23.39 -34.76 21.65
CA GLU E 216 23.00 -34.14 22.93
C GLU E 216 21.54 -33.72 22.89
N CYS E 217 21.13 -33.14 21.75
CA CYS E 217 19.74 -32.75 21.55
C CYS E 217 18.82 -33.96 21.45
N ILE E 218 19.29 -35.03 20.80
CA ILE E 218 18.50 -36.25 20.65
C ILE E 218 18.20 -36.82 22.04
N GLU E 219 19.24 -36.98 22.84
CA GLU E 219 19.08 -37.54 24.20
C GLU E 219 18.12 -36.66 25.00
N ALA E 220 18.26 -35.33 24.86
CA ALA E 220 17.39 -34.37 25.55
C ALA E 220 15.93 -34.51 25.11
N ALA E 221 15.69 -34.33 23.81
CA ALA E 221 14.37 -34.54 23.23
C ALA E 221 13.69 -35.80 23.77
N ARG E 222 14.45 -36.88 23.88
CA ARG E 222 13.89 -38.18 24.28
C ARG E 222 13.46 -38.25 25.74
N THR E 223 14.10 -37.47 26.62
CA THR E 223 13.64 -37.31 28.01
C THR E 223 12.17 -36.90 28.10
N ILE E 224 11.67 -36.25 27.05
CA ILE E 224 10.28 -35.82 27.00
C ILE E 224 9.45 -36.82 26.22
N ARG E 225 9.97 -37.24 25.06
CA ARG E 225 9.19 -38.04 24.12
C ARG E 225 10.08 -38.83 23.14
N ASP E 226 9.83 -40.13 23.05
CA ASP E 226 10.70 -41.05 22.29
C ASP E 226 10.41 -41.07 20.78
N ASP E 227 9.30 -40.46 20.38
CA ASP E 227 8.89 -40.48 18.97
C ASP E 227 9.02 -39.11 18.30
N ILE E 228 9.90 -38.24 18.80
CA ILE E 228 10.15 -36.98 18.10
C ILE E 228 11.10 -37.28 16.93
N ILE E 229 10.79 -36.66 15.81
CA ILE E 229 11.59 -36.77 14.60
C ILE E 229 12.65 -35.66 14.65
N ILE E 230 13.91 -36.03 14.45
CA ILE E 230 15.02 -35.09 14.57
C ILE E 230 15.83 -35.04 13.29
N LEU E 231 15.95 -33.84 12.74
CA LEU E 231 16.66 -33.58 11.51
C LEU E 231 17.81 -32.61 11.80
N SER E 232 18.81 -32.62 10.94
CA SER E 232 19.96 -31.72 11.07
C SER E 232 19.85 -30.57 10.07
N HIS E 233 20.50 -29.45 10.40
CA HIS E 233 20.63 -28.33 9.46
C HIS E 233 21.84 -27.44 9.74
N GLY E 234 22.50 -26.98 8.67
CA GLY E 234 23.41 -25.84 8.77
C GLY E 234 24.81 -26.08 9.30
N GLY E 235 25.56 -24.99 9.43
CA GLY E 235 26.99 -25.07 9.71
C GLY E 235 27.67 -25.81 8.58
N PRO E 236 28.44 -26.87 8.90
CA PRO E 236 29.20 -27.58 7.89
C PRO E 236 28.40 -28.66 7.13
N ILE E 237 27.15 -28.87 7.51
CA ILE E 237 26.31 -29.83 6.82
C ILE E 237 25.81 -29.13 5.55
N ALA E 238 26.58 -29.24 4.48
CA ALA E 238 26.38 -28.40 3.28
C ALA E 238 25.89 -29.15 2.04
N ASN E 239 25.99 -30.47 2.06
CA ASN E 239 25.73 -31.28 0.88
C ASN E 239 25.28 -32.71 1.21
N PRO E 240 24.72 -33.43 0.23
CA PRO E 240 24.21 -34.76 0.55
C PRO E 240 25.19 -35.66 1.29
N GLU E 241 26.49 -35.59 0.99
CA GLU E 241 27.47 -36.41 1.70
C GLU E 241 27.66 -35.99 3.15
N ASP E 242 27.57 -34.68 3.42
CA ASP E 242 27.68 -34.19 4.79
C ASP E 242 26.47 -34.67 5.58
N ALA E 243 25.28 -34.54 4.98
CA ALA E 243 24.04 -35.06 5.57
C ALA E 243 24.15 -36.56 5.83
N ARG E 244 24.79 -37.28 4.91
CA ARG E 244 24.97 -38.71 5.07
C ARG E 244 25.88 -39.02 6.25
N PHE E 245 26.91 -38.19 6.47
CA PHE E 245 27.82 -38.42 7.60
C PHE E 245 27.12 -38.22 8.94
N ILE E 246 26.16 -37.29 9.00
CA ILE E 246 25.38 -37.09 10.22
C ILE E 246 24.46 -38.29 10.46
N LEU E 247 23.80 -38.79 9.42
CA LEU E 247 22.94 -39.98 9.54
C LEU E 247 23.73 -41.18 10.01
N ASP E 248 25.01 -41.25 9.64
CA ASP E 248 25.86 -42.35 10.04
C ASP E 248 26.35 -42.17 11.48
N SER E 249 26.46 -40.91 11.92
CA SER E 249 27.07 -40.56 13.19
C SER E 249 26.08 -40.43 14.33
N CYS E 250 24.84 -40.05 14.00
CA CYS E 250 23.83 -39.79 15.01
C CYS E 250 22.64 -40.69 14.77
N GLN E 251 22.48 -41.70 15.60
CA GLN E 251 21.50 -42.75 15.33
C GLN E 251 20.08 -42.20 15.33
N GLY E 252 19.76 -41.39 16.33
CA GLY E 252 18.40 -40.85 16.51
C GLY E 252 17.98 -39.78 15.51
N CYS E 253 18.93 -39.30 14.71
CA CYS E 253 18.68 -38.31 13.68
C CYS E 253 18.23 -39.00 12.40
N HIS E 254 17.11 -38.53 11.83
CA HIS E 254 16.48 -39.22 10.71
C HIS E 254 16.21 -38.35 9.48
N GLY E 255 17.07 -37.37 9.22
CA GLY E 255 16.90 -36.51 8.04
C GLY E 255 17.61 -35.18 8.08
N PHE E 256 17.19 -34.26 7.19
CA PHE E 256 17.96 -33.04 6.96
C PHE E 256 17.10 -31.93 6.36
N TYR E 257 17.23 -30.71 6.89
CA TYR E 257 16.58 -29.52 6.31
C TYR E 257 17.62 -28.68 5.59
N GLY E 258 17.35 -28.37 4.33
CA GLY E 258 18.22 -27.49 3.52
C GLY E 258 17.46 -26.39 2.81
N ALA E 259 18.05 -25.21 2.74
CA ALA E 259 17.46 -24.10 2.01
C ALA E 259 18.47 -23.63 0.95
N SER E 260 19.61 -23.13 1.39
CA SER E 260 20.64 -22.67 0.48
C SER E 260 21.18 -23.81 -0.38
N SER E 261 21.36 -24.98 0.24
CA SER E 261 21.82 -26.17 -0.48
C SER E 261 20.80 -26.63 -1.51
N GLU E 263 18.14 -24.84 -3.16
CA GLU E 263 17.70 -23.95 -4.24
C GLU E 263 18.73 -22.93 -4.76
N ARG E 264 19.54 -22.36 -3.88
CA ARG E 264 20.40 -21.26 -4.29
C ARG E 264 21.57 -21.76 -5.15
N LEU E 265 22.43 -22.58 -4.56
CA LEU E 265 23.67 -22.96 -5.22
C LEU E 265 23.45 -23.69 -6.56
N PRO E 266 22.51 -24.67 -6.58
CA PRO E 266 22.17 -25.30 -7.86
C PRO E 266 21.74 -24.31 -8.94
N ALA E 267 20.76 -23.47 -8.64
CA ALA E 267 20.23 -22.52 -9.61
C ALA E 267 21.34 -21.63 -10.14
N GLU E 268 22.10 -21.10 -9.19
CA GLU E 268 23.19 -20.17 -9.47
C GLU E 268 24.18 -20.75 -10.48
N GLU E 269 24.65 -21.97 -10.19
CA GLU E 269 25.52 -22.72 -11.11
C GLU E 269 24.91 -22.88 -12.48
N ALA E 270 23.67 -23.38 -12.51
CA ALA E 270 23.00 -23.73 -13.76
C ALA E 270 22.79 -22.50 -14.65
N ILE E 271 22.31 -21.40 -14.06
CA ILE E 271 22.03 -20.17 -14.81
C ILE E 271 23.33 -19.62 -15.41
N ARG E 272 24.39 -19.68 -14.61
CA ARG E 272 25.71 -19.26 -15.02
C ARG E 272 26.27 -20.17 -16.14
N SER E 273 26.15 -21.48 -15.96
CA SER E 273 26.64 -22.41 -16.96
C SER E 273 25.91 -22.21 -18.27
N GLN E 274 24.59 -22.07 -18.19
CA GLN E 274 23.76 -21.87 -19.39
C GLN E 274 24.11 -20.59 -20.13
N THR E 275 24.40 -19.53 -19.37
CA THR E 275 24.73 -18.23 -19.92
C THR E 275 26.04 -18.35 -20.71
N LEU E 276 27.04 -18.94 -20.08
CA LEU E 276 28.31 -19.18 -20.73
C LEU E 276 28.13 -19.98 -22.03
N ALA E 277 27.25 -20.97 -22.00
CA ALA E 277 27.03 -21.81 -23.16
C ALA E 277 26.53 -21.01 -24.38
N PHE E 278 25.62 -20.06 -24.14
CA PHE E 278 25.10 -19.20 -25.22
C PHE E 278 26.19 -18.27 -25.71
N LYS E 279 26.90 -17.70 -24.75
CA LYS E 279 28.01 -16.79 -25.00
C LYS E 279 29.14 -17.43 -25.83
N ALA E 280 29.30 -18.75 -25.69
CA ALA E 280 30.35 -19.50 -26.39
C ALA E 280 30.06 -19.71 -27.88
N ILE E 281 28.79 -19.84 -28.26
CA ILE E 281 28.48 -20.12 -29.67
C ILE E 281 29.13 -19.09 -30.59
N ARG E 282 29.76 -19.58 -31.66
CA ARG E 282 30.30 -18.71 -32.72
C ARG E 282 29.71 -19.14 -34.05
N ARG E 283 29.63 -18.20 -34.99
CA ARG E 283 29.16 -18.47 -36.35
C ARG E 283 30.29 -19.23 -37.04
N GLN E 284 29.92 -20.08 -38.00
CA GLN E 284 30.89 -20.79 -38.82
C GLN E 284 31.87 -19.85 -39.49
N ARG F 10 28.66 5.58 -14.57
CA ARG F 10 27.48 5.03 -15.31
C ARG F 10 27.69 5.21 -16.80
N PRO F 11 27.88 4.10 -17.55
CA PRO F 11 28.15 4.19 -18.99
C PRO F 11 26.99 4.81 -19.77
N THR F 12 27.33 5.64 -20.76
CA THR F 12 26.29 6.20 -21.64
C THR F 12 25.74 5.12 -22.56
N ARG F 13 24.66 5.44 -23.26
CA ARG F 13 24.11 4.54 -24.29
C ARG F 13 25.15 4.30 -25.37
N SER F 14 25.75 5.39 -25.86
CA SER F 14 26.72 5.32 -26.94
C SER F 14 27.93 4.46 -26.57
N GLU F 15 28.33 4.53 -25.30
CA GLU F 15 29.37 3.66 -24.79
C GLU F 15 28.93 2.20 -24.88
N LEU F 16 27.71 1.91 -24.45
CA LEU F 16 27.19 0.54 -24.51
C LEU F 16 27.13 0.01 -25.96
N VAL F 17 26.70 0.87 -26.88
CA VAL F 17 26.59 0.49 -28.29
C VAL F 17 27.98 0.26 -28.88
N ASP F 18 28.97 1.04 -28.45
CA ASP F 18 30.34 0.79 -28.87
C ASP F 18 30.82 -0.57 -28.39
N ARG F 19 30.54 -0.87 -27.13
CA ARG F 19 30.95 -2.12 -26.51
C ARG F 19 30.42 -3.30 -27.30
N PHE F 20 29.16 -3.19 -27.74
CA PHE F 20 28.53 -4.29 -28.48
C PHE F 20 29.09 -4.39 -29.88
N GLN F 21 29.19 -3.23 -30.56
CA GLN F 21 29.70 -3.18 -31.94
C GLN F 21 31.16 -3.62 -32.01
N LYS F 22 31.91 -3.44 -30.92
CA LYS F 22 33.28 -3.93 -30.84
C LYS F 22 33.31 -5.45 -30.73
N LYS F 23 32.42 -6.02 -29.93
CA LYS F 23 32.31 -7.49 -29.81
C LYS F 23 31.87 -8.12 -31.14
N ILE F 24 30.90 -7.50 -31.80
CA ILE F 24 30.42 -7.96 -33.11
C ILE F 24 31.58 -7.98 -34.09
N ARG F 25 32.37 -6.90 -34.12
CA ARG F 25 33.52 -6.84 -35.02
C ARG F 25 34.62 -7.84 -34.63
N ALA F 26 34.73 -8.15 -33.34
CA ALA F 26 35.61 -9.25 -32.88
C ALA F 26 35.03 -10.64 -33.21
N GLY F 27 33.80 -10.68 -33.73
CA GLY F 27 33.15 -11.92 -34.11
C GLY F 27 32.38 -12.59 -32.99
N GLU F 28 32.12 -11.84 -31.93
CA GLU F 28 31.46 -12.36 -30.75
C GLU F 28 29.98 -12.07 -30.77
N PRO F 29 29.14 -13.05 -30.40
CA PRO F 29 27.71 -12.81 -30.37
C PRO F 29 27.32 -11.95 -29.17
N ILE F 30 26.33 -11.10 -29.37
CA ILE F 30 25.72 -10.37 -28.27
C ILE F 30 24.60 -11.23 -27.71
N ILE F 31 24.70 -11.63 -26.44
CA ILE F 31 23.66 -12.41 -25.79
C ILE F 31 22.98 -11.60 -24.71
N GLY F 32 21.67 -11.40 -24.87
CA GLY F 32 20.85 -10.72 -23.86
C GLY F 32 20.01 -11.73 -23.10
N GLY F 33 19.68 -11.41 -21.85
CA GLY F 33 18.98 -12.36 -20.99
C GLY F 33 17.93 -11.71 -20.11
N GLY F 34 16.91 -12.50 -19.80
CA GLY F 34 15.89 -12.07 -18.87
C GLY F 34 16.19 -12.58 -17.48
N ALA F 35 16.02 -11.71 -16.48
CA ALA F 35 16.17 -12.08 -15.08
C ALA F 35 14.85 -11.81 -14.36
N GLY F 36 14.26 -12.86 -13.81
CA GLY F 36 13.06 -12.74 -12.98
C GLY F 36 13.36 -12.70 -11.51
N THR F 37 14.65 -12.85 -11.15
CA THR F 37 15.08 -12.77 -9.77
C THR F 37 16.45 -12.13 -9.71
N GLY F 38 16.84 -11.67 -8.52
CA GLY F 38 18.18 -11.15 -8.32
C GLY F 38 19.25 -12.20 -8.55
N LEU F 39 18.98 -13.41 -8.08
CA LEU F 39 19.90 -14.53 -8.29
C LEU F 39 20.10 -14.81 -9.77
N SER F 40 19.02 -14.76 -10.55
CA SER F 40 19.12 -14.90 -12.00
C SER F 40 20.07 -13.86 -12.58
N ALA F 41 19.81 -12.58 -12.30
CA ALA F 41 20.62 -11.48 -12.85
C ALA F 41 22.09 -11.63 -12.45
N LYS F 42 22.30 -11.96 -11.19
CA LYS F 42 23.62 -12.11 -10.62
C LYS F 42 24.36 -13.22 -11.38
N SER F 43 23.69 -14.35 -11.56
CA SER F 43 24.31 -15.49 -12.25
C SER F 43 24.46 -15.25 -13.76
N GLU F 44 23.61 -14.42 -14.35
CA GLU F 44 23.82 -14.05 -15.76
C GLU F 44 25.05 -13.14 -15.93
N GLU F 45 25.29 -12.25 -14.95
CA GLU F 45 26.47 -11.42 -14.95
C GLU F 45 27.72 -12.30 -14.82
N ALA F 46 27.70 -13.23 -13.86
CA ALA F 46 28.79 -14.22 -13.70
C ALA F 46 29.11 -14.98 -14.99
N GLY F 47 28.10 -15.17 -15.85
CA GLY F 47 28.28 -15.77 -17.16
C GLY F 47 28.63 -14.77 -18.25
N ASP F 48 29.01 -13.56 -17.85
CA ASP F 48 29.37 -12.48 -18.77
C ASP F 48 28.34 -12.20 -19.85
N ILE F 49 27.06 -12.23 -19.49
CA ILE F 49 26.00 -11.85 -20.41
C ILE F 49 26.21 -10.39 -20.83
N ASP F 50 25.74 -10.01 -22.01
CA ASP F 50 25.92 -8.63 -22.49
C ASP F 50 24.88 -7.62 -21.95
N LEU F 51 23.66 -8.08 -21.72
CA LEU F 51 22.65 -7.24 -21.09
C LEU F 51 21.62 -8.11 -20.44
N ILE F 52 20.96 -7.54 -19.43
CA ILE F 52 19.90 -8.19 -18.68
C ILE F 52 18.65 -7.33 -18.82
N VAL F 53 17.51 -7.98 -19.00
CA VAL F 53 16.23 -7.28 -19.03
C VAL F 53 15.32 -7.91 -18.00
N ILE F 54 14.66 -7.07 -17.19
CA ILE F 54 13.72 -7.54 -16.17
C ILE F 54 12.28 -7.10 -16.48
N TYR F 55 11.33 -8.01 -16.27
CA TYR F 55 9.91 -7.67 -16.41
C TYR F 55 9.04 -8.70 -15.71
N ASN F 56 7.74 -8.39 -15.60
CA ASN F 56 6.82 -9.21 -14.85
C ASN F 56 6.87 -10.67 -15.23
N SER F 57 6.90 -10.96 -16.53
CA SER F 57 6.95 -12.35 -16.98
C SER F 57 8.12 -13.14 -16.42
N GLY F 58 9.24 -12.46 -16.20
CA GLY F 58 10.38 -13.12 -15.56
C GLY F 58 9.99 -13.54 -14.17
N ARG F 59 9.37 -12.64 -13.43
CA ARG F 59 8.97 -12.95 -12.08
C ARG F 59 8.02 -14.15 -12.05
N TYR F 60 7.04 -14.15 -12.95
CA TYR F 60 6.05 -15.21 -13.05
C TYR F 60 6.60 -16.56 -13.53
N ARG F 61 7.58 -16.53 -14.43
CA ARG F 61 8.35 -17.73 -14.83
CA ARG F 61 8.24 -17.78 -14.80
C ARG F 61 9.00 -18.37 -13.62
N ALA F 63 8.13 -17.99 -10.67
CA ALA F 63 7.09 -18.48 -9.78
C ALA F 63 6.52 -19.79 -10.30
N GLY F 64 7.06 -20.26 -11.44
CA GLY F 64 6.66 -21.51 -12.04
C GLY F 64 5.38 -21.44 -12.87
N ARG F 65 4.98 -20.25 -13.27
CA ARG F 65 3.84 -20.07 -14.17
C ARG F 65 4.33 -19.87 -15.62
N GLY F 66 3.37 -19.89 -16.56
CA GLY F 66 3.67 -19.69 -17.98
C GLY F 66 4.06 -18.27 -18.30
N SER F 67 4.92 -18.10 -19.29
CA SER F 67 5.41 -16.76 -19.64
C SER F 67 4.28 -15.77 -19.89
N LEU F 68 3.20 -16.25 -20.53
CA LEU F 68 2.13 -15.37 -20.99
C LEU F 68 1.26 -14.81 -19.86
N ALA F 69 1.46 -15.31 -18.64
CA ALA F 69 0.82 -14.72 -17.47
C ALA F 69 1.19 -13.26 -17.36
N GLY F 70 2.34 -12.88 -17.93
CA GLY F 70 2.75 -11.49 -17.96
C GLY F 70 1.92 -10.53 -18.78
N LEU F 71 1.02 -11.07 -19.60
CA LEU F 71 0.26 -10.24 -20.54
C LEU F 71 -1.15 -9.95 -20.05
N LEU F 72 -1.58 -10.61 -18.98
CA LEU F 72 -2.97 -10.63 -18.56
C LEU F 72 -3.22 -9.84 -17.27
N ALA F 73 -4.47 -9.77 -16.84
CA ALA F 73 -4.86 -8.90 -15.71
C ALA F 73 -4.53 -9.49 -14.34
N TYR F 74 -3.26 -9.87 -14.14
CA TYR F 74 -2.81 -10.49 -12.86
C TYR F 74 -1.90 -9.58 -12.03
N GLY F 75 -1.68 -8.38 -12.53
CA GLY F 75 -0.82 -7.42 -11.90
C GLY F 75 -0.57 -6.31 -12.90
N ASN F 76 -0.02 -5.20 -12.42
CA ASN F 76 0.36 -4.10 -13.28
C ASN F 76 1.82 -4.25 -13.62
N ALA F 77 2.07 -4.57 -14.89
CA ALA F 77 3.41 -4.80 -15.38
C ALA F 77 4.38 -3.68 -15.01
N ASN F 78 4.01 -2.44 -15.31
CA ASN F 78 4.92 -1.32 -15.09
C ASN F 78 5.24 -1.08 -13.62
N GLN F 79 4.29 -1.40 -12.74
CA GLN F 79 4.56 -1.27 -11.32
C GLN F 79 5.45 -2.41 -10.88
N ILE F 80 5.23 -3.61 -11.40
CA ILE F 80 6.06 -4.75 -11.02
C ILE F 80 7.54 -4.57 -11.40
N VAL F 81 7.81 -3.99 -12.56
CA VAL F 81 9.19 -3.83 -13.02
C VAL F 81 9.96 -2.86 -12.13
N VAL F 82 9.28 -1.83 -11.63
CA VAL F 82 9.86 -0.92 -10.63
C VAL F 82 10.16 -1.65 -9.33
N ASP F 83 9.24 -2.52 -8.90
CA ASP F 83 9.43 -3.28 -7.67
C ASP F 83 10.61 -4.24 -7.84
N ALA F 85 13.13 -3.75 -9.68
CA ALA F 85 14.36 -2.98 -9.75
C ALA F 85 15.15 -3.08 -8.43
N ARG F 86 14.43 -3.04 -7.30
CA ARG F 86 15.00 -3.15 -5.95
C ARG F 86 15.80 -4.43 -5.74
N GLU F 87 15.34 -5.52 -6.34
CA GLU F 87 15.94 -6.83 -6.16
C GLU F 87 17.13 -7.01 -7.09
N VAL F 88 17.05 -6.47 -8.30
CA VAL F 88 18.03 -6.77 -9.33
C VAL F 88 19.14 -5.74 -9.40
N LEU F 89 18.78 -4.46 -9.50
CA LEU F 89 19.78 -3.41 -9.75
C LEU F 89 20.94 -3.45 -8.77
N PRO F 90 20.66 -3.57 -7.46
CA PRO F 90 21.77 -3.57 -6.49
C PRO F 90 22.77 -4.73 -6.60
N VAL F 91 22.36 -5.92 -7.07
CA VAL F 91 23.30 -7.05 -7.22
C VAL F 91 23.94 -7.19 -8.61
N VAL F 92 23.72 -6.24 -9.50
CA VAL F 92 24.35 -6.28 -10.81
C VAL F 92 25.31 -5.12 -10.91
N ARG F 93 26.57 -5.44 -11.17
CA ARG F 93 27.71 -4.54 -10.93
C ARG F 93 28.31 -3.87 -12.17
N HIS F 94 28.36 -4.60 -13.28
CA HIS F 94 28.99 -4.07 -14.50
C HIS F 94 28.22 -4.40 -15.79
N THR F 95 26.96 -4.82 -15.63
CA THR F 95 26.11 -5.19 -16.75
C THR F 95 24.92 -4.24 -16.80
N PRO F 96 24.56 -3.74 -18.01
CA PRO F 96 23.37 -2.92 -18.18
C PRO F 96 22.14 -3.73 -17.89
N VAL F 97 21.20 -3.12 -17.16
CA VAL F 97 19.90 -3.74 -16.88
C VAL F 97 18.81 -2.87 -17.51
N LEU F 98 17.96 -3.50 -18.31
CA LEU F 98 16.85 -2.81 -18.97
C LEU F 98 15.51 -3.16 -18.33
N ALA F 99 14.58 -2.22 -18.41
CA ALA F 99 13.24 -2.39 -17.88
C ALA F 99 12.29 -2.76 -19.02
N GLY F 100 11.63 -3.90 -18.91
CA GLY F 100 10.46 -4.17 -19.73
C GLY F 100 9.39 -3.14 -19.35
N VAL F 101 8.94 -2.36 -20.32
CA VAL F 101 7.94 -1.33 -20.13
C VAL F 101 6.71 -1.70 -20.93
N ASN F 102 5.55 -1.70 -20.27
CA ASN F 102 4.26 -1.91 -20.94
C ASN F 102 3.81 -0.61 -21.61
N GLY F 103 4.06 -0.50 -22.91
CA GLY F 103 3.84 0.74 -23.67
C GLY F 103 2.38 1.11 -23.90
N THR F 104 1.47 0.13 -23.89
CA THR F 104 0.05 0.41 -24.06
C THR F 104 -0.69 0.78 -22.74
N ASP F 105 0.01 0.75 -21.61
CA ASP F 105 -0.59 1.05 -20.31
C ASP F 105 -1.37 2.39 -20.31
N PRO F 106 -2.71 2.33 -20.14
CA PRO F 106 -3.57 3.50 -20.26
C PRO F 106 -3.40 4.49 -19.13
N PHE F 107 -2.80 4.03 -18.04
CA PHE F 107 -2.68 4.79 -16.81
C PHE F 107 -1.26 5.26 -16.54
N VAL F 109 2.17 7.67 -17.92
CA VAL F 109 2.59 8.81 -18.73
C VAL F 109 4.01 8.46 -19.12
N SER F 111 6.47 9.76 -20.76
CA SER F 111 7.54 10.74 -20.56
C SER F 111 8.01 10.68 -19.10
N THR F 112 7.10 10.94 -18.17
CA THR F 112 7.42 10.93 -16.75
C THR F 112 7.91 9.53 -16.30
N PHE F 113 7.35 8.47 -16.86
CA PHE F 113 7.70 7.11 -16.43
C PHE F 113 9.08 6.70 -16.93
N LEU F 114 9.38 6.98 -18.20
CA LEU F 114 10.69 6.62 -18.77
C LEU F 114 11.82 7.40 -18.10
N ARG F 115 11.48 8.63 -17.68
CA ARG F 115 12.36 9.51 -16.93
C ARG F 115 12.61 8.93 -15.54
N GLU F 116 11.57 8.40 -14.93
CA GLU F 116 11.69 7.70 -13.65
C GLU F 116 12.59 6.45 -13.74
N LEU F 117 12.42 5.66 -14.79
CA LEU F 117 13.21 4.43 -14.91
C LEU F 117 14.70 4.72 -15.04
N LYS F 118 15.01 5.80 -15.75
CA LYS F 118 16.37 6.25 -15.95
C LYS F 118 16.98 6.76 -14.64
N GLU F 119 16.21 7.56 -13.88
CA GLU F 119 16.62 8.01 -12.54
C GLU F 119 16.92 6.82 -11.62
N ILE F 120 16.03 5.83 -11.65
CA ILE F 120 16.17 4.61 -10.87
C ILE F 120 17.47 3.85 -11.12
N GLY F 121 17.99 3.93 -12.35
CA GLY F 121 19.24 3.26 -12.71
C GLY F 121 19.18 2.30 -13.89
N PHE F 122 18.02 2.14 -14.51
CA PHE F 122 17.94 1.30 -15.72
C PHE F 122 18.76 1.92 -16.86
N ALA F 123 19.47 1.07 -17.60
CA ALA F 123 20.28 1.50 -18.74
C ALA F 123 19.41 1.68 -19.99
N GLY F 124 18.24 1.07 -19.99
CA GLY F 124 17.39 1.10 -21.15
C GLY F 124 16.04 0.46 -20.93
N VAL F 125 15.28 0.35 -22.01
CA VAL F 125 13.94 -0.22 -21.98
C VAL F 125 13.70 -1.17 -23.16
N GLN F 126 12.73 -2.06 -22.97
CA GLN F 126 12.23 -2.92 -24.00
C GLN F 126 10.70 -2.86 -23.92
N ASN F 127 10.03 -3.02 -25.06
CA ASN F 127 8.57 -3.12 -25.08
C ASN F 127 8.10 -4.51 -24.63
N PHE F 128 7.94 -4.68 -23.32
CA PHE F 128 7.32 -5.89 -22.81
C PHE F 128 6.56 -5.62 -21.51
N PRO F 129 5.32 -6.13 -21.37
CA PRO F 129 4.55 -6.97 -22.30
C PRO F 129 4.25 -6.27 -23.60
N THR F 130 4.16 -7.04 -24.67
CA THR F 130 3.92 -6.51 -26.01
C THR F 130 2.64 -7.10 -26.61
N VAL F 131 1.81 -6.22 -27.16
CA VAL F 131 0.64 -6.66 -27.90
C VAL F 131 1.03 -7.45 -29.16
N GLY F 132 2.31 -7.37 -29.57
CA GLY F 132 2.85 -8.12 -30.72
C GLY F 132 2.77 -9.64 -30.64
N LEU F 133 2.69 -10.18 -29.43
CA LEU F 133 2.41 -11.60 -29.21
C LEU F 133 0.92 -11.97 -29.40
N ILE F 134 0.05 -10.99 -29.40
CA ILE F 134 -1.39 -11.22 -29.47
C ILE F 134 -1.81 -11.25 -30.93
N ASP F 135 -2.68 -12.17 -31.29
CA ASP F 135 -3.15 -12.26 -32.67
C ASP F 135 -4.68 -12.31 -32.75
N GLY F 136 -5.21 -12.40 -33.96
CA GLY F 136 -6.62 -12.62 -34.18
C GLY F 136 -7.45 -11.36 -34.09
N LEU F 137 -8.75 -11.56 -33.93
CA LEU F 137 -9.71 -10.47 -33.82
C LEU F 137 -9.44 -9.69 -32.55
N PHE F 138 -8.98 -10.40 -31.53
CA PHE F 138 -8.66 -9.80 -30.25
C PHE F 138 -7.55 -8.77 -30.43
N ARG F 139 -6.52 -9.13 -31.18
CA ARG F 139 -5.46 -8.19 -31.49
C ARG F 139 -6.00 -6.99 -32.26
N GLN F 140 -6.92 -7.25 -33.19
CA GLN F 140 -7.50 -6.18 -34.00
C GLN F 140 -8.33 -5.26 -33.11
N ASN F 141 -9.09 -5.84 -32.20
CA ASN F 141 -9.86 -5.04 -31.24
C ASN F 141 -8.95 -4.16 -30.37
N LEU F 142 -7.83 -4.71 -29.92
CA LEU F 142 -6.87 -3.93 -29.12
C LEU F 142 -6.29 -2.79 -29.94
N GLU F 143 -5.86 -3.10 -31.16
CA GLU F 143 -5.29 -2.11 -32.06
C GLU F 143 -6.28 -0.98 -32.35
N GLU F 144 -7.56 -1.33 -32.45
CA GLU F 144 -8.62 -0.36 -32.74
C GLU F 144 -9.13 0.43 -31.54
N THR F 145 -8.89 -0.04 -30.32
CA THR F 145 -9.44 0.58 -29.11
C THR F 145 -8.36 1.13 -28.21
N GLY F 146 -7.25 1.54 -28.81
CA GLY F 146 -6.24 2.30 -28.10
C GLY F 146 -5.11 1.53 -27.46
N SER F 148 -2.34 -0.41 -29.12
CA SER F 148 -1.68 -0.79 -30.36
C SER F 148 -0.18 -0.87 -30.18
N TYR F 149 0.43 -1.70 -31.01
CA TYR F 149 1.89 -1.79 -31.09
C TYR F 149 2.49 -0.43 -31.48
N ALA F 150 1.75 0.35 -32.26
CA ALA F 150 2.15 1.73 -32.59
C ALA F 150 2.47 2.54 -31.34
N GLN F 151 1.72 2.32 -30.26
CA GLN F 151 1.97 2.99 -28.99
C GLN F 151 3.27 2.52 -28.31
N GLU F 152 3.64 1.26 -28.57
CA GLU F 152 4.90 0.70 -28.09
C GLU F 152 6.06 1.23 -28.91
N VAL F 153 5.82 1.48 -30.20
CA VAL F 153 6.78 2.18 -31.05
C VAL F 153 7.01 3.61 -30.51
N GLU F 154 5.93 4.33 -30.18
CA GLU F 154 6.07 5.70 -29.68
C GLU F 154 6.83 5.74 -28.35
N ILE F 156 9.22 3.62 -27.37
CA ILE F 156 10.63 3.44 -27.71
C ILE F 156 11.25 4.72 -28.29
N ALA F 157 10.48 5.47 -29.08
CA ALA F 157 10.92 6.76 -29.61
C ALA F 157 11.25 7.74 -28.49
N GLU F 158 10.36 7.83 -27.50
CA GLU F 158 10.56 8.73 -26.37
C GLU F 158 11.73 8.27 -25.55
N ALA F 159 11.85 6.96 -25.36
CA ALA F 159 13.00 6.37 -24.67
C ALA F 159 14.29 6.80 -25.36
N HIS F 160 14.30 6.70 -26.68
CA HIS F 160 15.48 7.11 -27.46
C HIS F 160 15.79 8.60 -27.26
N LYS F 161 14.78 9.45 -27.34
CA LYS F 161 14.97 10.89 -27.10
C LYS F 161 15.50 11.17 -25.69
N LEU F 162 15.21 10.29 -24.74
CA LEU F 162 15.79 10.39 -23.38
C LEU F 162 17.15 9.69 -23.24
N ASP F 163 17.75 9.28 -24.36
CA ASP F 163 19.07 8.65 -24.39
C ASP F 163 19.12 7.34 -23.57
N LEU F 164 17.99 6.62 -23.58
CA LEU F 164 17.96 5.27 -23.00
C LEU F 164 18.30 4.31 -24.11
N LEU F 165 19.01 3.24 -23.77
CA LEU F 165 19.21 2.15 -24.70
C LEU F 165 17.85 1.52 -24.97
N THR F 166 17.57 1.21 -26.23
CA THR F 166 16.31 0.60 -26.61
C THR F 166 16.55 -0.69 -27.38
N THR F 167 15.98 -1.78 -26.88
CA THR F 167 16.10 -3.12 -27.49
C THR F 167 14.71 -3.78 -27.69
N PRO F 168 13.85 -3.16 -28.52
CA PRO F 168 12.48 -3.64 -28.65
C PRO F 168 12.29 -4.95 -29.39
N TYR F 169 11.22 -5.67 -29.06
CA TYR F 169 10.78 -6.81 -29.84
C TYR F 169 10.08 -6.34 -31.11
N VAL F 170 10.44 -6.96 -32.24
CA VAL F 170 9.78 -6.73 -33.53
C VAL F 170 9.29 -8.06 -34.07
N PHE F 171 8.15 -8.03 -34.77
CA PHE F 171 7.49 -9.26 -35.21
C PHE F 171 7.37 -9.40 -36.71
N SER F 172 7.65 -8.33 -37.44
CA SER F 172 7.49 -8.27 -38.88
C SER F 172 8.45 -7.24 -39.46
N PRO F 173 8.67 -7.26 -40.79
CA PRO F 173 9.44 -6.18 -41.40
C PRO F 173 8.87 -4.79 -41.13
N GLU F 174 7.54 -4.65 -41.12
CA GLU F 174 6.91 -3.36 -40.82
C GLU F 174 7.33 -2.87 -39.44
N ASP F 175 7.28 -3.78 -38.46
CA ASP F 175 7.69 -3.49 -37.10
C ASP F 175 9.15 -3.05 -37.07
N ALA F 176 9.99 -3.82 -37.74
CA ALA F 176 11.44 -3.58 -37.82
C ALA F 176 11.73 -2.19 -38.36
N VAL F 177 11.01 -1.79 -39.40
CA VAL F 177 11.13 -0.45 -39.97
C VAL F 177 10.69 0.62 -38.96
N ALA F 178 9.44 0.48 -38.47
CA ALA F 178 8.85 1.44 -37.52
C ALA F 178 9.77 1.68 -36.34
N ALA F 180 13.13 0.88 -36.20
CA ALA F 180 14.37 1.47 -36.71
C ALA F 180 14.25 2.99 -36.77
N LYS F 181 13.11 3.48 -37.24
CA LYS F 181 12.84 4.90 -37.32
C LYS F 181 12.69 5.55 -35.94
N ALA F 182 12.09 4.83 -34.98
CA ALA F 182 11.99 5.33 -33.59
C ALA F 182 13.36 5.60 -32.96
N GLY F 183 14.41 4.99 -33.52
CA GLY F 183 15.77 5.12 -33.01
C GLY F 183 16.23 3.91 -32.21
N ALA F 184 15.60 2.75 -32.44
CA ALA F 184 15.98 1.52 -31.74
C ALA F 184 17.44 1.17 -31.98
N ASP F 185 18.16 0.89 -30.90
CA ASP F 185 19.56 0.47 -30.99
C ASP F 185 19.67 -1.00 -31.35
N ILE F 186 18.85 -1.83 -30.72
CA ILE F 186 18.83 -3.28 -30.99
C ILE F 186 17.41 -3.71 -31.33
N LEU F 187 17.26 -4.48 -32.39
CA LEU F 187 15.97 -5.08 -32.72
C LEU F 187 16.02 -6.55 -32.34
N VAL F 188 15.17 -6.99 -31.41
CA VAL F 188 15.01 -8.42 -31.17
C VAL F 188 13.88 -8.96 -32.03
N CYS F 189 14.21 -9.84 -32.97
CA CYS F 189 13.22 -10.50 -33.80
C CYS F 189 12.56 -11.61 -33.02
N HIS F 190 11.33 -11.35 -32.58
CA HIS F 190 10.57 -12.31 -31.81
C HIS F 190 9.81 -13.20 -32.81
N GLY F 192 7.78 -15.45 -31.96
CA GLY F 192 6.44 -15.59 -31.44
C GLY F 192 6.26 -16.76 -30.48
N LEU F 193 5.14 -17.45 -30.66
CA LEU F 193 4.57 -18.32 -29.64
C LEU F 193 5.11 -19.78 -29.71
N THR F 194 5.85 -20.18 -28.66
CA THR F 194 6.54 -21.49 -28.58
C THR F 194 5.59 -22.67 -28.30
N GLY F 204 3.44 -23.52 -34.17
CA GLY F 204 4.61 -22.64 -34.09
C GLY F 204 5.32 -22.48 -35.43
N LYS F 205 6.28 -21.56 -35.49
CA LYS F 205 7.11 -21.36 -36.70
C LYS F 205 8.14 -22.45 -36.80
N SER F 206 8.38 -22.92 -38.01
CA SER F 206 9.48 -23.84 -38.27
C SER F 206 10.77 -23.03 -38.22
N ASP F 208 13.07 -22.91 -40.34
CA ASP F 208 13.19 -22.29 -41.67
C ASP F 208 12.36 -21.02 -41.82
N ASP F 209 11.13 -21.03 -41.31
CA ASP F 209 10.27 -19.83 -41.36
C ASP F 209 10.95 -18.70 -40.61
N CYS F 210 11.61 -19.04 -39.52
CA CYS F 210 12.33 -18.05 -38.73
C CYS F 210 13.50 -17.43 -39.51
N VAL F 211 14.29 -18.27 -40.18
CA VAL F 211 15.43 -17.78 -40.96
C VAL F 211 14.96 -16.73 -41.98
N SER F 212 13.85 -17.04 -42.65
CA SER F 212 13.29 -16.17 -43.69
C SER F 212 12.70 -14.85 -43.18
N LEU F 213 12.02 -14.89 -42.04
CA LEU F 213 11.44 -13.67 -41.48
C LEU F 213 12.54 -12.79 -40.88
N ILE F 214 13.49 -13.40 -40.18
CA ILE F 214 14.61 -12.66 -39.60
C ILE F 214 15.40 -11.93 -40.70
N ASN F 215 15.71 -12.65 -41.77
CA ASN F 215 16.33 -12.03 -42.91
C ASN F 215 15.49 -10.88 -43.49
N GLU F 216 14.18 -11.06 -43.57
CA GLU F 216 13.29 -9.99 -44.06
C GLU F 216 13.34 -8.75 -43.17
N CYS F 217 13.40 -8.95 -41.86
CA CYS F 217 13.51 -7.86 -40.91
C CYS F 217 14.88 -7.16 -40.99
N ILE F 218 15.93 -7.94 -41.23
CA ILE F 218 17.27 -7.37 -41.40
C ILE F 218 17.32 -6.47 -42.64
N GLU F 219 16.80 -6.99 -43.76
CA GLU F 219 16.70 -6.20 -45.00
C GLU F 219 15.84 -4.96 -44.79
N ALA F 220 14.78 -5.09 -43.99
CA ALA F 220 13.90 -3.95 -43.68
C ALA F 220 14.61 -2.93 -42.80
N ALA F 221 15.18 -3.40 -41.70
CA ALA F 221 15.98 -2.56 -40.82
C ALA F 221 17.07 -1.83 -41.60
N ARG F 222 17.79 -2.56 -42.45
CA ARG F 222 18.92 -1.97 -43.18
C ARG F 222 18.52 -0.87 -44.18
N THR F 223 17.27 -0.88 -44.65
CA THR F 223 16.75 0.23 -45.47
C THR F 223 16.65 1.56 -44.69
N ILE F 224 16.64 1.49 -43.35
CA ILE F 224 16.57 2.68 -42.52
C ILE F 224 17.96 3.07 -42.04
N ARG F 225 18.72 2.10 -41.52
CA ARG F 225 20.15 2.31 -41.24
C ARG F 225 20.94 1.01 -41.11
N ASP F 226 22.21 1.09 -41.50
CA ASP F 226 23.04 -0.09 -41.71
C ASP F 226 23.75 -0.55 -40.43
N ASP F 227 23.60 0.18 -39.34
CA ASP F 227 24.36 -0.08 -38.12
C ASP F 227 23.54 -0.68 -36.97
N ILE F 228 22.25 -0.96 -37.20
CA ILE F 228 21.38 -1.53 -36.14
C ILE F 228 21.77 -2.98 -35.83
N ILE F 229 21.80 -3.27 -34.54
CA ILE F 229 22.12 -4.60 -34.04
C ILE F 229 20.83 -5.43 -34.07
N ILE F 230 20.94 -6.69 -34.50
CA ILE F 230 19.77 -7.56 -34.66
C ILE F 230 19.98 -8.84 -33.85
N LEU F 231 19.07 -9.12 -32.92
CA LEU F 231 19.11 -10.35 -32.13
C LEU F 231 17.91 -11.21 -32.49
N SER F 232 18.01 -12.51 -32.22
CA SER F 232 16.90 -13.42 -32.43
C SER F 232 16.32 -13.82 -31.08
N HIS F 233 15.11 -14.38 -31.09
CA HIS F 233 14.46 -14.92 -29.89
C HIS F 233 13.19 -15.66 -30.26
N GLY F 234 12.86 -16.69 -29.49
CA GLY F 234 11.50 -17.24 -29.50
C GLY F 234 11.26 -18.34 -30.52
N GLY F 235 10.00 -18.78 -30.60
CA GLY F 235 9.66 -19.90 -31.47
C GLY F 235 10.48 -21.13 -31.13
N PRO F 236 11.06 -21.80 -32.14
CA PRO F 236 11.82 -23.02 -31.87
C PRO F 236 13.25 -22.78 -31.44
N ILE F 237 13.62 -21.51 -31.24
CA ILE F 237 15.01 -21.18 -30.87
C ILE F 237 15.14 -21.38 -29.36
N ALA F 238 15.39 -22.62 -28.97
CA ALA F 238 15.35 -23.05 -27.56
C ALA F 238 16.73 -23.15 -26.90
N ASN F 239 17.78 -23.27 -27.71
CA ASN F 239 19.08 -23.65 -27.18
C ASN F 239 20.23 -22.99 -27.94
N PRO F 240 21.44 -23.02 -27.35
CA PRO F 240 22.62 -22.47 -28.02
C PRO F 240 22.84 -22.91 -29.48
N GLU F 241 22.61 -24.19 -29.80
CA GLU F 241 22.83 -24.65 -31.18
C GLU F 241 21.76 -24.11 -32.13
N ASP F 242 20.55 -23.91 -31.62
CA ASP F 242 19.50 -23.24 -32.41
C ASP F 242 19.91 -21.81 -32.70
N ALA F 243 20.39 -21.10 -31.67
CA ALA F 243 20.84 -19.72 -31.83
C ALA F 243 21.99 -19.68 -32.84
N ARG F 244 22.95 -20.59 -32.68
CA ARG F 244 24.05 -20.74 -33.65
C ARG F 244 23.50 -20.91 -35.06
N PHE F 245 22.53 -21.79 -35.23
CA PHE F 245 21.94 -22.04 -36.56
C PHE F 245 21.43 -20.74 -37.21
N ILE F 246 20.76 -19.89 -36.42
CA ILE F 246 20.25 -18.61 -36.95
C ILE F 246 21.39 -17.67 -37.36
N LEU F 247 22.47 -17.64 -36.57
CA LEU F 247 23.64 -16.84 -36.93
C LEU F 247 24.25 -17.27 -38.27
N ASP F 248 24.28 -18.59 -38.48
CA ASP F 248 24.81 -19.18 -39.71
C ASP F 248 23.92 -18.87 -40.90
N SER F 249 22.61 -18.81 -40.67
CA SER F 249 21.62 -18.64 -41.73
C SER F 249 21.28 -17.18 -42.04
N CYS F 250 21.46 -16.29 -41.06
CA CYS F 250 21.10 -14.88 -41.21
C CYS F 250 22.32 -14.03 -40.90
N GLN F 251 23.02 -13.62 -41.96
CA GLN F 251 24.34 -12.94 -41.82
C GLN F 251 24.25 -11.64 -41.00
N GLY F 252 23.15 -10.90 -41.18
CA GLY F 252 22.95 -9.64 -40.46
C GLY F 252 22.53 -9.79 -39.02
N CYS F 253 22.33 -11.04 -38.57
CA CYS F 253 21.93 -11.32 -37.19
C CYS F 253 23.14 -11.50 -36.31
N HIS F 254 23.19 -10.77 -35.20
CA HIS F 254 24.40 -10.68 -34.38
C HIS F 254 24.31 -11.36 -33.01
N GLY F 255 23.18 -11.96 -32.69
CA GLY F 255 23.02 -12.58 -31.40
C GLY F 255 21.66 -13.16 -31.07
N PHE F 256 21.35 -13.20 -29.78
CA PHE F 256 20.19 -13.92 -29.28
C PHE F 256 19.79 -13.33 -27.94
N TYR F 257 18.49 -13.26 -27.69
CA TYR F 257 17.98 -12.95 -26.37
C TYR F 257 17.17 -14.14 -25.86
N GLY F 258 17.48 -14.60 -24.65
CA GLY F 258 16.72 -15.68 -24.02
C GLY F 258 16.28 -15.35 -22.61
N ALA F 259 15.08 -15.74 -22.23
CA ALA F 259 14.65 -15.59 -20.84
C ALA F 259 14.39 -16.97 -20.26
N SER F 260 13.36 -17.63 -20.76
CA SER F 260 13.04 -18.97 -20.31
C SER F 260 14.25 -19.92 -20.47
N SER F 261 14.94 -19.80 -21.60
CA SER F 261 16.12 -20.64 -21.88
C SER F 261 17.30 -20.40 -20.93
N GLU F 263 17.17 -18.82 -17.50
CA GLU F 263 16.93 -18.94 -16.05
C GLU F 263 15.98 -20.07 -15.67
N ARG F 264 14.91 -20.26 -16.45
CA ARG F 264 13.88 -21.20 -16.04
C ARG F 264 14.33 -22.66 -16.09
N LEU F 265 14.60 -23.19 -17.28
CA LEU F 265 14.88 -24.62 -17.40
C LEU F 265 16.16 -25.06 -16.64
N PRO F 266 17.24 -24.27 -16.72
CA PRO F 266 18.41 -24.61 -15.90
C PRO F 266 18.13 -24.63 -14.39
N ALA F 267 17.51 -23.60 -13.84
CA ALA F 267 17.16 -23.58 -12.41
C ALA F 267 16.31 -24.80 -12.05
N GLU F 268 15.27 -25.03 -12.84
CA GLU F 268 14.28 -26.09 -12.65
C GLU F 268 14.94 -27.45 -12.50
N GLU F 269 15.81 -27.75 -13.45
CA GLU F 269 16.44 -29.06 -13.55
C GLU F 269 17.48 -29.25 -12.44
N ALA F 270 18.18 -28.18 -12.08
CA ALA F 270 19.20 -28.25 -11.03
C ALA F 270 18.56 -28.46 -9.65
N ILE F 271 17.49 -27.74 -9.33
CA ILE F 271 16.86 -27.87 -8.00
C ILE F 271 16.28 -29.27 -7.81
N ARG F 272 15.61 -29.76 -8.85
CA ARG F 272 15.06 -31.12 -8.87
C ARG F 272 16.15 -32.18 -8.62
N SER F 273 17.20 -32.15 -9.42
CA SER F 273 18.33 -33.07 -9.27
C SER F 273 18.97 -33.00 -7.89
N GLN F 274 19.10 -31.78 -7.36
CA GLN F 274 19.69 -31.59 -6.04
C GLN F 274 18.82 -32.19 -4.97
N THR F 275 17.51 -31.95 -5.10
CA THR F 275 16.53 -32.49 -4.18
C THR F 275 16.61 -34.01 -4.17
N LEU F 276 16.69 -34.62 -5.36
CA LEU F 276 16.78 -36.06 -5.47
C LEU F 276 18.03 -36.64 -4.84
N ALA F 277 19.16 -35.94 -5.03
CA ALA F 277 20.44 -36.34 -4.41
C ALA F 277 20.34 -36.33 -2.89
N PHE F 278 19.64 -35.35 -2.34
CA PHE F 278 19.41 -35.35 -0.89
C PHE F 278 18.48 -36.50 -0.47
N LYS F 279 17.43 -36.72 -1.25
CA LYS F 279 16.46 -37.79 -0.95
C LYS F 279 17.04 -39.18 -1.11
N ALA F 280 18.12 -39.31 -1.88
CA ALA F 280 18.71 -40.61 -2.20
C ALA F 280 19.77 -41.05 -1.19
N ILE F 281 20.14 -40.19 -0.24
CA ILE F 281 21.13 -40.60 0.77
C ILE F 281 20.52 -41.66 1.69
N ARG F 282 21.35 -42.62 2.08
CA ARG F 282 20.98 -43.69 3.02
C ARG F 282 22.07 -43.80 4.08
N ARG F 283 21.68 -44.16 5.30
CA ARG F 283 22.64 -44.56 6.34
C ARG F 283 23.35 -45.86 5.93
N GLN F 284 24.63 -45.98 6.30
CA GLN F 284 25.51 -47.00 5.74
C GLN F 284 25.27 -48.42 6.28
#